data_5ME3
#
_entry.id   5ME3
#
_cell.length_a   98.049
_cell.length_b   106.440
_cell.length_c   143.183
_cell.angle_alpha   90.00
_cell.angle_beta   104.52
_cell.angle_gamma   90.00
#
_symmetry.space_group_name_H-M   'P 1 21 1'
#
loop_
_entity.id
_entity.type
_entity.pdbx_description
1 polymer 'Sister chromatid cohesion protein 2'
2 polymer 'unassigned sequence of Scc2'
3 polymer 'Scc2 unassigned sequence'
4 polymer 'Scc2 unassigned sequence'
#
loop_
_entity_poly.entity_id
_entity_poly.type
_entity_poly.pdbx_seq_one_letter_code
_entity_poly.pdbx_strand_id
1 'polypeptide(L)'
;MHIGNVKTIGMKSIEVLFEKLPEQRLFIIDELLSHLDNLPNTRSQKRMKNIGKNLHITHFSYIMLSILQVWNNYDYCSNL
VSPDTEQLHDLIAHHAATQSDLEFAADHIIDTILKKCFSNISKYRFVFDQFVTDMTTVVTLPDWPVSDLILARLLKKLLS
IFNPQSQKHINIESVALQGIGLIGSTILDIRLSSNSNPTANLIHLFNYPEDIDGLFKAYRTCLAYCTNSVQHHTPYKFLW
CKQLDVLTKLKEMDKESQGWGSKLQQKFLSLIESIHLPLEQAANLGAVEILPTYCSTLLTSELINMYEPYLKLVLSLLER
HKVKLRSGAIRCLALLISKDKNMLYTPIVKETIENRLTDSSPLVKDAILELIELGSSYIDFYQHININYNDDSMLVRKHV
LRMNQIIYDDTEDIIIKAYVASRILRRIEDEEDVIIETARSELLKRWILSIQCPNAKPELQIKNCRVSIRVIAQLLVGGD
KICDLFEHFLIFYVLNKNAHTEDQNKLISSSLCLLTDQVIEMVIENEAADVDNQREEEGRNIMKFLSVLSSCQDSFITKD
HITALYPYLHSDTKSDFQLHILKVYRNTFEQLSHFKPKFLYDLETTILSRLPRMNVRELDEAIPLSWSLSRHRKDDTRIC
KACASCLGQLSPYIANATTDPSAVRPDGKLQRLLYLATGFARFCSFENTEGKFPNLKTRENIFEYVTKCLLMFTKENIHH
VIRRIATKNLVKIASRYPKLFNSRHVLTVLDTQFEKGILDIQLVVLESLYDFFLAEERRSLIQVGVDGTISSNNELRKVV
ANHTKSDSINDGICSALVSRYLDKILKICLIADLNNAMVAIRFLKQILTYGYTNPSLCVPTVIALTASPNSYMRDLSSEM
FSELLQGYESMAFNCLNQGIRLGTEYAVKIRPKQFHEDSMFLRRLQQLMSTNKRNRSKFLKVVKKTVFSNYLSTSVNYEE
SCYHIIYLLHNLSKISYDNMLELYEMLRSVISVSEYFSDRISERLDGFQSNQNTAAEVSAIIVTRLSIEEFKRFMFEQHH
LSEAKLTLLDATDDENLRNKSVAALDDQVGSLHMENIFLGYENPINNKDYCWKYISTLHRDEIKSSIPENLYFQSWSHPQ
FEKGGGSGGGSGGGSWSHPQFEK
;
A,B
2 'polypeptide(L)'
;(UNK)(UNK)(UNK)(UNK)(UNK)(UNK)(UNK)(UNK)(UNK)(UNK)(UNK)(UNK)(UNK)(UNK)(UNK)(UNK)
(UNK)
;
X
3 'polypeptide(L)'
;(UNK)(UNK)(UNK)(UNK)(UNK)(UNK)(UNK)(UNK)(UNK)(UNK)(UNK)(UNK)(UNK)(UNK)(UNK)(UNK)
(UNK)(UNK)(UNK)(UNK)(UNK)(UNK)(UNK)(UNK)(UNK)(UNK)(UNK)
;
Y
4 'polypeptide(L)' (UNK)(UNK)(UNK)(UNK)(UNK)(UNK)(UNK)(UNK)(UNK)(UNK)(UNK) Z,W
#
# COMPACT_ATOMS: atom_id res chain seq x y z
N ARG A 47 -34.29 35.82 10.55
CA ARG A 47 -35.44 34.94 10.72
C ARG A 47 -35.01 33.48 10.90
N MET A 48 -35.03 33.01 12.15
CA MET A 48 -34.73 31.61 12.47
C MET A 48 -35.71 31.15 13.53
N LYS A 49 -35.88 29.83 13.63
CA LYS A 49 -36.99 29.24 14.37
C LYS A 49 -36.51 28.68 15.72
N ASN A 50 -37.27 28.97 16.78
CA ASN A 50 -36.95 28.47 18.11
C ASN A 50 -37.10 26.95 18.17
N ILE A 51 -36.18 26.31 18.90
CA ILE A 51 -36.34 24.95 19.37
C ILE A 51 -35.97 24.95 20.86
N GLY A 52 -36.16 23.79 21.50
CA GLY A 52 -36.01 23.64 22.94
C GLY A 52 -34.99 24.48 23.68
N LYS A 53 -33.73 24.04 23.68
CA LYS A 53 -32.64 24.69 24.42
C LYS A 53 -32.01 25.79 23.59
N ASN A 54 -32.63 26.97 23.64
CA ASN A 54 -32.11 28.19 23.01
C ASN A 54 -31.36 27.89 21.72
N LEU A 55 -32.00 27.15 20.81
CA LEU A 55 -31.35 26.75 19.58
C LEU A 55 -32.25 27.16 18.43
N HIS A 56 -31.63 27.73 17.40
CA HIS A 56 -32.34 28.25 16.25
C HIS A 56 -31.86 27.51 15.01
N ILE A 57 -32.73 27.47 14.01
CA ILE A 57 -32.37 26.96 12.69
C ILE A 57 -33.14 27.79 11.69
N THR A 58 -32.56 27.98 10.51
CA THR A 58 -33.26 28.64 9.43
C THR A 58 -34.59 27.96 9.19
N HIS A 59 -35.62 28.78 8.91
CA HIS A 59 -36.96 28.23 8.70
C HIS A 59 -36.94 27.17 7.60
N PHE A 60 -36.10 27.39 6.57
CA PHE A 60 -35.94 26.45 5.47
C PHE A 60 -35.63 25.04 5.97
N SER A 61 -34.61 24.90 6.81
CA SER A 61 -34.24 23.58 7.31
C SER A 61 -35.29 23.06 8.29
N TYR A 62 -35.84 23.95 9.13
CA TYR A 62 -36.90 23.57 10.05
C TYR A 62 -38.06 22.89 9.34
N ILE A 63 -38.63 23.54 8.32
CA ILE A 63 -39.76 22.96 7.60
C ILE A 63 -39.32 21.71 6.86
N MET A 64 -38.20 21.79 6.13
CA MET A 64 -37.79 20.67 5.28
C MET A 64 -37.61 19.38 6.07
N LEU A 65 -37.00 19.45 7.24
CA LEU A 65 -36.88 18.25 8.08
C LEU A 65 -38.25 17.75 8.52
N SER A 66 -39.15 18.65 8.90
CA SER A 66 -40.52 18.27 9.23
C SER A 66 -41.18 17.54 8.07
N ILE A 67 -41.00 18.06 6.84
CA ILE A 67 -41.66 17.46 5.68
C ILE A 67 -41.13 16.05 5.42
N LEU A 68 -39.81 15.87 5.42
CA LEU A 68 -39.26 14.55 5.12
C LEU A 68 -39.57 13.51 6.19
N GLN A 69 -39.90 13.93 7.41
CA GLN A 69 -40.19 12.98 8.47
C GLN A 69 -41.58 12.37 8.35
N VAL A 70 -42.42 12.83 7.42
CA VAL A 70 -43.66 12.13 7.15
C VAL A 70 -43.45 10.90 6.27
N TRP A 71 -42.31 10.79 5.61
CA TRP A 71 -41.99 9.62 4.78
C TRP A 71 -41.66 8.46 5.72
N ASN A 72 -42.70 7.88 6.32
CA ASN A 72 -42.56 6.76 7.26
C ASN A 72 -43.70 5.76 7.06
N ASN A 73 -43.56 4.58 7.67
CA ASN A 73 -44.53 3.49 7.50
C ASN A 73 -45.05 2.88 8.80
N TYR A 74 -45.09 3.63 9.92
CA TYR A 74 -45.59 3.07 11.18
C TYR A 74 -47.12 3.07 11.21
N ASP A 75 -47.78 3.85 10.35
CA ASP A 75 -49.23 3.76 10.23
C ASP A 75 -49.61 2.43 9.59
N TYR A 76 -48.94 2.07 8.50
CA TYR A 76 -49.02 0.73 7.95
C TYR A 76 -48.79 -0.30 9.05
N CYS A 77 -47.71 -0.13 9.81
CA CYS A 77 -47.31 -1.11 10.82
C CYS A 77 -48.30 -1.18 11.98
N SER A 78 -48.94 -0.07 12.34
CA SER A 78 -49.81 -0.06 13.51
C SER A 78 -51.11 -0.82 13.25
N ASN A 79 -51.76 -0.53 12.12
CA ASN A 79 -53.00 -1.24 11.79
C ASN A 79 -52.77 -2.71 11.48
N LEU A 80 -51.52 -3.08 11.21
CA LEU A 80 -51.18 -4.47 10.97
C LEU A 80 -51.24 -5.24 12.28
N VAL A 81 -52.12 -6.25 12.34
CA VAL A 81 -52.39 -6.99 13.57
C VAL A 81 -51.97 -8.46 13.44
N SER A 82 -52.58 -9.18 12.52
CA SER A 82 -52.23 -10.58 12.33
C SER A 82 -50.80 -10.66 11.78
N PRO A 83 -50.07 -11.76 12.08
CA PRO A 83 -48.65 -11.89 11.66
C PRO A 83 -48.51 -12.65 10.35
N ASP A 84 -49.14 -12.12 9.33
CA ASP A 84 -49.24 -12.69 7.99
C ASP A 84 -47.87 -12.73 7.38
N THR A 85 -47.23 -13.89 7.44
CA THR A 85 -45.90 -14.07 6.89
C THR A 85 -45.82 -13.50 5.47
N GLU A 86 -46.96 -13.49 4.76
CA GLU A 86 -47.01 -12.95 3.41
C GLU A 86 -47.13 -11.43 3.40
N GLN A 87 -47.76 -10.81 4.41
CA GLN A 87 -47.85 -9.35 4.48
C GLN A 87 -46.63 -8.70 5.13
N LEU A 88 -45.64 -9.47 5.58
CA LEU A 88 -44.42 -8.87 6.10
C LEU A 88 -43.40 -8.59 5.00
N HIS A 89 -43.07 -9.59 4.18
CA HIS A 89 -42.25 -9.32 3.00
C HIS A 89 -42.94 -8.35 2.04
N ASP A 90 -44.25 -8.11 2.20
CA ASP A 90 -44.90 -6.99 1.55
C ASP A 90 -44.46 -5.67 2.17
N LEU A 91 -44.45 -5.62 3.51
CA LEU A 91 -44.10 -4.39 4.23
C LEU A 91 -42.69 -3.90 3.89
N ILE A 92 -41.76 -4.82 3.64
CA ILE A 92 -40.38 -4.43 3.35
C ILE A 92 -40.30 -3.68 2.03
N ALA A 93 -41.09 -4.09 1.03
CA ALA A 93 -41.07 -3.41 -0.25
C ALA A 93 -41.61 -1.99 -0.16
N HIS A 94 -42.49 -1.72 0.80
CA HIS A 94 -43.02 -0.36 0.97
C HIS A 94 -42.07 0.52 1.79
N HIS A 95 -41.40 -0.05 2.78
CA HIS A 95 -40.38 0.71 3.50
C HIS A 95 -39.16 0.97 2.63
N ALA A 96 -38.69 -0.07 1.91
CA ALA A 96 -37.63 0.13 0.94
C ALA A 96 -37.99 1.21 -0.07
N ALA A 97 -39.26 1.25 -0.48
CA ALA A 97 -39.72 2.32 -1.36
C ALA A 97 -39.66 3.66 -0.66
N THR A 98 -40.11 3.72 0.60
CA THR A 98 -40.04 4.95 1.37
C THR A 98 -38.60 5.44 1.53
N GLN A 99 -37.65 4.52 1.65
CA GLN A 99 -36.26 4.91 1.89
C GLN A 99 -35.58 5.43 0.65
N SER A 100 -35.60 4.65 -0.45
CA SER A 100 -34.95 5.10 -1.68
C SER A 100 -35.59 6.37 -2.21
N ASP A 101 -36.89 6.56 -2.00
CA ASP A 101 -37.56 7.80 -2.39
C ASP A 101 -36.96 9.00 -1.67
N LEU A 102 -37.01 9.01 -0.34
CA LEU A 102 -36.50 10.15 0.41
C LEU A 102 -34.98 10.23 0.39
N GLU A 103 -34.28 9.13 0.11
CA GLU A 103 -32.87 9.22 -0.24
C GLU A 103 -32.69 10.02 -1.53
N PHE A 104 -33.49 9.70 -2.56
CA PHE A 104 -33.50 10.49 -3.78
C PHE A 104 -33.88 11.94 -3.49
N ALA A 105 -34.89 12.15 -2.65
CA ALA A 105 -35.32 13.50 -2.30
C ALA A 105 -34.23 14.25 -1.54
N ALA A 106 -33.57 13.57 -0.61
CA ALA A 106 -32.47 14.20 0.14
C ALA A 106 -31.34 14.59 -0.80
N ASP A 107 -30.99 13.72 -1.74
CA ASP A 107 -29.98 14.04 -2.74
C ASP A 107 -30.34 15.30 -3.50
N HIS A 108 -31.54 15.35 -4.05
CA HIS A 108 -31.93 16.46 -4.92
C HIS A 108 -31.99 17.80 -4.17
N ILE A 109 -32.42 17.81 -2.91
CA ILE A 109 -32.31 19.04 -2.13
C ILE A 109 -30.86 19.36 -1.82
N ILE A 110 -30.04 18.34 -1.52
CA ILE A 110 -28.63 18.57 -1.28
C ILE A 110 -27.95 19.14 -2.53
N ASP A 111 -28.28 18.58 -3.71
CA ASP A 111 -27.75 19.07 -4.97
C ASP A 111 -28.01 20.57 -5.14
N THR A 112 -29.29 20.96 -5.18
CA THR A 112 -29.64 22.34 -5.52
C THR A 112 -29.00 23.35 -4.58
N ILE A 113 -28.99 23.07 -3.28
CA ILE A 113 -28.34 23.97 -2.32
C ILE A 113 -26.88 24.16 -2.69
N LEU A 114 -26.17 23.07 -2.95
CA LEU A 114 -24.76 23.17 -3.34
C LEU A 114 -24.59 23.93 -4.65
N LYS A 115 -25.33 23.52 -5.69
CA LYS A 115 -25.17 24.17 -7.00
C LYS A 115 -25.46 25.67 -6.90
N LYS A 116 -26.40 26.05 -6.03
CA LYS A 116 -26.67 27.47 -5.79
C LYS A 116 -25.55 28.14 -5.03
N CYS A 117 -25.04 27.48 -3.98
CA CYS A 117 -23.98 28.09 -3.18
C CYS A 117 -22.66 28.16 -3.95
N PHE A 118 -22.39 27.16 -4.78
CA PHE A 118 -21.12 27.06 -5.50
C PHE A 118 -21.12 27.77 -6.85
N SER A 119 -22.20 28.45 -7.23
CA SER A 119 -22.16 29.28 -8.42
C SER A 119 -21.42 30.59 -8.15
N ASN A 120 -21.80 31.29 -7.08
CA ASN A 120 -21.10 32.51 -6.65
C ASN A 120 -20.66 32.24 -5.22
N ILE A 121 -19.53 31.56 -5.06
CA ILE A 121 -19.00 31.28 -3.75
C ILE A 121 -18.35 32.55 -3.15
N SER A 122 -18.88 33.75 -3.51
CA SER A 122 -18.53 34.99 -2.82
C SER A 122 -19.65 35.61 -1.96
N LYS A 123 -20.94 35.42 -2.31
CA LYS A 123 -22.05 35.96 -1.53
C LYS A 123 -22.74 34.94 -0.61
N TYR A 124 -22.90 33.69 -1.05
CA TYR A 124 -23.60 32.65 -0.31
C TYR A 124 -22.71 31.86 0.67
N ARG A 125 -21.66 32.47 1.24
CA ARG A 125 -20.80 31.77 2.20
C ARG A 125 -21.62 31.18 3.32
N PHE A 126 -22.37 32.03 3.99
CA PHE A 126 -22.95 31.70 5.27
C PHE A 126 -24.38 31.22 5.17
N VAL A 127 -24.90 31.02 3.95
CA VAL A 127 -26.09 30.20 3.80
C VAL A 127 -25.69 28.73 3.68
N PHE A 128 -24.51 28.46 3.13
CA PHE A 128 -23.97 27.09 3.17
C PHE A 128 -23.53 26.71 4.58
N ASP A 129 -22.78 27.60 5.24
CA ASP A 129 -22.33 27.33 6.59
C ASP A 129 -23.47 27.39 7.60
N GLN A 130 -24.55 28.11 7.27
CA GLN A 130 -25.73 28.06 8.12
C GLN A 130 -26.37 26.68 8.04
N PHE A 131 -26.48 26.13 6.82
CA PHE A 131 -27.10 24.83 6.62
C PHE A 131 -26.36 23.72 7.35
N VAL A 132 -25.03 23.68 7.18
CA VAL A 132 -24.24 22.63 7.84
C VAL A 132 -24.32 22.79 9.36
N THR A 133 -24.38 24.02 9.86
CA THR A 133 -24.51 24.23 11.29
C THR A 133 -25.90 23.85 11.78
N ASP A 134 -26.92 23.99 10.93
CA ASP A 134 -28.26 23.53 11.28
C ASP A 134 -28.28 22.01 11.46
N MET A 135 -27.80 21.28 10.45
CA MET A 135 -27.85 19.82 10.47
C MET A 135 -27.05 19.27 11.65
N THR A 136 -25.81 19.72 11.80
CA THR A 136 -24.96 19.22 12.88
C THR A 136 -25.55 19.53 14.25
N THR A 137 -26.24 20.66 14.39
CA THR A 137 -26.91 20.98 15.65
C THR A 137 -27.96 19.95 16.01
N VAL A 138 -28.82 19.59 15.04
CA VAL A 138 -30.00 18.77 15.31
C VAL A 138 -29.77 17.26 15.24
N VAL A 139 -28.62 16.80 14.73
CA VAL A 139 -28.39 15.35 14.63
C VAL A 139 -28.46 14.67 16.00
N THR A 140 -28.01 15.36 17.04
CA THR A 140 -27.96 14.76 18.38
C THR A 140 -29.32 14.77 19.08
N LEU A 141 -30.38 15.14 18.38
CA LEU A 141 -31.70 15.23 18.97
C LEU A 141 -32.62 14.16 18.42
N PRO A 142 -33.36 13.45 19.28
CA PRO A 142 -34.39 12.54 18.77
C PRO A 142 -35.57 13.26 18.13
N ASP A 143 -35.74 14.57 18.39
CA ASP A 143 -36.76 15.35 17.71
C ASP A 143 -36.59 15.36 16.21
N TRP A 144 -35.37 15.10 15.71
CA TRP A 144 -35.04 15.26 14.29
C TRP A 144 -34.24 14.06 13.80
N PRO A 145 -34.87 12.90 13.66
CA PRO A 145 -34.12 11.70 13.25
C PRO A 145 -33.75 11.66 11.78
N VAL A 146 -34.38 12.46 10.92
CA VAL A 146 -34.03 12.43 9.50
C VAL A 146 -32.72 13.15 9.23
N SER A 147 -32.27 14.00 10.16
CA SER A 147 -31.04 14.76 9.95
C SER A 147 -29.83 13.86 9.72
N ASP A 148 -29.77 12.71 10.39
CA ASP A 148 -28.67 11.77 10.17
C ASP A 148 -28.57 11.37 8.71
N LEU A 149 -29.70 11.18 8.03
CA LEU A 149 -29.68 10.86 6.61
C LEU A 149 -29.16 12.03 5.79
N ILE A 150 -29.60 13.25 6.10
CA ILE A 150 -29.22 14.41 5.30
C ILE A 150 -27.71 14.62 5.34
N LEU A 151 -27.14 14.70 6.55
CA LEU A 151 -25.69 14.85 6.68
C LEU A 151 -24.94 13.72 5.98
N ALA A 152 -25.49 12.51 6.02
CA ALA A 152 -24.83 11.38 5.37
C ALA A 152 -24.61 11.64 3.88
N ARG A 153 -25.65 12.14 3.20
CA ARG A 153 -25.51 12.41 1.77
C ARG A 153 -24.89 13.76 1.47
N LEU A 154 -24.98 14.72 2.40
CA LEU A 154 -24.21 15.95 2.25
C LEU A 154 -22.73 15.65 2.30
N LEU A 155 -22.30 14.87 3.29
CA LEU A 155 -20.90 14.51 3.43
C LEU A 155 -20.39 13.75 2.21
N LYS A 156 -21.22 12.87 1.64
CA LYS A 156 -20.84 12.14 0.43
C LYS A 156 -20.44 13.09 -0.69
N LYS A 157 -21.22 14.14 -0.89
CA LYS A 157 -21.02 15.04 -2.02
C LYS A 157 -19.85 15.98 -1.80
N LEU A 158 -19.66 16.46 -0.57
CA LEU A 158 -18.52 17.30 -0.27
C LEU A 158 -17.20 16.54 -0.37
N LEU A 159 -17.19 15.26 0.02
CA LEU A 159 -15.99 14.44 -0.12
C LEU A 159 -15.59 14.26 -1.57
N SER A 160 -16.56 14.23 -2.48
CA SER A 160 -16.29 14.08 -3.90
C SER A 160 -15.70 15.33 -4.54
N ILE A 161 -15.70 16.47 -3.84
CA ILE A 161 -15.05 17.66 -4.37
C ILE A 161 -13.54 17.47 -4.42
N PHE A 162 -12.99 16.62 -3.56
CA PHE A 162 -11.54 16.47 -3.45
C PHE A 162 -11.06 15.20 -4.15
N LYS A 168 -12.11 21.87 -9.43
CA LYS A 168 -12.92 22.81 -8.68
C LYS A 168 -12.04 23.89 -8.05
N HIS A 169 -12.59 25.09 -7.90
CA HIS A 169 -11.80 26.25 -7.50
C HIS A 169 -11.56 26.28 -5.99
N ILE A 170 -10.36 26.73 -5.60
CA ILE A 170 -9.94 26.70 -4.20
C ILE A 170 -10.94 27.39 -3.27
N ASN A 171 -11.63 28.42 -3.77
CA ASN A 171 -12.65 29.07 -2.95
C ASN A 171 -13.77 28.11 -2.56
N ILE A 172 -14.09 27.14 -3.42
CA ILE A 172 -15.06 26.12 -3.08
C ILE A 172 -14.44 25.07 -2.17
N GLU A 173 -13.30 24.52 -2.58
CA GLU A 173 -12.64 23.46 -1.83
C GLU A 173 -12.40 23.86 -0.37
N SER A 174 -11.89 25.08 -0.15
CA SER A 174 -11.63 25.54 1.21
C SER A 174 -12.91 25.74 2.00
N VAL A 175 -14.01 26.12 1.34
CA VAL A 175 -15.28 26.27 2.03
C VAL A 175 -15.90 24.91 2.33
N ALA A 176 -15.87 24.00 1.36
CA ALA A 176 -16.24 22.61 1.62
C ALA A 176 -15.39 22.03 2.74
N LEU A 177 -14.08 22.26 2.69
CA LEU A 177 -13.15 21.67 3.65
C LEU A 177 -13.49 22.06 5.09
N GLN A 178 -14.02 23.27 5.30
CA GLN A 178 -14.36 23.67 6.67
C GLN A 178 -15.67 23.03 7.13
N GLY A 179 -16.68 23.02 6.26
CA GLY A 179 -17.92 22.34 6.60
C GLY A 179 -17.74 20.87 6.85
N ILE A 180 -16.95 20.19 6.01
CA ILE A 180 -16.69 18.77 6.20
C ILE A 180 -15.99 18.51 7.53
N GLY A 181 -15.13 19.44 7.95
CA GLY A 181 -14.49 19.30 9.25
C GLY A 181 -15.46 19.45 10.41
N LEU A 182 -16.48 20.29 10.24
CA LEU A 182 -17.53 20.40 11.26
C LEU A 182 -18.37 19.13 11.31
N ILE A 183 -18.65 18.53 10.15
CA ILE A 183 -19.41 17.28 10.12
C ILE A 183 -18.60 16.15 10.76
N GLY A 184 -17.35 15.98 10.32
CA GLY A 184 -16.46 15.04 10.99
C GLY A 184 -16.39 15.25 12.49
N SER A 185 -16.29 16.51 12.92
CA SER A 185 -16.24 16.83 14.34
C SER A 185 -17.43 16.24 15.10
N THR A 186 -18.63 16.43 14.57
CA THR A 186 -19.83 15.96 15.27
C THR A 186 -20.06 14.46 15.10
N ILE A 187 -19.58 13.87 14.02
CA ILE A 187 -19.54 12.40 13.94
C ILE A 187 -18.78 11.84 15.13
N LEU A 188 -17.65 12.48 15.48
CA LEU A 188 -16.85 12.01 16.60
C LEU A 188 -17.53 12.31 17.93
N ASP A 189 -18.16 13.49 18.05
CA ASP A 189 -19.01 13.78 19.22
C ASP A 189 -19.97 12.64 19.51
N ILE A 190 -20.76 12.25 18.51
CA ILE A 190 -21.70 11.14 18.67
C ILE A 190 -20.96 9.87 19.10
N ARG A 191 -19.94 9.49 18.32
CA ARG A 191 -19.24 8.24 18.56
C ARG A 191 -18.64 8.17 19.95
N LEU A 192 -18.20 9.29 20.51
CA LEU A 192 -17.65 9.27 21.87
C LEU A 192 -18.76 9.13 22.91
N SER A 193 -19.90 9.80 22.68
CA SER A 193 -21.00 9.70 23.62
C SER A 193 -21.50 8.26 23.66
N SER A 194 -21.15 7.54 24.72
CA SER A 194 -21.43 6.10 24.85
C SER A 194 -20.79 5.31 23.71
N ASN A 201 -21.57 -0.11 13.57
CA ASN A 201 -21.88 -1.06 14.62
C ASN A 201 -22.96 -2.04 14.18
N LEU A 202 -23.26 -2.09 12.87
CA LEU A 202 -24.25 -3.04 12.37
C LEU A 202 -23.66 -4.26 11.66
N ILE A 203 -22.39 -4.19 11.23
CA ILE A 203 -21.70 -5.43 10.89
C ILE A 203 -21.27 -6.15 12.16
N HIS A 204 -21.27 -5.43 13.29
CA HIS A 204 -21.14 -6.07 14.60
C HIS A 204 -22.39 -6.86 14.94
N LEU A 205 -23.57 -6.33 14.60
CA LEU A 205 -24.82 -7.05 14.85
C LEU A 205 -24.94 -8.31 14.02
N PHE A 206 -24.29 -8.35 12.84
CA PHE A 206 -24.29 -9.57 12.04
C PHE A 206 -23.68 -10.73 12.82
N ASN A 207 -22.56 -10.48 13.50
CA ASN A 207 -21.93 -11.54 14.27
C ASN A 207 -22.71 -11.85 15.56
N TYR A 208 -23.14 -10.81 16.27
CA TYR A 208 -23.71 -10.93 17.61
C TYR A 208 -25.11 -10.35 17.63
N PRO A 209 -26.13 -11.11 17.22
CA PRO A 209 -27.50 -10.58 17.24
C PRO A 209 -28.07 -10.42 18.64
N GLU A 210 -27.38 -10.95 19.67
CA GLU A 210 -27.64 -10.62 21.06
C GLU A 210 -28.05 -9.17 21.27
N ASP A 211 -27.20 -8.25 20.82
CA ASP A 211 -27.34 -6.82 21.12
C ASP A 211 -28.38 -6.12 20.27
N ILE A 212 -29.03 -6.81 19.33
CA ILE A 212 -30.19 -6.22 18.65
C ILE A 212 -31.29 -5.94 19.66
N ASP A 213 -31.49 -6.87 20.59
CA ASP A 213 -32.43 -6.66 21.69
C ASP A 213 -32.09 -5.39 22.47
N GLY A 214 -30.82 -5.26 22.87
CA GLY A 214 -30.39 -4.06 23.59
C GLY A 214 -30.51 -2.79 22.78
N LEU A 215 -30.35 -2.88 21.47
CA LEU A 215 -30.42 -1.69 20.63
C LEU A 215 -31.83 -1.10 20.62
N PHE A 216 -32.84 -1.93 20.37
CA PHE A 216 -34.21 -1.43 20.40
C PHE A 216 -34.61 -0.92 21.79
N LYS A 217 -34.03 -1.52 22.84
CA LYS A 217 -34.21 -0.98 24.18
C LYS A 217 -33.75 0.47 24.24
N ALA A 218 -32.62 0.78 23.60
CA ALA A 218 -32.17 2.17 23.54
C ALA A 218 -33.13 3.03 22.73
N TYR A 219 -33.61 2.51 21.60
CA TYR A 219 -34.66 3.19 20.85
C TYR A 219 -35.87 3.48 21.74
N ARG A 220 -36.43 2.43 22.35
CA ARG A 220 -37.61 2.53 23.21
C ARG A 220 -37.52 3.72 24.17
N THR A 221 -36.33 3.97 24.73
CA THR A 221 -36.15 5.12 25.61
C THR A 221 -36.28 6.44 24.85
N CYS A 222 -35.71 6.51 23.65
CA CYS A 222 -35.79 7.75 22.86
C CYS A 222 -37.22 8.01 22.40
N LEU A 223 -37.95 6.96 21.99
CA LEU A 223 -39.36 7.13 21.67
C LEU A 223 -40.15 7.58 22.90
N ALA A 224 -39.86 6.99 24.06
CA ALA A 224 -40.45 7.45 25.30
C ALA A 224 -40.18 8.94 25.52
N TYR A 225 -38.93 9.37 25.27
CA TYR A 225 -38.58 10.78 25.43
C TYR A 225 -39.34 11.68 24.46
N CYS A 226 -39.58 11.19 23.25
CA CYS A 226 -40.30 11.95 22.22
C CYS A 226 -41.66 12.43 22.72
N THR A 227 -42.43 11.52 23.34
CA THR A 227 -43.80 11.77 23.73
C THR A 227 -44.00 13.05 24.55
N ASN A 228 -42.96 13.52 25.23
CA ASN A 228 -43.13 14.63 26.17
C ASN A 228 -43.37 15.96 25.45
N SER A 229 -42.51 16.32 24.50
CA SER A 229 -42.61 17.64 23.86
C SER A 229 -41.81 17.62 22.57
N VAL A 230 -42.06 18.60 21.68
CA VAL A 230 -43.19 19.54 21.72
C VAL A 230 -44.33 19.00 20.83
N GLN A 231 -44.26 19.31 19.53
CA GLN A 231 -45.17 18.76 18.52
C GLN A 231 -44.46 17.53 17.96
N HIS A 232 -44.58 16.42 18.69
CA HIS A 232 -43.72 15.25 18.55
C HIS A 232 -44.31 14.10 17.74
N HIS A 233 -45.39 14.31 17.00
CA HIS A 233 -46.10 13.15 16.46
C HIS A 233 -45.28 12.47 15.36
N THR A 234 -44.89 13.19 14.32
CA THR A 234 -44.15 12.53 13.25
C THR A 234 -42.67 12.29 13.64
N PRO A 235 -42.07 13.08 14.54
CA PRO A 235 -40.74 12.69 15.06
C PRO A 235 -40.70 11.33 15.73
N TYR A 236 -41.63 11.04 16.64
CA TYR A 236 -41.75 9.69 17.22
C TYR A 236 -41.86 8.64 16.12
N LYS A 237 -42.71 8.92 15.15
CA LYS A 237 -43.02 8.02 14.04
C LYS A 237 -41.79 7.63 13.24
N PHE A 238 -41.17 8.61 12.59
CA PHE A 238 -39.99 8.37 11.78
C PHE A 238 -38.91 7.64 12.59
N LEU A 239 -38.71 8.08 13.83
CA LEU A 239 -37.73 7.44 14.69
C LEU A 239 -38.08 5.98 14.92
N TRP A 240 -39.39 5.68 15.09
CA TRP A 240 -39.81 4.29 15.20
C TRP A 240 -39.38 3.45 14.00
N CYS A 241 -39.57 3.99 12.79
CA CYS A 241 -39.24 3.24 11.58
C CYS A 241 -37.75 3.01 11.39
N LYS A 242 -36.90 3.70 12.16
CA LYS A 242 -35.47 3.42 12.11
C LYS A 242 -35.16 2.06 12.74
N GLN A 243 -36.00 1.64 13.69
CA GLN A 243 -35.95 0.28 14.20
C GLN A 243 -36.17 -0.73 13.09
N LEU A 244 -37.25 -0.55 12.33
CA LEU A 244 -37.50 -1.40 11.18
C LEU A 244 -36.37 -1.29 10.16
N ASP A 245 -35.73 -0.12 10.07
CA ASP A 245 -34.64 0.09 9.12
C ASP A 245 -33.43 -0.80 9.40
N VAL A 246 -33.07 -0.99 10.67
CA VAL A 246 -31.86 -1.76 10.97
C VAL A 246 -32.03 -3.21 10.51
N LEU A 247 -33.25 -3.75 10.63
CA LEU A 247 -33.46 -5.17 10.31
C LEU A 247 -33.40 -5.41 8.81
N THR A 248 -33.94 -4.50 8.00
CA THR A 248 -33.84 -4.68 6.55
C THR A 248 -32.41 -4.52 6.07
N LYS A 249 -31.58 -3.77 6.78
CA LYS A 249 -30.17 -3.69 6.44
C LYS A 249 -29.39 -4.92 6.87
N LEU A 250 -29.92 -5.68 7.84
CA LEU A 250 -29.32 -6.95 8.21
C LEU A 250 -29.67 -8.04 7.20
N LYS A 251 -30.94 -8.12 6.79
CA LYS A 251 -31.34 -9.06 5.75
C LYS A 251 -30.62 -8.78 4.44
N GLU A 252 -30.19 -7.54 4.22
CA GLU A 252 -29.35 -7.22 3.07
C GLU A 252 -28.13 -8.12 3.00
N MET A 253 -27.54 -8.43 4.14
CA MET A 253 -26.33 -9.24 4.20
C MET A 253 -26.64 -10.73 4.07
N GLY A 261 -32.68 -15.44 8.78
CA GLY A 261 -33.76 -16.33 8.38
C GLY A 261 -35.07 -16.02 9.07
N SER A 262 -35.35 -16.76 10.14
CA SER A 262 -36.49 -16.48 11.01
C SER A 262 -36.09 -15.93 12.38
N LYS A 263 -34.79 -15.72 12.62
CA LYS A 263 -34.38 -15.04 13.86
C LYS A 263 -34.62 -13.54 13.80
N LEU A 264 -34.54 -12.92 12.62
CA LEU A 264 -34.95 -11.52 12.51
C LEU A 264 -36.46 -11.38 12.40
N GLN A 265 -37.14 -12.39 11.86
CA GLN A 265 -38.58 -12.28 11.63
C GLN A 265 -39.35 -12.23 12.95
N GLN A 266 -38.99 -13.07 13.91
CA GLN A 266 -39.66 -13.04 15.20
C GLN A 266 -39.34 -11.76 15.96
N LYS A 267 -38.09 -11.27 15.85
CA LYS A 267 -37.80 -9.92 16.31
C LYS A 267 -38.59 -8.89 15.53
N PHE A 268 -38.74 -9.11 14.22
CA PHE A 268 -39.57 -8.22 13.41
C PHE A 268 -41.02 -8.23 13.90
N LEU A 269 -41.54 -9.41 14.23
CA LEU A 269 -42.93 -9.52 14.67
C LEU A 269 -43.12 -8.92 16.06
N SER A 270 -42.23 -9.24 16.99
CA SER A 270 -42.36 -8.70 18.35
C SER A 270 -42.24 -7.18 18.38
N LEU A 271 -41.67 -6.57 17.35
CA LEU A 271 -41.67 -5.10 17.25
C LEU A 271 -43.03 -4.58 16.79
N ILE A 272 -43.65 -5.29 15.83
CA ILE A 272 -45.00 -4.94 15.42
C ILE A 272 -45.96 -5.14 16.58
N GLU A 273 -45.73 -6.19 17.37
CA GLU A 273 -46.56 -6.46 18.54
C GLU A 273 -46.51 -5.32 19.55
N SER A 274 -45.35 -4.69 19.71
CA SER A 274 -45.11 -3.77 20.81
C SER A 274 -45.64 -2.36 20.60
N ILE A 275 -46.45 -2.11 19.56
CA ILE A 275 -47.12 -0.81 19.48
C ILE A 275 -48.25 -0.71 20.50
N HIS A 276 -48.78 -1.84 20.94
CA HIS A 276 -49.86 -1.85 21.92
C HIS A 276 -49.33 -2.18 23.32
N ALA A 287 -32.93 15.57 29.13
CA ALA A 287 -32.39 16.22 27.93
C ALA A 287 -31.05 15.60 27.55
N VAL A 288 -30.05 15.79 28.42
CA VAL A 288 -28.70 15.29 28.14
C VAL A 288 -28.47 13.91 28.73
N GLU A 289 -29.43 13.36 29.45
CA GLU A 289 -29.31 11.98 29.94
C GLU A 289 -29.69 10.97 28.87
N ILE A 290 -30.49 11.37 27.89
CA ILE A 290 -30.81 10.48 26.78
C ILE A 290 -29.78 10.59 25.65
N LEU A 291 -29.11 11.73 25.52
CA LEU A 291 -28.10 11.92 24.49
C LEU A 291 -27.09 10.77 24.38
N PRO A 292 -26.53 10.25 25.48
CA PRO A 292 -25.70 9.05 25.34
C PRO A 292 -26.44 7.85 24.76
N THR A 293 -27.71 7.64 25.15
CA THR A 293 -28.46 6.50 24.64
C THR A 293 -28.85 6.70 23.18
N TYR A 294 -29.37 7.88 22.83
CA TYR A 294 -29.74 8.12 21.43
C TYR A 294 -28.55 7.96 20.51
N CYS A 295 -27.37 8.40 20.93
CA CYS A 295 -26.17 8.23 20.13
C CYS A 295 -25.82 6.77 19.92
N SER A 296 -26.10 5.92 20.92
CA SER A 296 -25.89 4.49 20.76
C SER A 296 -26.67 3.93 19.59
N THR A 297 -27.84 4.50 19.30
CA THR A 297 -28.63 4.06 18.14
C THR A 297 -28.00 4.54 16.84
N LEU A 298 -27.40 5.73 16.84
CA LEU A 298 -26.85 6.33 15.62
C LEU A 298 -25.62 5.60 15.09
N LEU A 299 -25.02 4.69 15.85
CA LEU A 299 -23.84 3.98 15.36
C LEU A 299 -24.17 2.90 14.35
N THR A 300 -25.45 2.62 14.10
CA THR A 300 -25.80 1.78 12.96
C THR A 300 -25.92 2.59 11.68
N SER A 301 -26.21 3.88 11.79
CA SER A 301 -26.46 4.73 10.64
C SER A 301 -25.29 4.78 9.68
N GLU A 302 -25.59 5.19 8.44
CA GLU A 302 -24.57 5.38 7.42
C GLU A 302 -23.60 6.50 7.80
N LEU A 303 -24.12 7.56 8.42
CA LEU A 303 -23.32 8.73 8.77
C LEU A 303 -22.05 8.36 9.52
N ILE A 304 -22.19 7.68 10.67
CA ILE A 304 -21.03 7.37 11.49
C ILE A 304 -20.04 6.47 10.77
N ASN A 305 -20.54 5.61 9.88
CA ASN A 305 -19.66 4.68 9.17
C ASN A 305 -18.92 5.35 8.01
N MET A 306 -19.21 6.62 7.74
CA MET A 306 -18.42 7.44 6.83
C MET A 306 -17.24 8.11 7.52
N TYR A 307 -17.02 7.85 8.81
CA TYR A 307 -15.93 8.49 9.53
C TYR A 307 -14.58 8.22 8.89
N GLU A 308 -14.24 6.95 8.71
CA GLU A 308 -12.91 6.61 8.23
C GLU A 308 -12.63 7.11 6.81
N PRO A 309 -13.54 6.99 5.84
CA PRO A 309 -13.26 7.60 4.52
C PRO A 309 -13.06 9.10 4.59
N TYR A 310 -13.75 9.78 5.51
CA TYR A 310 -13.46 11.19 5.77
C TYR A 310 -12.08 11.36 6.38
N LEU A 311 -11.75 10.52 7.37
CA LEU A 311 -10.44 10.56 8.00
C LEU A 311 -9.33 10.29 6.98
N LYS A 312 -9.49 9.24 6.18
CA LYS A 312 -8.54 8.95 5.11
C LYS A 312 -8.30 10.15 4.21
N LEU A 313 -9.34 10.94 3.94
CA LEU A 313 -9.21 12.08 3.03
C LEU A 313 -8.36 13.19 3.62
N VAL A 314 -8.78 13.74 4.77
CA VAL A 314 -8.07 14.86 5.38
C VAL A 314 -6.59 14.56 5.58
N LEU A 315 -6.26 13.32 5.94
CA LEU A 315 -4.85 12.94 6.04
C LEU A 315 -4.16 13.04 4.69
N SER A 316 -4.81 12.56 3.63
CA SER A 316 -4.25 12.68 2.29
C SER A 316 -4.06 14.13 1.88
N LEU A 317 -4.85 15.05 2.44
CA LEU A 317 -4.74 16.46 2.09
C LEU A 317 -3.46 17.10 2.60
N LEU A 318 -2.78 16.48 3.56
CA LEU A 318 -1.51 17.02 4.05
C LEU A 318 -0.43 16.99 2.99
N GLU A 319 -0.66 16.34 1.86
CA GLU A 319 0.36 16.27 0.81
C GLU A 319 0.07 17.18 -0.37
N ARG A 320 -1.18 17.66 -0.51
CA ARG A 320 -1.52 18.57 -1.60
C ARG A 320 -0.64 19.81 -1.59
N HIS A 321 -0.34 20.32 -2.79
CA HIS A 321 0.53 21.48 -2.90
C HIS A 321 -0.14 22.76 -2.41
N LYS A 322 -1.45 22.82 -2.46
CA LYS A 322 -2.16 24.06 -2.14
C LYS A 322 -2.23 24.28 -0.64
N VAL A 323 -1.80 25.46 -0.21
CA VAL A 323 -1.64 25.76 1.21
C VAL A 323 -2.98 25.74 1.94
N LYS A 324 -4.03 26.28 1.30
CA LYS A 324 -5.31 26.39 1.99
C LYS A 324 -5.94 25.02 2.24
N LEU A 325 -5.61 24.02 1.43
CA LEU A 325 -6.06 22.65 1.71
C LEU A 325 -5.29 22.05 2.88
N ARG A 326 -3.95 22.12 2.82
CA ARG A 326 -3.13 21.62 3.92
C ARG A 326 -3.50 22.27 5.25
N SER A 327 -3.61 23.60 5.26
CA SER A 327 -3.96 24.28 6.51
C SER A 327 -5.35 23.91 6.97
N GLY A 328 -6.31 23.82 6.04
CA GLY A 328 -7.63 23.34 6.41
C GLY A 328 -7.61 21.92 6.94
N ALA A 329 -6.72 21.08 6.40
CA ALA A 329 -6.54 19.74 6.94
C ALA A 329 -6.01 19.79 8.37
N ILE A 330 -5.04 20.68 8.63
CA ILE A 330 -4.51 20.83 9.98
C ILE A 330 -5.63 21.13 10.96
N ARG A 331 -6.44 22.15 10.65
CA ARG A 331 -7.54 22.52 11.53
C ARG A 331 -8.55 21.39 11.72
N CYS A 332 -8.77 20.58 10.68
CA CYS A 332 -9.69 19.46 10.80
C CYS A 332 -9.20 18.45 11.82
N LEU A 333 -7.91 18.09 11.75
CA LEU A 333 -7.36 17.08 12.64
C LEU A 333 -7.19 17.62 14.06
N ALA A 334 -6.74 18.87 14.19
CA ALA A 334 -6.66 19.52 15.50
C ALA A 334 -7.96 19.38 16.28
N LEU A 335 -9.08 19.68 15.63
CA LEU A 335 -10.39 19.50 16.25
C LEU A 335 -10.59 18.06 16.71
N LEU A 336 -10.26 17.11 15.85
CA LEU A 336 -10.50 15.70 16.17
C LEU A 336 -9.60 15.23 17.31
N ILE A 337 -8.30 15.54 17.23
CA ILE A 337 -7.33 15.00 18.18
C ILE A 337 -7.61 15.49 19.60
N SER A 338 -8.04 16.75 19.73
CA SER A 338 -8.29 17.31 21.05
C SER A 338 -9.59 16.79 21.66
N LYS A 339 -10.48 16.20 20.85
CA LYS A 339 -11.65 15.53 21.39
C LYS A 339 -11.38 14.07 21.74
N ASP A 340 -10.60 13.37 20.93
CA ASP A 340 -10.20 12.00 21.17
C ASP A 340 -8.68 11.92 21.00
N LYS A 341 -7.96 11.77 22.10
CA LYS A 341 -6.51 11.88 22.08
C LYS A 341 -5.79 10.59 21.72
N ASN A 342 -6.40 9.42 21.96
CA ASN A 342 -5.80 8.19 21.52
C ASN A 342 -5.83 8.03 20.00
N MET A 343 -6.55 8.92 19.31
CA MET A 343 -6.47 9.07 17.86
C MET A 343 -5.08 8.80 17.30
N LEU A 344 -4.07 9.50 17.82
CA LEU A 344 -2.74 9.49 17.21
C LEU A 344 -2.21 8.09 16.94
N TYR A 345 -2.54 7.13 17.80
CA TYR A 345 -2.05 5.77 17.69
C TYR A 345 -2.91 4.87 16.80
N THR A 346 -4.07 5.32 16.35
CA THR A 346 -4.82 4.55 15.38
C THR A 346 -3.98 4.39 14.11
N PRO A 347 -3.91 3.20 13.52
CA PRO A 347 -2.89 2.93 12.49
C PRO A 347 -2.89 3.89 11.32
N ILE A 348 -4.06 4.41 10.93
CA ILE A 348 -4.14 5.23 9.72
C ILE A 348 -3.46 6.58 9.93
N VAL A 349 -3.69 7.23 11.07
CA VAL A 349 -3.04 8.51 11.33
C VAL A 349 -1.56 8.31 11.68
N LYS A 350 -1.24 7.31 12.50
CA LYS A 350 0.15 7.05 12.86
C LYS A 350 1.02 6.93 11.61
N GLU A 351 0.55 6.18 10.62
CA GLU A 351 1.30 5.99 9.39
C GLU A 351 1.53 7.30 8.66
N THR A 352 0.50 8.15 8.56
CA THR A 352 0.63 9.39 7.81
C THR A 352 1.50 10.41 8.54
N ILE A 353 1.31 10.53 9.86
CA ILE A 353 2.15 11.42 10.66
C ILE A 353 3.62 11.06 10.49
N GLU A 354 3.93 9.77 10.60
CA GLU A 354 5.31 9.31 10.43
C GLU A 354 5.84 9.59 9.03
N ASN A 355 4.99 9.45 8.00
CA ASN A 355 5.44 9.71 6.64
C ASN A 355 5.68 11.20 6.40
N ARG A 356 4.82 12.06 6.95
CA ARG A 356 4.95 13.48 6.70
C ARG A 356 6.16 14.08 7.43
N LEU A 357 6.62 13.45 8.50
CA LEU A 357 7.77 13.98 9.23
C LEU A 357 9.08 13.79 8.48
N THR A 358 9.17 12.78 7.61
CA THR A 358 10.38 12.57 6.83
C THR A 358 10.37 13.40 5.56
N ASP A 359 9.27 13.36 4.81
CA ASP A 359 9.18 13.91 3.46
C ASP A 359 8.18 15.07 3.47
N SER A 360 8.68 16.28 3.70
CA SER A 360 7.83 17.46 3.77
C SER A 360 8.69 18.71 3.91
N SER A 361 8.02 19.87 3.84
CA SER A 361 8.63 21.17 4.06
C SER A 361 8.72 21.48 5.56
N PRO A 362 9.53 22.49 5.94
CA PRO A 362 9.62 22.83 7.36
C PRO A 362 8.30 23.18 8.02
N LEU A 363 7.43 23.93 7.34
CA LEU A 363 6.20 24.39 7.97
C LEU A 363 5.17 23.27 8.10
N VAL A 364 5.22 22.27 7.23
CA VAL A 364 4.35 21.10 7.41
C VAL A 364 4.88 20.22 8.53
N LYS A 365 6.20 20.03 8.59
CA LYS A 365 6.80 19.29 9.70
C LYS A 365 6.43 19.91 11.04
N ASP A 366 6.61 21.23 11.18
CA ASP A 366 6.20 21.91 12.41
C ASP A 366 4.72 21.67 12.70
N ALA A 367 3.87 21.73 11.66
CA ALA A 367 2.44 21.53 11.86
C ALA A 367 2.14 20.13 12.36
N ILE A 368 2.80 19.11 11.81
CA ILE A 368 2.61 17.75 12.29
C ILE A 368 3.05 17.62 13.74
N LEU A 369 4.18 18.23 14.09
CA LEU A 369 4.67 18.16 15.46
C LEU A 369 3.70 18.83 16.44
N GLU A 370 3.10 19.96 16.03
CA GLU A 370 2.10 20.59 16.89
C GLU A 370 0.86 19.72 17.06
N LEU A 371 0.49 18.97 16.03
CA LEU A 371 -0.64 18.05 16.15
C LEU A 371 -0.35 16.96 17.16
N ILE A 372 0.84 16.35 17.07
CA ILE A 372 1.25 15.34 18.05
C ILE A 372 1.18 15.92 19.45
N GLU A 373 1.58 17.18 19.61
CA GLU A 373 1.58 17.85 20.90
C GLU A 373 0.19 17.93 21.52
N LEU A 374 -0.86 17.84 20.71
CA LEU A 374 -2.24 17.94 21.20
C LEU A 374 -2.74 16.67 21.88
N GLY A 375 -2.00 15.57 21.81
CA GLY A 375 -2.34 14.41 22.59
C GLY A 375 -1.85 14.59 24.00
N SER A 376 -2.07 13.56 24.82
CA SER A 376 -1.63 13.65 26.21
C SER A 376 -0.13 13.36 26.29
N SER A 377 0.24 12.10 26.14
CA SER A 377 1.62 11.71 26.02
C SER A 377 1.87 11.20 24.60
N TYR A 378 3.08 11.40 24.13
CA TYR A 378 3.51 11.04 22.79
C TYR A 378 4.91 10.44 22.84
N ILE A 379 5.18 9.69 23.90
CA ILE A 379 6.50 9.10 24.11
C ILE A 379 6.85 8.13 22.98
N ASP A 380 5.88 7.33 22.54
CA ASP A 380 6.13 6.36 21.47
C ASP A 380 6.56 7.02 20.17
N PHE A 381 6.22 8.28 19.95
CA PHE A 381 6.63 9.02 18.75
C PHE A 381 8.06 9.54 18.81
N TYR A 382 8.79 9.29 19.90
CA TYR A 382 10.09 9.94 20.11
C TYR A 382 11.04 9.70 18.95
N GLN A 383 11.04 8.48 18.38
CA GLN A 383 12.03 8.14 17.37
C GLN A 383 11.78 8.86 16.06
N HIS A 384 10.52 9.10 15.71
CA HIS A 384 10.21 9.84 14.49
C HIS A 384 10.30 11.35 14.71
N ILE A 385 10.00 11.82 15.92
CA ILE A 385 10.13 13.25 16.22
C ILE A 385 11.54 13.74 15.98
N ASN A 386 12.53 12.94 16.38
CA ASN A 386 13.94 13.35 16.32
C ASN A 386 14.60 13.11 14.97
N ILE A 387 13.85 12.69 13.95
CA ILE A 387 14.39 12.72 12.59
C ILE A 387 14.86 14.13 12.25
N ASN A 388 14.15 15.12 12.76
CA ASN A 388 14.39 16.53 12.44
C ASN A 388 15.01 17.29 13.61
N TYR A 389 15.66 16.59 14.55
CA TYR A 389 16.32 17.28 15.66
C TYR A 389 17.41 18.21 15.16
N ASN A 390 18.01 17.88 14.01
CA ASN A 390 19.08 18.66 13.40
C ASN A 390 18.65 19.30 12.07
N ASP A 391 17.34 19.44 11.86
CA ASP A 391 16.82 20.00 10.61
C ASP A 391 17.42 21.38 10.33
N ASP A 392 17.45 21.73 9.05
CA ASP A 392 17.98 23.02 8.62
C ASP A 392 17.22 24.19 9.25
N SER A 393 15.92 24.03 9.46
CA SER A 393 15.10 25.12 10.01
C SER A 393 15.33 25.27 11.50
N MET A 394 15.61 26.51 11.92
CA MET A 394 15.63 26.84 13.35
C MET A 394 14.28 26.56 13.99
N LEU A 395 13.19 26.79 13.24
CA LEU A 395 11.85 26.62 13.80
C LEU A 395 11.60 25.18 14.20
N VAL A 396 12.00 24.23 13.34
CA VAL A 396 11.77 22.82 13.64
C VAL A 396 12.73 22.33 14.71
N ARG A 397 13.98 22.81 14.69
CA ARG A 397 14.93 22.43 15.73
C ARG A 397 14.43 22.86 17.11
N LYS A 398 13.95 24.10 17.22
CA LYS A 398 13.39 24.57 18.48
C LYS A 398 12.21 23.72 18.92
N HIS A 399 11.39 23.30 17.97
CA HIS A 399 10.18 22.53 18.29
C HIS A 399 10.55 21.16 18.84
N VAL A 400 11.49 20.47 18.18
CA VAL A 400 11.87 19.12 18.60
C VAL A 400 12.53 19.15 19.97
N LEU A 401 13.42 20.14 20.20
CA LEU A 401 14.01 20.35 21.51
C LEU A 401 12.95 20.46 22.59
N ARG A 402 11.92 21.27 22.33
CA ARG A 402 10.84 21.45 23.30
C ARG A 402 10.14 20.13 23.61
N MET A 403 9.97 19.27 22.60
CA MET A 403 9.26 18.02 22.80
C MET A 403 10.14 16.93 23.41
N ASN A 404 11.44 16.95 23.11
CA ASN A 404 12.37 16.06 23.81
C ASN A 404 12.30 16.27 25.32
N GLN A 405 12.12 17.52 25.77
CA GLN A 405 12.01 17.80 27.19
C GLN A 405 10.76 17.15 27.78
N ILE A 406 9.63 17.32 27.10
CA ILE A 406 8.37 16.75 27.62
C ILE A 406 8.47 15.22 27.68
N ILE A 407 9.03 14.61 26.63
CA ILE A 407 9.22 13.16 26.63
C ILE A 407 10.10 12.73 27.80
N TYR A 408 11.20 13.46 28.02
CA TYR A 408 12.14 13.10 29.07
C TYR A 408 11.46 13.11 30.44
N ASP A 409 10.66 14.14 30.72
CA ASP A 409 9.95 14.23 31.99
C ASP A 409 8.78 13.26 32.09
N ASP A 410 8.33 12.67 30.98
CA ASP A 410 7.12 11.85 30.98
C ASP A 410 7.43 10.36 31.13
N THR A 411 8.28 9.81 30.25
CA THR A 411 8.66 8.40 30.36
C THR A 411 9.47 8.16 31.63
N GLU A 412 9.40 6.93 32.13
CA GLU A 412 10.32 6.48 33.17
C GLU A 412 11.37 5.52 32.60
N ASP A 413 11.37 5.32 31.29
CA ASP A 413 12.28 4.38 30.64
C ASP A 413 13.63 5.06 30.45
N ILE A 414 14.70 4.37 30.88
CA ILE A 414 16.03 4.94 30.81
C ILE A 414 16.53 5.03 29.36
N ILE A 415 16.29 3.99 28.55
CA ILE A 415 16.78 4.04 27.18
C ILE A 415 16.03 5.06 26.35
N ILE A 416 14.82 5.45 26.76
CA ILE A 416 14.13 6.56 26.12
C ILE A 416 14.74 7.88 26.54
N LYS A 417 14.90 8.09 27.85
CA LYS A 417 15.47 9.31 28.38
C LYS A 417 16.84 9.59 27.77
N ALA A 418 17.71 8.58 27.73
CA ALA A 418 19.05 8.77 27.17
C ALA A 418 19.01 9.06 25.68
N TYR A 419 18.03 8.51 24.97
CA TYR A 419 17.88 8.79 23.55
C TYR A 419 17.59 10.28 23.31
N VAL A 420 16.54 10.78 23.95
CA VAL A 420 16.13 12.17 23.73
C VAL A 420 17.11 13.14 24.37
N ALA A 421 17.71 12.76 25.51
CA ALA A 421 18.73 13.61 26.12
C ALA A 421 19.97 13.71 25.24
N SER A 422 20.28 12.64 24.49
CA SER A 422 21.38 12.70 23.55
C SER A 422 21.16 13.77 22.50
N ARG A 423 19.91 13.92 22.04
CA ARG A 423 19.64 14.90 21.00
C ARG A 423 19.58 16.31 21.57
N ILE A 424 19.18 16.45 22.84
CA ILE A 424 19.25 17.74 23.51
C ILE A 424 20.72 18.16 23.67
N LEU A 425 21.55 17.23 24.14
CA LEU A 425 22.96 17.52 24.35
C LEU A 425 23.66 17.93 23.05
N ARG A 426 23.29 17.28 21.95
CA ARG A 426 23.91 17.61 20.66
C ARG A 426 23.64 19.05 20.24
N ARG A 427 22.56 19.67 20.73
CA ARG A 427 22.24 21.03 20.31
C ARG A 427 22.96 22.11 21.12
N ILE A 428 23.88 21.75 22.03
CA ILE A 428 24.74 22.77 22.61
C ILE A 428 25.75 23.28 21.60
N GLU A 429 25.97 22.54 20.51
CA GLU A 429 26.72 23.02 19.33
C GLU A 429 25.69 23.34 18.26
N ASP A 430 25.31 24.62 18.17
CA ASP A 430 24.23 25.04 17.30
C ASP A 430 24.52 26.45 16.79
N GLU A 431 24.01 26.73 15.59
CA GLU A 431 24.23 28.03 14.96
C GLU A 431 23.51 29.16 15.70
N GLU A 432 22.41 28.85 16.39
CA GLU A 432 21.66 29.85 17.13
C GLU A 432 22.02 29.76 18.62
N ASP A 433 22.54 30.87 19.16
CA ASP A 433 22.88 30.92 20.59
C ASP A 433 21.67 30.65 21.48
N VAL A 434 20.48 31.04 21.03
CA VAL A 434 19.27 30.80 21.82
C VAL A 434 19.06 29.31 22.07
N ILE A 435 19.21 28.50 21.03
CA ILE A 435 19.01 27.06 21.17
C ILE A 435 20.07 26.45 22.09
N ILE A 436 21.30 26.97 22.05
CA ILE A 436 22.35 26.48 22.94
C ILE A 436 21.94 26.62 24.39
N GLU A 437 21.61 27.85 24.82
CA GLU A 437 21.26 28.10 26.21
C GLU A 437 20.03 27.29 26.63
N THR A 438 19.09 27.06 25.71
CA THR A 438 17.96 26.20 26.02
C THR A 438 18.41 24.77 26.28
N ALA A 439 19.20 24.20 25.36
CA ALA A 439 19.69 22.85 25.54
C ALA A 439 20.52 22.70 26.80
N ARG A 440 21.40 23.66 27.08
CA ARG A 440 22.26 23.60 28.25
C ARG A 440 21.45 23.67 29.54
N SER A 441 20.64 24.72 29.67
CA SER A 441 19.89 24.96 30.90
C SER A 441 19.02 23.77 31.28
N GLU A 442 18.31 23.20 30.30
CA GLU A 442 17.33 22.16 30.62
C GLU A 442 18.02 20.86 31.03
N LEU A 443 19.21 20.59 30.52
CA LEU A 443 20.00 19.48 31.02
C LEU A 443 20.52 19.76 32.43
N LEU A 444 21.05 20.97 32.64
CA LEU A 444 21.50 21.37 33.97
C LEU A 444 20.37 21.28 34.99
N LYS A 445 19.22 21.88 34.65
CA LYS A 445 18.05 21.80 35.53
C LYS A 445 17.69 20.36 35.87
N ARG A 446 17.71 19.47 34.88
CA ARG A 446 17.23 18.12 35.09
C ARG A 446 18.25 17.23 35.79
N TRP A 447 19.53 17.31 35.42
CA TRP A 447 20.52 16.42 35.99
C TRP A 447 21.15 16.95 37.27
N ILE A 448 21.31 18.26 37.40
CA ILE A 448 22.04 18.84 38.52
C ILE A 448 21.10 19.49 39.53
N LEU A 449 20.52 20.63 39.16
CA LEU A 449 19.76 21.43 40.11
C LEU A 449 18.48 20.75 40.59
N SER A 450 17.97 19.76 39.84
CA SER A 450 16.82 19.01 40.29
C SER A 450 17.10 18.25 41.59
N ILE A 451 18.37 17.92 41.84
CA ILE A 451 18.70 17.03 42.95
C ILE A 451 18.38 17.68 44.30
N GLN A 452 18.58 18.99 44.41
CA GLN A 452 18.30 19.71 45.65
C GLN A 452 17.15 20.70 45.41
N CYS A 453 15.96 20.16 45.30
CA CYS A 453 14.77 20.95 45.09
C CYS A 453 14.31 21.53 46.42
N PRO A 454 13.93 22.81 46.46
CA PRO A 454 13.40 23.38 47.71
C PRO A 454 12.26 22.53 48.28
N ASN A 455 11.46 21.96 47.39
CA ASN A 455 10.46 20.95 47.73
C ASN A 455 11.16 19.62 48.03
N ALA A 456 11.31 19.30 49.31
CA ALA A 456 11.80 18.01 49.80
C ALA A 456 10.88 16.90 49.26
N LYS A 457 10.91 15.63 49.70
CA LYS A 457 11.72 15.00 50.75
C LYS A 457 13.13 14.58 50.33
N PRO A 458 13.94 14.12 51.30
CA PRO A 458 15.29 13.66 50.93
C PRO A 458 15.30 12.33 50.18
N GLU A 459 14.36 11.42 50.44
CA GLU A 459 14.45 10.10 49.84
C GLU A 459 14.00 10.08 48.39
N LEU A 460 13.07 10.97 48.02
CA LEU A 460 12.80 11.23 46.60
C LEU A 460 14.01 11.87 45.92
N GLN A 461 14.76 12.69 46.66
CA GLN A 461 15.93 13.36 46.11
C GLN A 461 16.97 12.37 45.58
N ILE A 462 17.33 11.36 46.38
CA ILE A 462 18.29 10.36 45.90
C ILE A 462 17.68 9.48 44.80
N LYS A 463 16.35 9.32 44.78
CA LYS A 463 15.74 8.53 43.71
C LYS A 463 15.79 9.29 42.38
N ASN A 464 15.66 10.61 42.43
CA ASN A 464 15.92 11.43 41.25
C ASN A 464 17.40 11.38 40.88
N CYS A 465 18.28 11.46 41.89
CA CYS A 465 19.72 11.35 41.66
C CYS A 465 20.07 10.08 40.88
N ARG A 466 19.45 8.96 41.24
CA ARG A 466 19.85 7.69 40.62
C ARG A 466 19.38 7.57 39.18
N VAL A 467 18.16 8.03 38.86
CA VAL A 467 17.73 7.99 37.47
C VAL A 467 18.64 8.86 36.60
N SER A 468 19.03 10.03 37.11
CA SER A 468 20.00 10.86 36.39
C SER A 468 21.28 10.10 36.12
N ILE A 469 21.78 9.35 37.11
CA ILE A 469 23.00 8.57 36.92
C ILE A 469 22.79 7.48 35.88
N ARG A 470 21.67 6.76 35.98
CA ARG A 470 21.35 5.74 34.99
C ARG A 470 21.24 6.34 33.59
N VAL A 471 20.61 7.49 33.46
CA VAL A 471 20.46 8.13 32.15
C VAL A 471 21.82 8.54 31.59
N ILE A 472 22.62 9.21 32.41
CA ILE A 472 23.93 9.69 31.94
C ILE A 472 24.83 8.51 31.57
N ALA A 473 24.83 7.45 32.40
CA ALA A 473 25.65 6.29 32.10
C ALA A 473 25.25 5.64 30.78
N GLN A 474 23.95 5.54 30.53
CA GLN A 474 23.48 5.05 29.24
C GLN A 474 23.86 5.99 28.11
N LEU A 475 23.73 7.29 28.34
CA LEU A 475 24.11 8.28 27.33
C LEU A 475 25.58 8.13 26.93
N LEU A 476 26.46 7.90 27.90
CA LEU A 476 27.88 7.82 27.59
C LEU A 476 28.25 6.53 26.88
N VAL A 477 27.38 5.53 26.91
CA VAL A 477 27.63 4.31 26.15
C VAL A 477 27.36 4.63 24.68
N GLY A 478 28.40 4.52 23.87
CA GLY A 478 28.27 4.72 22.45
C GLY A 478 28.35 6.16 22.00
N GLY A 479 29.06 6.41 20.91
CA GLY A 479 29.49 7.76 20.58
C GLY A 479 30.77 8.17 21.27
N ASP A 480 31.82 8.42 20.49
CA ASP A 480 32.92 9.24 20.99
C ASP A 480 32.53 10.71 21.01
N LYS A 481 31.80 11.14 19.97
CA LYS A 481 31.30 12.50 19.89
C LYS A 481 30.47 12.87 21.13
N ILE A 482 29.49 12.03 21.48
CA ILE A 482 28.58 12.39 22.55
C ILE A 482 29.29 12.43 23.91
N CYS A 483 30.32 11.60 24.09
CA CYS A 483 31.12 11.67 25.31
C CYS A 483 31.90 12.98 25.38
N ASP A 484 32.50 13.40 24.26
CA ASP A 484 33.19 14.69 24.23
C ASP A 484 32.22 15.84 24.51
N LEU A 485 31.00 15.74 23.98
CA LEU A 485 30.00 16.76 24.25
C LEU A 485 29.63 16.79 25.74
N PHE A 486 29.47 15.62 26.35
CA PHE A 486 29.16 15.58 27.78
C PHE A 486 30.29 16.16 28.61
N GLU A 487 31.53 15.78 28.31
CA GLU A 487 32.67 16.29 29.07
C GLU A 487 32.78 17.80 28.90
N HIS A 488 32.51 18.31 27.70
CA HIS A 488 32.50 19.75 27.47
C HIS A 488 31.42 20.43 28.30
N PHE A 489 30.21 19.86 28.27
CA PHE A 489 29.10 20.39 29.07
C PHE A 489 29.45 20.39 30.56
N LEU A 490 30.07 19.32 31.04
CA LEU A 490 30.44 19.23 32.45
C LEU A 490 31.53 20.24 32.82
N ILE A 491 32.62 20.27 32.06
CA ILE A 491 33.79 21.05 32.46
C ILE A 491 33.59 22.54 32.17
N PHE A 492 33.19 22.88 30.95
CA PHE A 492 33.18 24.27 30.52
C PHE A 492 31.83 24.97 30.72
N TYR A 493 30.78 24.26 31.12
CA TYR A 493 29.52 24.90 31.47
C TYR A 493 29.14 24.65 32.92
N VAL A 494 28.90 23.40 33.32
CA VAL A 494 28.44 23.10 34.67
C VAL A 494 29.41 23.65 35.71
N LEU A 495 30.67 23.25 35.63
CA LEU A 495 31.68 23.63 36.61
C LEU A 495 32.34 24.97 36.28
N ASN A 496 31.86 25.69 35.28
CA ASN A 496 32.32 27.04 35.01
C ASN A 496 31.52 28.00 35.88
N LYS A 497 32.17 28.58 36.88
CA LYS A 497 31.46 29.44 37.83
C LYS A 497 31.07 30.79 37.25
N ASN A 498 31.64 31.19 36.11
CA ASN A 498 31.20 32.41 35.44
C ASN A 498 29.92 32.23 34.65
N ALA A 499 29.52 30.98 34.38
CA ALA A 499 28.31 30.70 33.64
C ALA A 499 27.04 30.82 34.48
N HIS A 500 27.16 30.89 35.81
CA HIS A 500 26.01 30.78 36.69
C HIS A 500 26.04 31.87 37.75
N THR A 501 24.92 32.02 38.44
CA THR A 501 24.84 32.90 39.60
C THR A 501 25.49 32.23 40.80
N GLU A 502 25.61 32.99 41.88
CA GLU A 502 26.30 32.49 43.08
C GLU A 502 25.46 31.42 43.78
N ASP A 503 24.14 31.61 43.84
CA ASP A 503 23.28 30.58 44.42
C ASP A 503 23.32 29.30 43.61
N GLN A 504 23.43 29.42 42.28
CA GLN A 504 23.43 28.24 41.41
C GLN A 504 24.72 27.45 41.57
N ASN A 505 25.86 28.15 41.54
CA ASN A 505 27.14 27.49 41.77
C ASN A 505 27.15 26.74 43.10
N LYS A 506 26.50 27.29 44.12
CA LYS A 506 26.37 26.59 45.39
C LYS A 506 25.56 25.31 45.24
N LEU A 507 24.39 25.40 44.60
CA LEU A 507 23.58 24.20 44.37
C LEU A 507 24.32 23.19 43.50
N ILE A 508 25.00 23.66 42.45
CA ILE A 508 25.76 22.77 41.58
C ILE A 508 26.80 21.99 42.38
N SER A 509 27.55 22.70 43.21
CA SER A 509 28.59 22.05 44.01
C SER A 509 27.97 21.06 45.01
N SER A 510 26.91 21.48 45.70
CA SER A 510 26.20 20.57 46.59
C SER A 510 25.65 19.37 45.85
N SER A 511 24.98 19.60 44.71
CA SER A 511 24.33 18.51 43.98
C SER A 511 25.35 17.52 43.45
N LEU A 512 26.44 18.01 42.85
CA LEU A 512 27.46 17.10 42.32
C LEU A 512 28.09 16.28 43.44
N CYS A 513 28.28 16.89 44.61
CA CYS A 513 28.81 16.15 45.75
C CYS A 513 27.93 14.95 46.10
N LEU A 514 26.63 15.21 46.28
CA LEU A 514 25.70 14.11 46.52
C LEU A 514 25.63 13.15 45.34
N LEU A 515 25.80 13.66 44.11
CA LEU A 515 25.71 12.78 42.95
C LEU A 515 26.88 11.80 42.88
N THR A 516 28.12 12.28 43.05
CA THR A 516 29.26 11.37 42.99
C THR A 516 29.21 10.34 44.11
N ASP A 517 28.73 10.75 45.29
CA ASP A 517 28.56 9.81 46.39
C ASP A 517 27.61 8.69 46.00
N GLN A 518 26.47 9.06 45.40
CA GLN A 518 25.52 8.03 44.95
C GLN A 518 26.08 7.20 43.81
N VAL A 519 26.92 7.79 42.96
CA VAL A 519 27.62 7.00 41.95
C VAL A 519 28.42 5.89 42.61
N ILE A 520 29.14 6.22 43.69
CA ILE A 520 29.97 5.23 44.39
C ILE A 520 29.09 4.13 44.97
N GLU A 521 28.04 4.52 45.70
CA GLU A 521 27.14 3.54 46.28
C GLU A 521 26.52 2.63 45.24
N MET A 522 26.24 3.16 44.04
CA MET A 522 25.62 2.33 43.01
C MET A 522 26.57 1.28 42.45
N VAL A 523 27.87 1.55 42.41
CA VAL A 523 28.79 0.53 41.91
C VAL A 523 29.01 -0.56 42.97
N ILE A 524 29.16 -0.16 44.23
CA ILE A 524 29.41 -1.13 45.30
C ILE A 524 28.18 -2.02 45.50
N GLU A 525 26.98 -1.42 45.48
CA GLU A 525 25.75 -2.19 45.57
C GLU A 525 25.63 -3.17 44.40
N ASN A 526 26.06 -2.75 43.22
CA ASN A 526 25.97 -3.60 42.03
C ASN A 526 26.83 -4.86 42.19
N GLU A 527 28.00 -4.73 42.82
CA GLU A 527 28.88 -5.88 43.01
C GLU A 527 28.39 -6.78 44.14
N GLU A 537 24.82 -4.57 32.34
CA GLU A 537 25.70 -3.61 31.68
C GLU A 537 25.68 -2.24 32.38
N GLU A 538 24.69 -2.03 33.25
CA GLU A 538 24.62 -0.83 34.06
C GLU A 538 25.93 -0.54 34.80
N GLY A 539 26.44 -1.52 35.56
CA GLY A 539 27.54 -1.26 36.47
C GLY A 539 28.78 -0.67 35.82
N ARG A 540 29.28 -1.33 34.77
CA ARG A 540 30.49 -0.85 34.09
C ARG A 540 30.26 0.46 33.35
N ASN A 541 29.00 0.77 32.98
CA ASN A 541 28.72 2.08 32.40
C ASN A 541 28.74 3.17 33.46
N ILE A 542 28.24 2.88 34.66
CA ILE A 542 28.33 3.84 35.76
C ILE A 542 29.78 4.11 36.11
N MET A 543 30.63 3.08 36.06
CA MET A 543 32.05 3.27 36.34
C MET A 543 32.72 4.17 35.31
N LYS A 544 32.25 4.14 34.05
CA LYS A 544 32.78 5.07 33.06
C LYS A 544 32.39 6.51 33.41
N PHE A 545 31.15 6.70 33.88
CA PHE A 545 30.73 8.03 34.32
C PHE A 545 31.61 8.52 35.47
N LEU A 546 31.87 7.64 36.44
CA LEU A 546 32.72 8.00 37.57
C LEU A 546 34.10 8.49 37.13
N SER A 547 34.68 7.84 36.11
CA SER A 547 35.99 8.27 35.63
C SER A 547 35.92 9.66 35.00
N VAL A 548 34.78 10.01 34.38
CA VAL A 548 34.63 11.35 33.84
C VAL A 548 34.51 12.36 34.97
N LEU A 549 33.73 12.04 36.00
CA LEU A 549 33.66 12.88 37.19
C LEU A 549 35.04 13.01 37.86
N SER A 550 35.81 11.92 37.87
CA SER A 550 37.12 11.93 38.53
C SER A 550 38.11 12.83 37.82
N SER A 551 37.99 12.98 36.50
CA SER A 551 38.93 13.80 35.74
C SER A 551 38.62 15.29 35.83
N CYS A 552 37.63 15.68 36.63
CA CYS A 552 37.28 17.08 36.82
C CYS A 552 38.30 17.76 37.74
N GLN A 553 38.27 19.10 37.73
CA GLN A 553 39.23 19.95 38.45
C GLN A 553 39.37 19.58 39.93
N ASP A 554 38.36 19.90 40.71
CA ASP A 554 38.21 19.44 42.09
C ASP A 554 37.04 18.47 42.10
N SER A 555 37.35 17.18 41.97
CA SER A 555 36.28 16.20 42.04
C SER A 555 35.69 16.17 43.45
N PHE A 556 34.62 15.39 43.59
CA PHE A 556 33.96 15.21 44.88
C PHE A 556 34.11 13.78 45.37
N ILE A 557 35.13 13.07 44.88
CA ILE A 557 35.50 11.75 45.38
C ILE A 557 36.44 11.95 46.56
N THR A 558 36.21 11.20 47.63
CA THR A 558 36.94 11.36 48.87
C THR A 558 37.71 10.08 49.21
N LYS A 559 38.45 10.14 50.32
CA LYS A 559 39.29 9.01 50.70
C LYS A 559 38.46 7.81 51.13
N ASP A 560 37.29 8.05 51.74
CA ASP A 560 36.41 6.95 52.09
C ASP A 560 35.76 6.34 50.87
N HIS A 561 35.57 7.14 49.81
CA HIS A 561 35.09 6.59 48.55
C HIS A 561 36.13 5.68 47.92
N ILE A 562 37.38 6.16 47.85
CA ILE A 562 38.43 5.39 47.19
C ILE A 562 38.82 4.19 48.04
N THR A 563 38.61 4.25 49.36
CA THR A 563 38.79 3.06 50.19
C THR A 563 37.73 2.01 49.88
N ALA A 564 36.47 2.45 49.79
CA ALA A 564 35.36 1.53 49.54
C ALA A 564 35.47 0.84 48.19
N LEU A 565 36.10 1.49 47.20
CA LEU A 565 36.23 0.89 45.89
C LEU A 565 37.35 -0.15 45.82
N TYR A 566 38.31 -0.10 46.74
CA TYR A 566 39.47 -0.98 46.70
C TYR A 566 39.15 -2.46 46.52
N PRO A 567 38.10 -3.04 47.14
CA PRO A 567 37.80 -4.46 46.86
C PRO A 567 37.58 -4.77 45.40
N TYR A 568 37.16 -3.81 44.59
CA TYR A 568 36.80 -4.05 43.20
C TYR A 568 37.90 -3.60 42.25
N LEU A 569 39.07 -3.27 42.79
CA LEU A 569 40.26 -3.12 41.97
C LEU A 569 40.89 -4.49 41.73
N HIS A 570 40.82 -5.36 42.74
CA HIS A 570 41.23 -6.75 42.60
C HIS A 570 40.41 -7.46 41.53
N SER A 571 39.09 -7.51 41.72
CA SER A 571 38.23 -8.40 40.97
C SER A 571 38.04 -7.94 39.53
N ASP A 572 38.19 -8.89 38.60
CA ASP A 572 37.98 -8.62 37.19
C ASP A 572 36.60 -9.13 36.80
N SER A 575 36.97 -6.78 30.27
CA SER A 575 36.25 -5.55 29.96
C SER A 575 36.99 -4.32 30.49
N ASP A 576 36.50 -3.14 30.12
CA ASP A 576 37.17 -1.88 30.44
C ASP A 576 36.90 -1.39 31.86
N PHE A 577 36.27 -2.21 32.71
CA PHE A 577 35.98 -1.78 34.08
C PHE A 577 37.27 -1.45 34.82
N GLN A 578 38.32 -2.24 34.62
CA GLN A 578 39.56 -2.03 35.36
C GLN A 578 40.27 -0.76 34.90
N LEU A 579 40.24 -0.47 33.60
CA LEU A 579 40.85 0.76 33.10
C LEU A 579 40.20 1.99 33.72
N HIS A 580 38.89 1.95 33.92
CA HIS A 580 38.19 3.11 34.45
C HIS A 580 38.47 3.31 35.94
N ILE A 581 38.45 2.23 36.73
CA ILE A 581 38.75 2.34 38.15
C ILE A 581 40.19 2.82 38.35
N LEU A 582 41.12 2.35 37.51
CA LEU A 582 42.48 2.87 37.56
C LEU A 582 42.51 4.37 37.27
N LYS A 583 41.71 4.83 36.30
CA LYS A 583 41.60 6.26 36.04
C LYS A 583 41.16 7.01 37.28
N VAL A 584 40.12 6.50 37.96
CA VAL A 584 39.61 7.14 39.17
C VAL A 584 40.70 7.23 40.22
N TYR A 585 41.43 6.14 40.43
CA TYR A 585 42.53 6.14 41.38
C TYR A 585 43.64 7.09 40.96
N ARG A 586 44.16 6.91 39.74
CA ARG A 586 45.20 7.80 39.21
C ARG A 586 44.85 9.26 39.42
N ASN A 587 43.62 9.65 39.09
CA ASN A 587 43.25 11.05 39.16
C ASN A 587 43.07 11.52 40.61
N THR A 588 42.36 10.72 41.41
CA THR A 588 42.08 11.12 42.79
C THR A 588 43.36 11.24 43.62
N PHE A 589 44.31 10.32 43.42
CA PHE A 589 45.56 10.40 44.17
C PHE A 589 46.44 11.57 43.76
N GLU A 590 46.17 12.19 42.61
CA GLU A 590 46.82 13.44 42.28
C GLU A 590 46.14 14.65 42.91
N GLN A 591 45.04 14.44 43.64
CA GLN A 591 44.26 15.52 44.22
C GLN A 591 44.16 15.42 45.73
N LEU A 592 43.76 14.28 46.27
CA LEU A 592 43.73 14.07 47.71
C LEU A 592 45.13 13.78 48.24
N SER A 593 45.31 14.04 49.54
CA SER A 593 46.54 13.69 50.23
C SER A 593 46.23 13.23 51.65
N HIS A 594 47.26 12.68 52.31
CA HIS A 594 47.20 12.25 53.71
C HIS A 594 46.32 11.00 53.90
N PHE A 595 46.65 9.95 53.15
CA PHE A 595 45.99 8.66 53.27
C PHE A 595 46.56 7.86 54.44
N LYS A 596 45.78 6.90 54.92
CA LYS A 596 46.26 5.97 55.93
C LYS A 596 47.40 5.14 55.38
N PRO A 597 48.51 4.99 56.13
CA PRO A 597 49.69 4.32 55.56
C PRO A 597 49.49 2.84 55.29
N LYS A 598 48.64 2.16 56.07
CA LYS A 598 48.40 0.73 55.82
C LYS A 598 47.64 0.52 54.52
N PHE A 599 46.70 1.41 54.21
CA PHE A 599 45.96 1.31 52.96
C PHE A 599 46.86 1.64 51.78
N LEU A 600 47.67 2.71 51.90
CA LEU A 600 48.66 3.01 50.88
C LEU A 600 49.56 1.80 50.59
N TYR A 601 49.93 1.06 51.63
CA TYR A 601 50.83 -0.07 51.44
C TYR A 601 50.17 -1.20 50.66
N ASP A 602 48.98 -1.62 51.09
CA ASP A 602 48.31 -2.73 50.43
C ASP A 602 47.90 -2.38 49.01
N LEU A 603 47.56 -1.11 48.75
CA LEU A 603 47.29 -0.67 47.38
C LEU A 603 48.54 -0.75 46.53
N GLU A 604 49.68 -0.28 47.05
CA GLU A 604 50.93 -0.34 46.30
C GLU A 604 51.31 -1.78 45.96
N THR A 605 50.99 -2.73 46.85
CA THR A 605 51.20 -4.14 46.53
C THR A 605 50.32 -4.56 45.37
N THR A 606 49.01 -4.25 45.45
CA THR A 606 48.06 -4.75 44.45
C THR A 606 48.37 -4.22 43.06
N ILE A 607 48.79 -2.96 42.96
CA ILE A 607 49.13 -2.39 41.66
C ILE A 607 50.40 -3.04 41.12
N LEU A 608 51.49 -3.01 41.90
CA LEU A 608 52.79 -3.47 41.40
C LEU A 608 52.79 -4.98 41.12
N SER A 609 51.94 -5.74 41.80
CA SER A 609 51.77 -7.14 41.48
C SER A 609 51.21 -7.34 40.08
N ARG A 610 50.16 -6.60 39.74
CA ARG A 610 49.44 -6.78 38.49
C ARG A 610 50.01 -5.95 37.34
N LEU A 611 51.07 -5.18 37.56
CA LEU A 611 51.70 -4.44 36.48
C LEU A 611 52.13 -5.33 35.31
N PRO A 612 52.78 -6.49 35.52
CA PRO A 612 53.18 -7.30 34.36
C PRO A 612 52.02 -7.68 33.45
N ARG A 613 50.88 -8.10 34.02
CA ARG A 613 49.77 -8.64 33.25
C ARG A 613 48.78 -7.58 32.78
N MET A 614 49.22 -6.34 32.58
CA MET A 614 48.33 -5.26 32.17
C MET A 614 48.63 -4.84 30.74
N ASN A 615 47.59 -4.44 30.03
CA ASN A 615 47.73 -3.95 28.67
C ASN A 615 48.25 -2.50 28.68
N VAL A 616 48.58 -2.00 27.49
CA VAL A 616 49.26 -0.71 27.38
C VAL A 616 48.41 0.41 27.97
N ARG A 617 47.11 0.44 27.65
CA ARG A 617 46.28 1.57 28.04
C ARG A 617 46.07 1.65 29.55
N GLU A 618 46.08 0.51 30.26
CA GLU A 618 46.00 0.59 31.72
C GLU A 618 47.37 0.86 32.33
N LEU A 619 48.46 0.45 31.68
CA LEU A 619 49.78 0.85 32.15
C LEU A 619 49.94 2.37 32.13
N ASP A 620 49.34 3.04 31.14
CA ASP A 620 49.43 4.50 31.06
C ASP A 620 48.64 5.18 32.17
N GLU A 621 47.86 4.43 32.94
CA GLU A 621 47.26 4.91 34.18
C GLU A 621 47.95 4.37 35.43
N ALA A 622 48.25 3.07 35.44
CA ALA A 622 48.74 2.43 36.66
C ALA A 622 50.15 2.89 37.02
N ILE A 623 51.02 3.07 36.03
CA ILE A 623 52.41 3.44 36.30
C ILE A 623 52.46 4.85 36.90
N PRO A 624 51.77 5.86 36.34
CA PRO A 624 51.71 7.15 37.05
C PRO A 624 51.09 7.03 38.42
N LEU A 625 50.08 6.15 38.56
CA LEU A 625 49.48 5.92 39.88
C LEU A 625 50.49 5.32 40.84
N SER A 626 51.30 4.36 40.37
CA SER A 626 52.33 3.78 41.20
C SER A 626 53.33 4.84 41.66
N TRP A 627 53.66 5.79 40.77
CA TRP A 627 54.54 6.89 41.15
C TRP A 627 53.87 7.80 42.18
N SER A 628 52.58 8.08 42.00
CA SER A 628 51.85 8.85 43.00
C SER A 628 51.90 8.18 44.37
N LEU A 629 51.59 6.88 44.42
CA LEU A 629 51.67 6.16 45.68
C LEU A 629 53.07 6.19 46.26
N SER A 630 54.09 6.09 45.40
CA SER A 630 55.47 6.27 45.83
C SER A 630 55.64 7.55 46.66
N ARG A 631 55.10 8.67 46.18
CA ARG A 631 55.35 9.93 46.86
C ARG A 631 54.44 10.12 48.08
N HIS A 632 53.24 9.56 48.05
CA HIS A 632 52.40 9.53 49.25
C HIS A 632 53.06 8.70 50.36
N ARG A 633 53.65 7.56 50.00
CA ARG A 633 54.38 6.76 50.97
C ARG A 633 55.64 7.46 51.46
N LYS A 634 56.20 8.36 50.65
CA LYS A 634 57.57 8.87 50.84
C LYS A 634 58.57 7.72 50.87
N ASP A 635 58.33 6.71 50.05
CA ASP A 635 59.20 5.54 49.95
C ASP A 635 59.21 5.05 48.53
N ASP A 636 60.38 5.03 47.90
CA ASP A 636 60.51 4.65 46.49
C ASP A 636 61.17 3.29 46.29
N THR A 637 61.34 2.50 47.36
CA THR A 637 62.08 1.25 47.23
C THR A 637 61.28 0.20 46.47
N ARG A 638 59.96 0.13 46.69
CA ARG A 638 59.18 -0.94 46.09
C ARG A 638 58.91 -0.67 44.61
N ILE A 639 58.66 0.58 44.24
CA ILE A 639 58.56 0.93 42.82
C ILE A 639 59.87 0.59 42.10
N CYS A 640 61.02 0.86 42.74
CA CYS A 640 62.29 0.51 42.12
C CYS A 640 62.47 -0.99 42.00
N LYS A 641 62.01 -1.74 43.00
CA LYS A 641 62.12 -3.20 42.92
C LYS A 641 61.30 -3.76 41.76
N ALA A 642 60.07 -3.26 41.59
CA ALA A 642 59.26 -3.69 40.44
C ALA A 642 59.88 -3.23 39.13
N CYS A 643 60.51 -2.05 39.12
CA CYS A 643 61.14 -1.56 37.90
C CYS A 643 62.39 -2.37 37.55
N ALA A 644 63.20 -2.69 38.54
CA ALA A 644 64.41 -3.49 38.28
C ALA A 644 64.06 -4.90 37.85
N SER A 645 63.05 -5.50 38.50
CA SER A 645 62.51 -6.77 38.03
C SER A 645 62.13 -6.71 36.56
N CYS A 646 61.52 -5.60 36.13
CA CYS A 646 61.15 -5.44 34.72
C CYS A 646 62.39 -5.41 33.83
N LEU A 647 63.42 -4.66 34.23
CA LEU A 647 64.62 -4.57 33.41
C LEU A 647 65.41 -5.87 33.40
N GLY A 648 65.33 -6.65 34.49
CA GLY A 648 65.98 -7.94 34.50
C GLY A 648 65.42 -8.89 33.47
N GLN A 649 64.08 -8.94 33.37
CA GLN A 649 63.43 -9.81 32.39
C GLN A 649 63.76 -9.47 30.96
N LEU A 650 64.33 -8.30 30.69
CA LEU A 650 64.79 -7.96 29.35
C LEU A 650 66.19 -8.47 29.05
N SER A 651 66.99 -8.74 30.08
CA SER A 651 68.38 -9.13 29.85
C SER A 651 68.55 -10.37 28.96
N PRO A 652 67.66 -11.37 28.96
CA PRO A 652 67.77 -12.40 27.92
C PRO A 652 67.60 -11.87 26.51
N TYR A 653 66.70 -10.89 26.30
CA TYR A 653 66.42 -10.42 24.95
C TYR A 653 67.50 -9.50 24.42
N ILE A 654 68.02 -8.59 25.26
CA ILE A 654 69.12 -7.73 24.83
C ILE A 654 70.38 -8.55 24.57
N ALA A 655 70.53 -9.68 25.25
CA ALA A 655 71.63 -10.60 24.93
C ALA A 655 71.43 -11.20 23.55
N ASN A 656 70.24 -11.77 23.30
CA ASN A 656 69.89 -12.25 21.98
C ASN A 656 69.76 -11.13 20.95
N ALA A 657 69.80 -9.87 21.38
CA ALA A 657 69.84 -8.75 20.44
C ALA A 657 71.25 -8.46 19.95
N THR A 658 72.28 -8.76 20.76
CA THR A 658 73.66 -8.66 20.30
C THR A 658 74.08 -9.86 19.46
N THR A 659 73.32 -10.94 19.52
CA THR A 659 73.23 -11.91 18.45
C THR A 659 71.88 -11.65 17.78
N ASP A 660 71.32 -12.64 17.09
CA ASP A 660 70.06 -12.33 16.41
C ASP A 660 69.24 -13.58 16.09
N PRO A 661 67.99 -13.45 15.61
CA PRO A 661 67.26 -14.68 15.27
C PRO A 661 67.80 -15.35 14.01
N ARG A 665 63.64 -12.96 17.45
CA ARG A 665 62.21 -13.25 17.36
C ARG A 665 61.46 -12.77 18.58
N PRO A 666 60.17 -12.52 18.41
CA PRO A 666 59.34 -12.07 19.53
C PRO A 666 57.96 -12.71 19.57
N ASP A 667 57.34 -12.74 20.76
CA ASP A 667 55.99 -13.30 20.87
C ASP A 667 55.38 -13.04 22.25
N GLY A 668 54.43 -12.11 22.32
CA GLY A 668 53.58 -11.92 23.49
C GLY A 668 54.14 -11.32 24.77
N LYS A 669 55.34 -11.73 25.20
CA LYS A 669 55.87 -11.29 26.49
C LYS A 669 56.86 -10.15 26.35
N LEU A 670 57.64 -10.13 25.27
CA LEU A 670 58.60 -9.06 25.06
C LEU A 670 57.88 -7.75 24.73
N GLN A 671 56.78 -7.83 23.98
CA GLN A 671 56.04 -6.63 23.58
C GLN A 671 55.59 -5.83 24.80
N ARG A 672 54.92 -6.48 25.75
CA ARG A 672 54.39 -5.78 26.91
C ARG A 672 55.47 -5.33 27.88
N LEU A 673 56.66 -5.92 27.82
CA LEU A 673 57.75 -5.51 28.70
C LEU A 673 58.61 -4.40 28.11
N LEU A 674 58.51 -4.14 26.81
CA LEU A 674 59.06 -2.90 26.26
C LEU A 674 58.15 -1.72 26.56
N TYR A 675 56.83 -1.93 26.57
CA TYR A 675 55.91 -0.90 27.03
C TYR A 675 56.10 -0.63 28.52
N LEU A 676 56.30 -1.69 29.31
CA LEU A 676 56.46 -1.51 30.75
C LEU A 676 57.77 -0.82 31.10
N ALA A 677 58.86 -1.21 30.44
CA ALA A 677 60.15 -0.56 30.68
C ALA A 677 60.10 0.91 30.27
N THR A 678 59.52 1.18 29.09
CA THR A 678 59.34 2.56 28.66
C THR A 678 58.45 3.33 29.63
N GLY A 679 57.34 2.71 30.05
CA GLY A 679 56.45 3.26 31.06
C GLY A 679 57.14 3.79 32.29
N PHE A 680 57.96 2.94 32.93
CA PHE A 680 58.77 3.41 34.06
C PHE A 680 59.66 4.57 33.65
N ALA A 681 60.29 4.49 32.48
CA ALA A 681 61.26 5.52 32.07
C ALA A 681 60.63 6.89 31.89
N ARG A 682 59.37 6.98 31.49
CA ARG A 682 58.76 8.28 31.25
C ARG A 682 57.95 8.79 32.42
N PHE A 683 57.34 7.92 33.22
CA PHE A 683 56.50 8.41 34.31
C PHE A 683 57.28 8.54 35.62
N CYS A 684 58.48 7.99 35.69
CA CYS A 684 59.36 8.15 36.83
C CYS A 684 60.79 8.21 36.29
N SER A 685 61.75 8.85 36.99
CA SER A 685 61.77 10.02 37.90
C SER A 685 62.57 9.64 39.14
N PHE A 686 62.82 8.35 39.31
CA PHE A 686 63.77 7.90 40.32
C PHE A 686 65.19 7.95 39.74
N GLU A 687 66.16 8.04 40.64
CA GLU A 687 67.56 8.23 40.26
C GLU A 687 68.44 7.19 40.95
N ASN A 688 69.30 6.53 40.16
CA ASN A 688 70.34 5.65 40.69
C ASN A 688 71.25 5.15 39.56
N ASN A 695 67.83 0.03 42.37
CA ASN A 695 68.45 -0.46 41.14
C ASN A 695 69.84 -1.05 41.42
N LEU A 696 70.33 -1.89 40.51
CA LEU A 696 71.55 -2.65 40.77
C LEU A 696 72.10 -3.34 39.53
N LYS A 697 72.65 -2.57 38.59
CA LYS A 697 73.42 -3.12 37.47
C LYS A 697 74.58 -2.21 37.12
N THR A 698 74.28 -1.01 36.62
CA THR A 698 75.30 -0.04 36.23
C THR A 698 74.82 1.35 36.60
N ARG A 699 75.74 2.18 37.11
CA ARG A 699 75.40 3.58 37.37
C ARG A 699 74.85 4.22 36.11
N GLU A 700 73.78 5.01 36.28
CA GLU A 700 73.16 5.66 35.13
C GLU A 700 71.92 6.45 35.53
N ASN A 701 71.33 7.12 34.55
CA ASN A 701 69.93 7.50 34.59
C ASN A 701 69.12 6.38 33.98
N ILE A 702 68.01 6.05 34.61
CA ILE A 702 67.24 4.87 34.17
C ILE A 702 66.71 5.10 32.76
N PHE A 703 66.28 6.32 32.46
CA PHE A 703 65.76 6.60 31.12
C PHE A 703 66.85 6.46 30.06
N GLU A 704 68.09 6.81 30.40
CA GLU A 704 69.20 6.61 29.46
C GLU A 704 69.48 5.13 29.26
N TYR A 705 69.35 4.34 30.33
CA TYR A 705 69.47 2.89 30.19
C TYR A 705 68.36 2.32 29.32
N VAL A 706 67.12 2.76 29.55
CA VAL A 706 65.98 2.22 28.82
C VAL A 706 66.06 2.55 27.33
N THR A 707 66.59 3.74 26.99
CA THR A 707 66.76 4.06 25.57
C THR A 707 67.83 3.17 24.93
N LYS A 708 68.95 2.98 25.63
CA LYS A 708 70.01 2.11 25.13
C LYS A 708 69.49 0.70 24.86
N CYS A 709 68.60 0.19 25.72
CA CYS A 709 67.97 -1.08 25.43
C CYS A 709 67.01 -0.98 24.25
N LEU A 710 66.27 0.13 24.13
CA LEU A 710 65.33 0.28 23.03
C LEU A 710 66.06 0.44 21.70
N LEU A 711 67.20 1.14 21.70
CA LEU A 711 68.00 1.23 20.48
C LEU A 711 68.47 -0.14 19.99
N MET A 712 68.66 -1.09 20.92
CA MET A 712 69.02 -2.45 20.51
C MET A 712 67.91 -3.12 19.72
N PHE A 713 66.65 -2.72 19.92
CA PHE A 713 65.54 -3.27 19.16
C PHE A 713 65.09 -2.33 18.03
N THR A 714 65.92 -1.35 17.66
CA THR A 714 65.59 -0.44 16.56
C THR A 714 66.71 -0.40 15.54
N GLU A 716 68.00 -2.96 11.36
CA GLU A 716 66.82 -3.47 10.67
C GLU A 716 66.82 -5.00 10.76
N ASN A 717 67.75 -5.53 11.57
CA ASN A 717 67.86 -6.97 11.77
C ASN A 717 66.64 -7.51 12.52
N ILE A 718 66.31 -6.88 13.65
CA ILE A 718 65.28 -7.39 14.56
C ILE A 718 63.92 -7.48 13.86
N HIS A 719 63.11 -8.45 14.30
CA HIS A 719 61.80 -8.71 13.72
C HIS A 719 60.97 -7.44 13.56
N HIS A 720 60.18 -7.40 12.48
CA HIS A 720 59.48 -6.18 12.09
C HIS A 720 58.51 -5.69 13.16
N VAL A 721 57.74 -6.60 13.76
CA VAL A 721 56.73 -6.16 14.73
C VAL A 721 57.36 -5.59 16.00
N ILE A 722 58.55 -6.05 16.37
CA ILE A 722 59.16 -5.52 17.60
C ILE A 722 59.83 -4.18 17.33
N ARG A 723 60.48 -4.03 16.18
CA ARG A 723 61.06 -2.73 15.82
C ARG A 723 60.02 -1.63 15.87
N ARG A 724 58.82 -1.89 15.34
CA ARG A 724 57.73 -0.91 15.40
C ARG A 724 57.46 -0.45 16.82
N ILE A 725 57.22 -1.40 17.73
CA ILE A 725 56.95 -1.07 19.13
C ILE A 725 58.14 -0.36 19.75
N ALA A 726 59.35 -0.85 19.45
CA ALA A 726 60.57 -0.22 19.99
C ALA A 726 60.71 1.21 19.50
N THR A 727 60.55 1.43 18.19
CA THR A 727 60.70 2.77 17.63
C THR A 727 59.60 3.70 18.14
N LYS A 728 58.37 3.19 18.23
CA LYS A 728 57.27 3.94 18.83
C LYS A 728 57.63 4.39 20.25
N ASN A 729 58.10 3.46 21.08
CA ASN A 729 58.43 3.79 22.46
C ASN A 729 59.65 4.69 22.56
N LEU A 730 60.59 4.59 21.62
CA LEU A 730 61.78 5.43 21.67
C LEU A 730 61.44 6.90 21.48
N VAL A 731 60.52 7.20 20.57
CA VAL A 731 60.08 8.58 20.39
C VAL A 731 59.30 9.06 21.61
N LYS A 732 58.52 8.16 22.23
CA LYS A 732 57.77 8.53 23.43
C LYS A 732 58.70 8.90 24.59
N ILE A 733 59.83 8.20 24.73
CA ILE A 733 60.78 8.60 25.77
C ILE A 733 61.43 9.94 25.42
N ALA A 734 61.84 10.10 24.17
CA ALA A 734 62.45 11.35 23.75
C ALA A 734 61.49 12.53 23.89
N SER A 735 60.18 12.27 23.87
CA SER A 735 59.21 13.33 24.12
C SER A 735 59.28 13.82 25.57
N ARG A 736 59.57 12.93 26.51
CA ARG A 736 59.69 13.36 27.90
C ARG A 736 61.07 13.94 28.19
N TYR A 737 62.09 13.54 27.42
CA TYR A 737 63.45 14.01 27.60
C TYR A 737 63.95 14.48 26.24
N PRO A 738 63.57 15.69 25.83
CA PRO A 738 63.86 16.15 24.46
C PRO A 738 65.33 16.25 24.12
N LYS A 739 66.23 16.30 25.10
CA LYS A 739 67.65 16.32 24.79
C LYS A 739 68.09 15.07 24.05
N LEU A 740 67.32 13.98 24.14
CA LEU A 740 67.63 12.78 23.36
C LEU A 740 67.55 13.04 21.86
N PHE A 741 66.68 13.95 21.42
CA PHE A 741 66.56 14.26 20.00
C PHE A 741 67.83 14.88 19.42
N ASN A 742 68.82 15.14 20.26
CA ASN A 742 70.14 15.56 19.78
C ASN A 742 71.08 14.38 19.56
N SER A 743 70.77 13.21 20.11
CA SER A 743 71.65 12.06 19.98
C SER A 743 71.71 11.56 18.54
N ARG A 744 72.94 11.44 18.02
CA ARG A 744 73.13 10.84 16.70
C ARG A 744 72.54 9.44 16.58
N HIS A 745 72.41 8.70 17.69
CA HIS A 745 71.84 7.36 17.60
C HIS A 745 70.34 7.39 17.29
N VAL A 746 69.57 8.18 18.04
CA VAL A 746 68.13 8.18 17.84
C VAL A 746 67.76 8.87 16.52
N LEU A 747 68.43 9.97 16.18
CA LEU A 747 68.19 10.62 14.90
C LEU A 747 68.43 9.67 13.73
N THR A 748 69.52 8.89 13.78
CA THR A 748 69.76 7.92 12.73
C THR A 748 68.72 6.80 12.71
N VAL A 749 67.98 6.62 13.80
CA VAL A 749 66.80 5.76 13.75
C VAL A 749 65.68 6.43 12.97
N LEU A 750 65.38 7.69 13.30
CA LEU A 750 64.33 8.41 12.59
C LEU A 750 64.69 8.61 11.13
N ASP A 751 65.96 8.89 10.84
CA ASP A 751 66.42 8.96 9.45
C ASP A 751 66.07 7.69 8.69
N THR A 752 66.42 6.54 9.27
CA THR A 752 66.26 5.26 8.59
C THR A 752 64.81 4.93 8.29
N GLN A 753 63.87 5.34 9.15
CA GLN A 753 62.48 4.97 8.94
C GLN A 753 61.78 5.85 7.91
N PHE A 754 62.17 7.12 7.81
CA PHE A 754 61.51 8.00 6.85
C PHE A 754 61.90 7.64 5.41
N GLU A 755 63.15 7.24 5.21
CA GLU A 755 63.59 6.95 3.85
C GLU A 755 63.15 5.55 3.40
N LYS A 756 63.30 4.55 4.28
CA LYS A 756 62.95 3.18 3.93
C LYS A 756 61.45 2.99 3.71
N GLY A 757 60.63 3.93 4.18
CA GLY A 757 59.29 4.12 3.66
C GLY A 757 58.23 3.13 4.12
N ILE A 758 58.57 2.15 4.97
CA ILE A 758 57.55 1.21 5.42
C ILE A 758 56.48 1.96 6.21
N LEU A 759 55.21 1.69 5.88
CA LEU A 759 54.12 2.58 6.28
C LEU A 759 53.71 2.42 7.73
N ASP A 760 53.80 1.21 8.30
CA ASP A 760 53.36 1.03 9.67
C ASP A 760 54.33 1.64 10.67
N ILE A 761 55.63 1.57 10.39
CA ILE A 761 56.61 2.22 11.25
C ILE A 761 56.60 3.74 11.04
N GLN A 762 56.71 4.17 9.78
CA GLN A 762 56.61 5.59 9.46
C GLN A 762 55.40 6.23 10.16
N LEU A 763 54.27 5.53 10.19
CA LEU A 763 53.08 6.06 10.84
C LEU A 763 53.29 6.33 12.32
N VAL A 764 53.82 5.35 13.07
CA VAL A 764 53.97 5.53 14.51
C VAL A 764 55.01 6.59 14.82
N VAL A 765 56.07 6.68 14.00
CA VAL A 765 57.01 7.79 14.14
C VAL A 765 56.27 9.11 13.96
N LEU A 766 55.38 9.19 12.97
CA LEU A 766 54.72 10.46 12.66
C LEU A 766 53.71 10.85 13.75
N GLU A 767 52.86 9.93 14.21
CA GLU A 767 51.95 10.29 15.29
C GLU A 767 52.70 10.62 16.56
N SER A 768 53.74 9.85 16.88
CA SER A 768 54.50 10.11 18.10
C SER A 768 55.19 11.47 18.06
N LEU A 769 55.84 11.81 16.94
CA LEU A 769 56.41 13.14 16.81
C LEU A 769 55.31 14.21 16.83
N TYR A 770 54.15 13.90 16.24
CA TYR A 770 53.04 14.84 16.24
C TYR A 770 52.56 15.13 17.66
N ASP A 771 52.46 14.11 18.50
CA ASP A 771 52.10 14.31 19.91
C ASP A 771 53.11 15.19 20.62
N PHE A 772 54.39 15.04 20.30
CA PHE A 772 55.43 15.87 20.91
C PHE A 772 55.21 17.35 20.57
N PHE A 773 54.96 17.65 19.31
CA PHE A 773 54.79 19.05 18.90
C PHE A 773 53.51 19.65 19.46
N LEU A 774 52.47 18.84 19.68
CA LEU A 774 51.27 19.36 20.32
C LEU A 774 51.51 19.68 21.79
N ALA A 775 52.20 18.77 22.50
CA ALA A 775 52.58 19.04 23.88
C ALA A 775 53.38 20.33 24.00
N GLU A 776 54.24 20.61 23.03
CA GLU A 776 54.99 21.87 23.01
C GLU A 776 54.06 23.06 23.10
N GLU A 777 52.98 23.05 22.34
CA GLU A 777 52.06 24.18 22.30
C GLU A 777 51.37 24.36 23.65
N ARG A 778 50.87 23.26 24.24
CA ARG A 778 50.21 23.34 25.54
C ARG A 778 51.13 23.93 26.60
N ARG A 779 52.43 23.68 26.51
CA ARG A 779 53.35 24.16 27.52
C ARG A 779 53.91 25.54 27.23
N SER A 780 53.69 26.06 26.01
CA SER A 780 53.99 27.46 25.74
C SER A 780 52.84 28.38 26.16
N LEU A 781 51.70 27.81 26.53
CA LEU A 781 50.55 28.57 27.00
C LEU A 781 50.48 28.69 28.51
N ILE A 782 51.44 28.12 29.24
CA ILE A 782 51.51 28.28 30.68
C ILE A 782 51.99 29.70 31.00
N SER A 808 58.39 22.97 30.65
CA SER A 808 59.52 23.62 30.01
C SER A 808 59.40 23.66 28.49
N ILE A 809 59.99 24.68 27.87
CA ILE A 809 59.96 24.87 26.43
C ILE A 809 61.35 24.58 25.87
N ASN A 810 61.40 24.22 24.58
CA ASN A 810 62.62 23.79 23.89
C ASN A 810 62.40 23.99 22.38
N ASP A 811 62.43 25.26 21.98
CA ASP A 811 62.15 25.61 20.58
C ASP A 811 63.29 25.17 19.67
N GLY A 812 64.53 25.27 20.15
CA GLY A 812 65.66 24.92 19.30
C GLY A 812 65.64 23.48 18.83
N ILE A 813 65.23 22.56 19.72
CA ILE A 813 65.19 21.15 19.35
C ILE A 813 64.09 20.90 18.33
N CYS A 814 62.91 21.47 18.55
CA CYS A 814 61.81 21.29 17.61
C CYS A 814 62.13 21.89 16.25
N SER A 815 62.83 23.02 16.24
CA SER A 815 63.25 23.60 14.96
C SER A 815 64.29 22.73 14.29
N ALA A 816 65.19 22.13 15.07
CA ALA A 816 66.14 21.15 14.53
C ALA A 816 65.41 19.99 13.85
N LEU A 817 64.36 19.47 14.49
CA LEU A 817 63.64 18.33 13.93
C LEU A 817 62.87 18.73 12.68
N VAL A 818 62.31 19.95 12.67
CA VAL A 818 61.56 20.41 11.51
C VAL A 818 62.49 20.57 10.30
N SER A 819 63.67 21.12 10.53
CA SER A 819 64.58 21.38 9.41
C SER A 819 65.02 20.08 8.72
N ARG A 820 65.16 19.00 9.49
CA ARG A 820 65.58 17.75 8.89
C ARG A 820 64.44 17.04 8.18
N TYR A 821 63.29 16.88 8.85
CA TYR A 821 62.23 15.99 8.40
C TYR A 821 61.08 16.68 7.69
N LEU A 822 61.10 18.01 7.54
CA LEU A 822 59.98 18.70 6.89
C LEU A 822 59.80 18.23 5.44
N ASP A 823 60.90 18.22 4.68
CA ASP A 823 60.88 17.70 3.31
C ASP A 823 60.14 16.37 3.21
N LYS A 824 60.49 15.43 4.10
CA LYS A 824 59.90 14.09 4.01
C LYS A 824 58.45 14.09 4.48
N ILE A 825 58.11 14.96 5.44
CA ILE A 825 56.72 15.07 5.89
C ILE A 825 55.85 15.62 4.77
N LEU A 826 56.32 16.66 4.07
CA LEU A 826 55.57 17.20 2.94
C LEU A 826 55.27 16.14 1.89
N LYS A 827 56.23 15.23 1.66
CA LYS A 827 56.02 14.14 0.72
C LYS A 827 54.89 13.22 1.16
N ILE A 828 54.84 12.87 2.44
CA ILE A 828 53.84 11.92 2.94
C ILE A 828 52.43 12.48 2.81
N CYS A 829 52.27 13.80 2.87
CA CYS A 829 50.96 14.41 2.67
C CYS A 829 50.36 14.04 1.31
N LEU A 830 51.20 13.83 0.29
CA LEU A 830 50.75 13.57 -1.06
C LEU A 830 50.91 12.11 -1.49
N ILE A 831 51.03 11.17 -0.55
CA ILE A 831 51.08 9.75 -0.92
C ILE A 831 49.67 9.18 -0.95
N ALA A 832 49.54 7.97 -1.52
CA ALA A 832 48.22 7.39 -1.75
C ALA A 832 47.56 6.94 -0.45
N ASP A 833 48.31 6.29 0.44
CA ASP A 833 47.74 5.80 1.69
C ASP A 833 47.40 6.98 2.60
N LEU A 834 46.11 7.11 2.94
CA LEU A 834 45.65 8.27 3.67
C LEU A 834 45.85 8.17 5.17
N ASN A 835 46.11 6.97 5.71
CA ASN A 835 46.47 6.86 7.12
C ASN A 835 47.67 7.75 7.45
N ASN A 836 48.78 7.53 6.75
CA ASN A 836 49.96 8.35 6.97
C ASN A 836 49.74 9.78 6.47
N ALA A 837 49.00 9.94 5.38
CA ALA A 837 48.78 11.27 4.81
C ALA A 837 47.95 12.15 5.74
N MET A 838 46.99 11.56 6.45
CA MET A 838 46.18 12.34 7.38
C MET A 838 47.01 12.81 8.57
N VAL A 839 47.80 11.90 9.15
CA VAL A 839 48.65 12.26 10.28
C VAL A 839 49.69 13.29 9.86
N ALA A 840 50.21 13.16 8.64
CA ALA A 840 51.21 14.11 8.13
C ALA A 840 50.62 15.50 7.97
N ILE A 841 49.44 15.61 7.35
CA ILE A 841 48.88 16.94 7.09
C ILE A 841 48.48 17.62 8.40
N ARG A 842 47.98 16.85 9.36
CA ARG A 842 47.70 17.44 10.67
C ARG A 842 49.00 17.85 11.37
N PHE A 843 50.06 17.07 11.20
CA PHE A 843 51.38 17.51 11.65
C PHE A 843 51.76 18.83 10.99
N LEU A 844 51.64 18.89 9.66
CA LEU A 844 51.97 20.12 8.94
C LEU A 844 51.15 21.30 9.43
N LYS A 845 49.86 21.07 9.74
CA LYS A 845 49.00 22.12 10.27
C LYS A 845 49.58 22.70 11.56
N GLN A 846 50.03 21.83 12.47
CA GLN A 846 50.60 22.29 13.73
C GLN A 846 51.89 23.06 13.50
N ILE A 847 52.73 22.58 12.57
CA ILE A 847 53.98 23.25 12.26
C ILE A 847 53.72 24.69 11.80
N LEU A 848 52.70 24.89 10.97
CA LEU A 848 52.39 26.22 10.47
C LEU A 848 51.89 27.14 11.57
N THR A 849 50.87 26.71 12.32
CA THR A 849 50.26 27.57 13.33
C THR A 849 51.24 27.97 14.41
N TYR A 850 52.12 27.05 14.83
CA TYR A 850 53.15 27.42 15.81
C TYR A 850 54.16 28.39 15.20
N GLY A 851 54.48 28.20 13.92
CA GLY A 851 55.33 29.12 13.21
C GLY A 851 56.80 28.77 13.15
N TYR A 852 57.14 27.48 13.16
CA TYR A 852 58.54 27.09 13.06
C TYR A 852 59.15 27.49 11.72
N THR A 853 58.38 27.36 10.65
CA THR A 853 58.87 27.56 9.30
C THR A 853 58.39 28.88 8.71
N ASN A 854 59.07 29.31 7.67
CA ASN A 854 58.48 30.24 6.72
C ASN A 854 57.31 29.54 6.03
N PRO A 855 56.14 30.19 5.96
CA PRO A 855 54.96 29.50 5.40
C PRO A 855 55.15 28.96 4.00
N SER A 856 55.95 29.62 3.16
CA SER A 856 56.07 29.23 1.76
C SER A 856 56.65 27.83 1.56
N LEU A 857 57.29 27.26 2.57
CA LEU A 857 57.75 25.88 2.47
C LEU A 857 56.59 24.88 2.42
N CYS A 858 55.41 25.28 2.91
CA CYS A 858 54.27 24.39 3.04
C CYS A 858 53.11 24.71 2.09
N VAL A 859 53.03 25.95 1.59
CA VAL A 859 51.84 26.33 0.80
C VAL A 859 51.71 25.54 -0.49
N PRO A 860 52.78 25.20 -1.22
CA PRO A 860 52.59 24.33 -2.40
C PRO A 860 51.91 23.01 -2.07
N THR A 861 52.25 22.41 -0.93
CA THR A 861 51.61 21.15 -0.54
C THR A 861 50.16 21.36 -0.16
N VAL A 862 49.84 22.48 0.48
CA VAL A 862 48.47 22.73 0.90
C VAL A 862 47.58 23.03 -0.29
N ILE A 863 48.08 23.81 -1.24
CA ILE A 863 47.38 24.01 -2.52
C ILE A 863 47.16 22.67 -3.21
N ALA A 864 48.25 21.90 -3.38
CA ALA A 864 48.16 20.59 -4.01
C ALA A 864 47.05 19.74 -3.42
N LEU A 865 46.94 19.72 -2.10
CA LEU A 865 45.93 18.91 -1.44
C LEU A 865 44.51 19.38 -1.72
N THR A 866 44.31 20.65 -2.09
CA THR A 866 42.98 21.09 -2.49
C THR A 866 42.51 20.43 -3.78
N ALA A 867 43.39 19.69 -4.48
CA ALA A 867 43.03 18.92 -5.66
C ALA A 867 42.60 17.50 -5.32
N SER A 868 42.54 17.13 -4.04
CA SER A 868 42.31 15.75 -3.68
C SER A 868 40.89 15.32 -4.05
N PRO A 869 40.70 14.07 -4.50
CA PRO A 869 39.35 13.53 -4.60
C PRO A 869 38.75 13.19 -3.25
N ASN A 870 39.57 13.10 -2.20
CA ASN A 870 39.08 12.83 -0.87
C ASN A 870 38.43 14.07 -0.28
N SER A 871 37.29 13.87 0.38
CA SER A 871 36.50 14.99 0.89
C SER A 871 37.24 15.70 2.03
N TYR A 872 37.65 14.94 3.05
CA TYR A 872 38.29 15.51 4.23
C TYR A 872 39.54 16.31 3.85
N MET A 873 40.43 15.72 3.05
CA MET A 873 41.67 16.41 2.68
C MET A 873 41.38 17.69 1.91
N ARG A 874 40.48 17.61 0.93
CA ARG A 874 40.17 18.77 0.10
C ARG A 874 39.56 19.91 0.91
N ASP A 875 38.70 19.59 1.89
CA ASP A 875 38.15 20.62 2.76
C ASP A 875 39.21 21.16 3.71
N LEU A 876 39.88 20.26 4.45
CA LEU A 876 40.93 20.66 5.39
C LEU A 876 41.99 21.52 4.73
N SER A 877 42.32 21.23 3.48
CA SER A 877 43.30 22.02 2.74
C SER A 877 42.81 23.44 2.51
N SER A 878 41.53 23.59 2.16
CA SER A 878 41.03 24.88 1.69
C SER A 878 40.89 25.89 2.82
N GLU A 879 40.62 25.44 4.05
CA GLU A 879 40.60 26.39 5.16
C GLU A 879 42.01 26.78 5.59
N MET A 880 42.93 25.81 5.60
CA MET A 880 44.35 26.14 5.80
C MET A 880 44.82 27.16 4.77
N PHE A 881 44.43 26.98 3.51
CA PHE A 881 44.84 27.92 2.48
C PHE A 881 44.12 29.26 2.62
N SER A 882 42.84 29.24 2.97
CA SER A 882 42.14 30.47 3.32
C SER A 882 42.83 31.15 4.49
N GLU A 883 43.28 30.36 5.46
CA GLU A 883 43.94 30.88 6.66
C GLU A 883 45.27 31.53 6.32
N LEU A 884 46.03 30.95 5.38
CA LEU A 884 47.30 31.52 4.99
C LEU A 884 47.11 32.71 4.06
N LEU A 885 45.98 32.76 3.35
CA LEU A 885 45.71 33.87 2.44
C LEU A 885 45.54 35.18 3.21
N GLN A 886 44.71 35.16 4.26
CA GLN A 886 44.54 36.37 5.08
C GLN A 886 45.85 36.77 5.74
N GLY A 887 46.58 35.79 6.28
CA GLY A 887 47.80 36.11 7.01
C GLY A 887 48.95 36.50 6.11
N TYR A 888 49.17 35.75 5.02
CA TYR A 888 50.29 35.96 4.11
C TYR A 888 49.74 35.92 2.68
N GLU A 889 49.17 37.04 2.22
CA GLU A 889 48.57 37.07 0.89
C GLU A 889 49.63 36.99 -0.19
N SER A 890 50.59 37.91 -0.16
CA SER A 890 51.56 38.02 -1.25
C SER A 890 52.50 36.82 -1.31
N MET A 891 52.72 36.12 -0.20
CA MET A 891 53.54 34.93 -0.24
C MET A 891 52.81 33.77 -0.94
N ALA A 892 51.53 33.59 -0.63
CA ALA A 892 50.75 32.54 -1.27
C ALA A 892 50.76 32.67 -2.78
N PHE A 893 50.73 33.90 -3.30
CA PHE A 893 50.78 34.09 -4.74
C PHE A 893 52.13 33.66 -5.32
N ASN A 894 53.22 33.85 -4.58
CA ASN A 894 54.52 33.38 -5.03
C ASN A 894 54.63 31.86 -5.02
N CYS A 895 53.76 31.16 -4.28
CA CYS A 895 53.76 29.70 -4.24
C CYS A 895 52.69 29.08 -5.12
N LEU A 896 51.92 29.90 -5.82
CA LEU A 896 50.80 29.38 -6.61
C LEU A 896 51.30 28.48 -7.74
N ASN A 897 52.43 28.86 -8.36
CA ASN A 897 53.03 28.04 -9.41
C ASN A 897 53.32 26.62 -8.93
N GLN A 898 54.18 26.47 -7.90
CA GLN A 898 54.51 25.12 -7.44
C GLN A 898 53.29 24.38 -6.91
N GLY A 899 52.36 25.10 -6.28
CA GLY A 899 51.13 24.47 -5.82
C GLY A 899 50.38 23.80 -6.96
N ILE A 900 50.19 24.53 -8.06
CA ILE A 900 49.51 23.97 -9.23
C ILE A 900 50.26 22.73 -9.74
N ARG A 901 51.59 22.82 -9.86
CA ARG A 901 52.33 21.69 -10.43
C ARG A 901 52.25 20.46 -9.53
N LEU A 902 52.48 20.64 -8.22
CA LEU A 902 52.28 19.51 -7.32
C LEU A 902 50.81 19.07 -7.30
N GLY A 903 49.90 20.02 -7.45
CA GLY A 903 48.48 19.72 -7.57
C GLY A 903 48.15 18.76 -8.70
N THR A 904 48.51 19.12 -9.93
CA THR A 904 48.18 18.27 -11.07
C THR A 904 48.88 16.92 -10.99
N GLU A 905 50.13 16.89 -10.54
CA GLU A 905 50.84 15.63 -10.40
C GLU A 905 50.17 14.74 -9.36
N TYR A 906 49.72 15.33 -8.25
CA TYR A 906 49.02 14.57 -7.21
C TYR A 906 47.69 14.04 -7.73
N ALA A 907 46.87 14.91 -8.31
CA ALA A 907 45.58 14.50 -8.89
C ALA A 907 45.75 13.32 -9.84
N VAL A 908 46.70 13.42 -10.77
CA VAL A 908 46.88 12.36 -11.75
C VAL A 908 47.43 11.09 -11.11
N LYS A 909 48.21 11.24 -10.03
CA LYS A 909 48.84 10.08 -9.39
C LYS A 909 47.81 9.20 -8.68
N ILE A 910 46.83 9.81 -8.00
CA ILE A 910 45.91 9.04 -7.17
C ILE A 910 44.88 8.32 -8.02
N ARG A 911 44.37 8.99 -9.06
CA ARG A 911 43.34 8.44 -9.94
C ARG A 911 43.90 8.44 -11.37
N PRO A 912 44.77 7.49 -11.71
CA PRO A 912 45.40 7.51 -13.04
C PRO A 912 44.42 7.42 -14.19
N LYS A 913 43.32 6.69 -14.03
CA LYS A 913 42.34 6.54 -15.09
C LYS A 913 41.20 7.55 -15.03
N GLN A 914 40.95 8.12 -13.85
CA GLN A 914 39.77 8.94 -13.62
C GLN A 914 40.06 10.33 -13.06
N PHE A 915 41.33 10.77 -13.09
CA PHE A 915 41.68 12.10 -12.58
C PHE A 915 40.87 13.23 -13.23
N HIS A 916 40.52 13.08 -14.50
CA HIS A 916 39.89 14.16 -15.26
C HIS A 916 38.48 14.51 -14.80
N GLU A 917 37.87 13.70 -13.93
CA GLU A 917 36.50 13.96 -13.51
C GLU A 917 36.35 15.21 -12.64
N ASP A 918 37.47 15.78 -12.16
CA ASP A 918 37.47 17.01 -11.36
C ASP A 918 38.19 18.09 -12.17
N SER A 919 37.43 19.01 -12.75
CA SER A 919 37.97 20.13 -13.50
C SER A 919 37.93 21.46 -12.74
N MET A 920 37.61 21.43 -11.45
CA MET A 920 37.38 22.66 -10.70
C MET A 920 38.51 23.02 -9.74
N PHE A 921 39.59 22.24 -9.71
CA PHE A 921 40.77 22.57 -8.91
C PHE A 921 41.22 24.02 -9.06
N LEU A 922 41.56 24.45 -10.27
CA LEU A 922 42.02 25.82 -10.46
C LEU A 922 40.93 26.86 -10.17
N ARG A 923 39.66 26.52 -10.41
CA ARG A 923 38.59 27.48 -10.18
C ARG A 923 38.40 27.73 -8.69
N ARG A 924 38.40 26.66 -7.89
CA ARG A 924 38.35 26.80 -6.44
C ARG A 924 39.46 27.71 -5.93
N LEU A 925 40.67 27.59 -6.51
CA LEU A 925 41.75 28.50 -6.14
C LEU A 925 41.45 29.93 -6.58
N GLN A 926 40.88 30.10 -7.77
CA GLN A 926 40.64 31.45 -8.28
C GLN A 926 39.63 32.18 -7.41
N GLN A 927 38.59 31.49 -6.95
CA GLN A 927 37.60 32.12 -6.10
C GLN A 927 38.18 32.47 -4.74
N LEU A 928 39.04 31.61 -4.19
CA LEU A 928 39.74 31.93 -2.95
C LEU A 928 40.66 33.13 -3.10
N MET A 929 41.38 33.21 -4.23
CA MET A 929 42.50 34.14 -4.33
C MET A 929 42.21 35.41 -5.11
N SER A 930 41.12 35.46 -5.87
CA SER A 930 40.84 36.58 -6.78
C SER A 930 39.72 37.40 -6.16
N THR A 931 40.10 38.33 -5.27
CA THR A 931 39.16 39.20 -4.58
C THR A 931 39.76 40.59 -4.48
N ASN A 932 40.06 41.15 -5.65
CA ASN A 932 40.83 42.38 -5.77
C ASN A 932 41.00 42.72 -7.25
N LYS A 933 41.21 44.01 -7.47
CA LYS A 933 41.62 44.53 -8.76
C LYS A 933 42.84 43.80 -9.28
N ARG A 934 43.93 43.85 -8.49
CA ARG A 934 45.21 43.31 -8.91
C ARG A 934 45.30 41.80 -8.76
N ASN A 935 44.58 41.22 -7.79
CA ASN A 935 44.68 39.78 -7.57
C ASN A 935 44.04 38.97 -8.71
N ARG A 936 42.98 39.49 -9.32
CA ARG A 936 42.28 38.74 -10.35
C ARG A 936 43.17 38.52 -11.58
N SER A 937 44.00 39.51 -11.92
CA SER A 937 44.91 39.38 -13.05
C SER A 937 46.22 38.71 -12.67
N LYS A 938 46.63 38.76 -11.40
CA LYS A 938 47.84 38.06 -10.98
C LYS A 938 47.63 36.55 -11.03
N PHE A 939 46.49 36.07 -10.55
CA PHE A 939 46.18 34.65 -10.67
C PHE A 939 46.19 34.20 -12.12
N LEU A 940 45.63 35.02 -13.01
CA LEU A 940 45.59 34.69 -14.43
C LEU A 940 47.00 34.68 -15.03
N LYS A 941 47.83 35.64 -14.65
CA LYS A 941 49.21 35.67 -15.15
C LYS A 941 49.98 34.43 -14.72
N VAL A 942 49.78 33.98 -13.49
CA VAL A 942 50.52 32.82 -12.98
C VAL A 942 50.09 31.55 -13.69
N VAL A 943 48.78 31.33 -13.79
CA VAL A 943 48.26 30.14 -14.47
C VAL A 943 48.76 30.09 -15.91
N LYS A 944 48.88 31.24 -16.56
CA LYS A 944 49.37 31.26 -17.94
C LYS A 944 50.85 30.91 -18.00
N LYS A 945 51.66 31.50 -17.12
CA LYS A 945 53.08 31.17 -17.06
C LYS A 945 53.30 29.69 -16.78
N THR A 946 52.55 29.12 -15.84
CA THR A 946 52.76 27.72 -15.48
C THR A 946 52.46 26.79 -16.65
N VAL A 947 51.33 26.99 -17.31
CA VAL A 947 50.91 26.09 -18.39
C VAL A 947 51.92 26.12 -19.53
N PHE A 948 52.39 27.31 -19.90
CA PHE A 948 53.27 27.42 -21.06
C PHE A 948 54.76 27.24 -20.72
N SER A 949 55.22 27.75 -19.59
CA SER A 949 56.63 27.54 -19.22
C SER A 949 56.88 26.11 -18.74
N ASN A 950 55.94 25.52 -18.03
CA ASN A 950 56.19 24.23 -17.39
C ASN A 950 55.62 23.02 -18.12
N TYR A 951 54.59 23.20 -18.94
CA TYR A 951 53.90 22.06 -19.53
C TYR A 951 53.88 22.03 -21.05
N LEU A 952 53.96 23.19 -21.71
CA LEU A 952 53.97 23.25 -23.17
C LEU A 952 55.22 23.94 -23.70
N SER A 953 56.33 23.81 -23.00
CA SER A 953 57.61 24.30 -23.48
C SER A 953 58.40 23.16 -24.14
N THR A 954 59.50 23.53 -24.78
CA THR A 954 60.35 22.54 -25.43
C THR A 954 61.18 21.72 -24.45
N SER A 955 61.34 22.20 -23.22
CA SER A 955 62.05 21.43 -22.19
C SER A 955 61.20 20.31 -21.60
N VAL A 956 59.96 20.18 -22.02
CA VAL A 956 59.03 19.21 -21.46
C VAL A 956 59.19 17.87 -22.17
N ASN A 957 59.21 16.80 -21.38
CA ASN A 957 59.10 15.44 -21.90
C ASN A 957 57.62 15.06 -21.86
N TYR A 958 56.98 15.03 -23.02
CA TYR A 958 55.54 14.81 -23.09
C TYR A 958 55.15 13.38 -22.78
N GLU A 959 56.10 12.45 -22.77
CA GLU A 959 55.79 11.10 -22.33
C GLU A 959 55.46 11.09 -20.84
N GLU A 960 56.19 11.88 -20.05
CA GLU A 960 55.91 12.02 -18.63
C GLU A 960 54.75 12.97 -18.35
N SER A 961 54.46 13.92 -19.24
CA SER A 961 53.62 15.06 -18.89
C SER A 961 52.27 15.11 -19.61
N CYS A 962 51.99 14.21 -20.54
CA CYS A 962 50.78 14.35 -21.35
C CYS A 962 49.52 14.24 -20.49
N TYR A 963 49.49 13.31 -19.54
CA TYR A 963 48.34 13.21 -18.65
C TYR A 963 48.19 14.44 -17.76
N HIS A 964 49.31 15.03 -17.33
CA HIS A 964 49.23 16.29 -16.61
C HIS A 964 48.63 17.39 -17.47
N ILE A 965 49.04 17.47 -18.73
CA ILE A 965 48.52 18.49 -19.63
C ILE A 965 47.01 18.31 -19.82
N ILE A 966 46.56 17.05 -19.84
CA ILE A 966 45.12 16.77 -19.94
C ILE A 966 44.39 17.32 -18.72
N TYR A 967 44.81 16.89 -17.52
CA TYR A 967 44.22 17.37 -16.28
C TYR A 967 44.11 18.89 -16.26
N LEU A 968 45.19 19.57 -16.63
CA LEU A 968 45.17 21.03 -16.65
C LEU A 968 44.12 21.55 -17.62
N LEU A 969 44.16 21.10 -18.88
CA LEU A 969 43.32 21.67 -19.92
C LEU A 969 41.84 21.63 -19.53
N HIS A 970 41.42 20.55 -18.87
CA HIS A 970 40.12 20.53 -18.21
C HIS A 970 39.94 21.74 -17.31
N ASN A 971 40.82 21.87 -16.32
CA ASN A 971 40.71 22.96 -15.35
C ASN A 971 40.76 24.34 -16.01
N LEU A 972 41.53 24.49 -17.09
CA LEU A 972 41.58 25.80 -17.73
C LEU A 972 40.27 26.11 -18.47
N SER A 973 39.45 25.10 -18.75
CA SER A 973 38.14 25.34 -19.35
C SER A 973 37.18 25.99 -18.35
N LYS A 974 37.24 25.60 -17.09
CA LYS A 974 36.30 26.09 -16.09
C LYS A 974 36.78 27.31 -15.32
N ILE A 975 37.97 27.84 -15.60
CA ILE A 975 38.38 29.09 -14.97
C ILE A 975 37.68 30.25 -15.66
N SER A 976 37.79 31.44 -15.06
CA SER A 976 37.29 32.68 -15.64
C SER A 976 38.44 33.51 -16.16
N TYR A 977 38.38 33.87 -17.45
CA TYR A 977 39.39 34.69 -18.07
C TYR A 977 39.12 36.18 -17.90
N ASP A 978 38.03 36.55 -17.20
CA ASP A 978 37.67 37.92 -16.86
C ASP A 978 37.13 38.66 -18.07
N ASN A 979 37.89 38.69 -19.16
CA ASN A 979 37.47 39.37 -20.37
C ASN A 979 37.80 38.53 -21.59
N MET A 980 37.21 38.91 -22.73
CA MET A 980 37.37 38.13 -23.96
C MET A 980 38.81 38.14 -24.46
N LEU A 981 39.57 39.21 -24.20
CA LEU A 981 40.94 39.26 -24.70
C LEU A 981 41.80 38.18 -24.06
N GLU A 982 41.73 38.06 -22.73
CA GLU A 982 42.53 37.03 -22.06
C GLU A 982 42.09 35.64 -22.50
N LEU A 983 40.80 35.46 -22.76
CA LEU A 983 40.33 34.20 -23.32
C LEU A 983 40.82 34.01 -24.75
N TYR A 984 40.64 35.03 -25.60
CA TYR A 984 41.05 34.90 -27.00
C TYR A 984 42.57 34.82 -27.14
N GLU A 985 43.30 35.64 -26.37
CA GLU A 985 44.76 35.53 -26.36
C GLU A 985 45.20 34.14 -25.91
N MET A 986 44.37 33.45 -25.12
CA MET A 986 44.72 32.11 -24.69
C MET A 986 44.64 31.11 -25.84
N LEU A 987 43.50 31.06 -26.54
CA LEU A 987 43.36 30.09 -27.61
C LEU A 987 44.35 30.35 -28.73
N ARG A 988 44.64 31.63 -28.99
CA ARG A 988 45.76 32.01 -29.85
C ARG A 988 47.02 31.23 -29.50
N SER A 989 47.34 31.15 -28.21
CA SER A 989 48.59 30.51 -27.78
C SER A 989 48.52 28.99 -27.92
N VAL A 990 47.41 28.38 -27.53
CA VAL A 990 47.32 26.91 -27.59
C VAL A 990 47.29 26.42 -29.03
N ILE A 991 46.62 27.16 -29.93
CA ILE A 991 46.62 26.74 -31.34
C ILE A 991 48.03 26.82 -31.91
N SER A 992 48.80 27.84 -31.52
CA SER A 992 50.20 27.94 -31.97
C SER A 992 50.99 26.72 -31.51
N VAL A 993 50.83 26.36 -30.24
CA VAL A 993 51.47 25.14 -29.71
C VAL A 993 50.97 23.91 -30.46
N SER A 994 49.67 23.89 -30.79
CA SER A 994 49.12 22.77 -31.53
C SER A 994 49.76 22.62 -32.90
N GLU A 995 49.81 23.72 -33.66
CA GLU A 995 50.44 23.67 -34.97
C GLU A 995 51.92 23.36 -34.88
N TYR A 996 52.59 23.84 -33.83
CA TYR A 996 53.97 23.41 -33.57
C TYR A 996 54.04 21.89 -33.48
N PHE A 997 53.19 21.29 -32.64
CA PHE A 997 53.18 19.84 -32.49
C PHE A 997 52.92 19.16 -33.83
N SER A 998 51.96 19.69 -34.61
CA SER A 998 51.66 19.11 -35.92
C SER A 998 52.92 19.03 -36.79
N ASP A 999 53.72 20.09 -36.81
CA ASP A 999 54.94 20.11 -37.63
C ASP A 999 55.93 19.05 -37.17
N ARG A 1000 55.93 18.73 -35.88
CA ARG A 1000 56.87 17.75 -35.34
C ARG A 1000 56.35 16.32 -35.53
N ILE A 1001 55.03 16.14 -35.62
CA ILE A 1001 54.51 14.84 -36.00
C ILE A 1001 54.73 14.63 -37.50
N SER A 1002 54.54 15.70 -38.29
CA SER A 1002 54.75 15.61 -39.73
C SER A 1002 56.21 15.26 -40.07
N GLU A 1003 57.16 15.59 -39.20
CA GLU A 1003 58.56 15.22 -39.43
C GLU A 1003 58.86 13.76 -39.08
N ARG A 1004 57.99 13.06 -38.38
CA ARG A 1004 58.24 11.67 -38.04
C ARG A 1004 57.80 10.73 -39.16
N LEU A 1005 56.52 10.79 -39.52
CA LEU A 1005 56.03 9.97 -40.63
C LEU A 1005 56.59 10.43 -41.98
N ASP A 1006 57.31 11.56 -42.03
CA ASP A 1006 58.09 11.95 -43.19
C ASP A 1006 59.39 11.16 -43.32
N GLY A 1007 59.50 10.05 -42.58
CA GLY A 1007 60.61 9.12 -42.69
C GLY A 1007 60.32 7.82 -41.98
N PHE A 1008 59.03 7.46 -41.95
CA PHE A 1008 58.46 6.23 -41.37
C PHE A 1008 56.98 6.49 -41.07
N ASN A 1013 59.85 1.76 -32.18
CA ASN A 1013 60.58 2.21 -31.01
C ASN A 1013 60.27 3.67 -30.73
N THR A 1014 60.23 4.47 -31.80
CA THR A 1014 59.92 5.89 -31.66
C THR A 1014 58.43 6.13 -31.40
N ALA A 1015 57.64 5.06 -31.25
CA ALA A 1015 56.21 5.18 -31.04
C ALA A 1015 55.88 5.92 -29.74
N ALA A 1016 56.74 5.75 -28.73
CA ALA A 1016 56.49 6.33 -27.41
C ALA A 1016 56.32 7.84 -27.49
N GLU A 1017 57.24 8.53 -28.17
CA GLU A 1017 57.20 9.99 -28.18
C GLU A 1017 56.08 10.52 -29.08
N VAL A 1018 55.95 9.98 -30.29
CA VAL A 1018 54.89 10.44 -31.20
C VAL A 1018 53.52 10.27 -30.56
N SER A 1019 53.28 9.12 -29.91
CA SER A 1019 52.01 8.92 -29.21
C SER A 1019 51.79 10.01 -28.18
N ALA A 1020 52.83 10.32 -27.38
CA ALA A 1020 52.72 11.38 -26.39
C ALA A 1020 52.39 12.72 -27.03
N ILE A 1021 53.01 13.02 -28.18
CA ILE A 1021 52.75 14.28 -28.84
C ILE A 1021 51.37 14.28 -29.47
N ILE A 1022 50.98 13.17 -30.09
CA ILE A 1022 49.62 13.05 -30.63
C ILE A 1022 48.59 13.30 -29.55
N VAL A 1023 48.70 12.55 -28.43
CA VAL A 1023 47.80 12.73 -27.30
C VAL A 1023 47.73 14.20 -26.88
N THR A 1024 48.91 14.83 -26.71
CA THR A 1024 48.94 16.22 -26.26
C THR A 1024 48.38 17.17 -27.32
N ARG A 1025 48.58 16.87 -28.60
CA ARG A 1025 47.98 17.68 -29.65
C ARG A 1025 46.47 17.59 -29.65
N LEU A 1026 45.93 16.36 -29.64
CA LEU A 1026 44.48 16.18 -29.63
C LEU A 1026 43.85 16.80 -28.39
N SER A 1027 44.53 16.70 -27.25
CA SER A 1027 44.08 17.37 -26.04
C SER A 1027 43.88 18.86 -26.26
N ILE A 1028 44.87 19.51 -26.87
CA ILE A 1028 44.75 20.94 -27.16
C ILE A 1028 43.60 21.21 -28.12
N GLU A 1029 43.40 20.31 -29.09
CA GLU A 1029 42.31 20.48 -30.05
C GLU A 1029 40.95 20.35 -29.38
N GLU A 1030 40.76 19.29 -28.59
CA GLU A 1030 39.52 19.13 -27.82
C GLU A 1030 39.25 20.34 -26.94
N PHE A 1031 40.29 20.87 -26.29
CA PHE A 1031 40.12 22.06 -25.47
C PHE A 1031 39.60 23.22 -26.30
N LYS A 1032 40.28 23.51 -27.43
CA LYS A 1032 39.87 24.63 -28.27
C LYS A 1032 38.47 24.45 -28.83
N ARG A 1033 38.08 23.21 -29.12
CA ARG A 1033 36.73 22.98 -29.66
C ARG A 1033 35.68 23.18 -28.58
N PHE A 1034 35.93 22.65 -27.38
CA PHE A 1034 35.02 22.83 -26.26
C PHE A 1034 34.84 24.31 -25.93
N MET A 1035 35.95 25.06 -25.91
CA MET A 1035 35.86 26.50 -25.64
C MET A 1035 35.07 27.24 -26.71
N PHE A 1036 35.29 26.90 -27.99
CA PHE A 1036 34.50 27.51 -29.05
C PHE A 1036 33.02 27.21 -28.89
N GLU A 1037 32.66 25.93 -28.76
CA GLU A 1037 31.26 25.55 -28.57
C GLU A 1037 30.62 26.29 -27.41
N GLN A 1038 31.16 26.11 -26.19
CA GLN A 1038 30.47 26.57 -24.99
C GLN A 1038 30.41 28.10 -24.91
N HIS A 1039 31.54 28.79 -25.11
CA HIS A 1039 31.47 30.24 -25.09
C HIS A 1039 30.81 30.76 -26.36
N HIS A 1040 31.51 31.54 -27.17
CA HIS A 1040 30.81 32.07 -28.33
C HIS A 1040 30.81 31.04 -29.49
N LEU A 1041 31.87 30.85 -30.29
CA LEU A 1041 33.14 31.57 -30.38
C LEU A 1041 33.54 31.56 -31.87
N SER A 1042 34.22 32.60 -32.35
CA SER A 1042 34.40 32.80 -33.78
C SER A 1042 35.85 32.68 -34.19
N GLU A 1043 36.10 31.88 -35.24
CA GLU A 1043 37.39 31.90 -35.93
C GLU A 1043 37.74 33.30 -36.44
N ALA A 1044 36.73 34.12 -36.76
CA ALA A 1044 37.00 35.42 -37.35
C ALA A 1044 37.63 36.37 -36.34
N LYS A 1045 37.08 36.46 -35.13
CA LYS A 1045 37.70 37.26 -34.09
C LYS A 1045 39.08 36.73 -33.68
N LEU A 1046 39.27 35.41 -33.73
CA LEU A 1046 40.53 34.80 -33.32
C LEU A 1046 41.69 35.19 -34.24
N THR A 1047 41.52 35.00 -35.55
CA THR A 1047 42.61 35.15 -36.51
C THR A 1047 43.12 36.58 -36.68
N LEU A 1048 42.39 37.58 -36.20
CA LEU A 1048 42.73 38.99 -36.46
C LEU A 1048 43.32 39.64 -35.22
N LEU A 1049 44.39 40.41 -35.43
CA LEU A 1049 45.12 41.11 -34.38
C LEU A 1049 44.77 42.59 -34.32
N ASP A 1050 45.41 43.26 -33.37
CA ASP A 1050 45.37 44.72 -33.17
C ASP A 1050 44.02 45.25 -32.68
N ASP A 1054 43.02 48.53 -31.55
CA ASP A 1054 41.66 48.92 -31.19
C ASP A 1054 40.75 47.69 -31.05
N GLU A 1055 40.83 46.78 -32.02
CA GLU A 1055 40.04 45.56 -31.97
C GLU A 1055 40.46 44.64 -30.82
N ASN A 1056 41.72 44.73 -30.37
CA ASN A 1056 42.13 43.97 -29.18
C ASN A 1056 41.54 44.59 -27.92
N LEU A 1057 41.60 45.92 -27.80
CA LEU A 1057 40.98 46.60 -26.66
C LEU A 1057 39.46 46.57 -26.73
N ARG A 1058 38.89 46.30 -27.91
CA ARG A 1058 37.46 46.04 -27.99
C ARG A 1058 37.09 44.70 -27.39
N ASN A 1059 38.06 43.79 -27.25
CA ASN A 1059 37.84 42.53 -26.57
C ASN A 1059 38.14 42.60 -25.07
N LYS A 1060 38.96 43.56 -24.62
CA LYS A 1060 39.20 43.68 -23.19
C LYS A 1060 37.97 44.14 -22.43
N SER A 1061 36.97 44.70 -23.13
CA SER A 1061 35.82 45.32 -22.49
C SER A 1061 34.59 44.42 -22.46
N VAL A 1062 34.63 43.26 -23.10
CA VAL A 1062 33.62 42.23 -22.96
C VAL A 1062 34.05 41.26 -21.86
N ALA A 1063 33.09 40.75 -21.08
CA ALA A 1063 33.36 39.97 -19.88
C ALA A 1063 32.96 38.50 -20.04
N ALA A 1064 33.46 37.65 -19.13
CA ALA A 1064 33.10 36.24 -19.13
C ALA A 1064 33.44 35.55 -17.80
N LEU A 1065 32.58 34.59 -17.41
CA LEU A 1065 32.85 33.52 -16.43
C LEU A 1065 32.27 32.23 -17.02
N ASP A 1066 32.45 31.08 -16.34
CA ASP A 1066 31.95 29.80 -16.89
C ASP A 1066 31.29 28.94 -15.81
N ASP A 1067 30.77 27.78 -16.25
CA ASP A 1067 29.98 26.86 -15.41
C ASP A 1067 30.13 25.43 -15.93
N GLN A 1068 29.34 24.50 -15.37
CA GLN A 1068 29.29 23.09 -15.77
C GLN A 1068 27.85 22.65 -16.00
N VAL A 1069 27.34 22.43 -17.24
CA VAL A 1069 27.78 22.62 -18.65
C VAL A 1069 28.46 21.39 -19.30
N GLY A 1070 29.22 20.60 -18.57
CA GLY A 1070 29.88 19.46 -19.19
C GLY A 1070 31.38 19.71 -19.36
N SER A 1071 32.12 18.61 -19.48
CA SER A 1071 33.58 18.66 -19.60
C SER A 1071 34.04 18.32 -21.02
N LEU A 1072 35.37 18.21 -21.17
CA LEU A 1072 35.96 17.87 -22.46
C LEU A 1072 35.57 16.46 -22.87
N HIS A 1073 35.33 16.28 -24.17
CA HIS A 1073 35.08 14.95 -24.70
C HIS A 1073 36.41 14.22 -24.85
N MET A 1074 36.60 13.14 -24.11
CA MET A 1074 37.85 12.40 -24.12
C MET A 1074 37.90 11.32 -25.19
N GLU A 1075 36.78 11.05 -25.85
CA GLU A 1075 36.81 10.17 -27.02
C GLU A 1075 37.57 10.79 -28.17
N ASN A 1076 37.61 12.12 -28.24
CA ASN A 1076 38.35 12.82 -29.28
C ASN A 1076 39.85 12.84 -29.03
N ILE A 1077 40.32 12.43 -27.85
CA ILE A 1077 41.75 12.38 -27.54
C ILE A 1077 42.29 10.96 -27.60
N PHE A 1078 41.66 10.04 -26.88
CA PHE A 1078 42.16 8.67 -26.79
C PHE A 1078 41.70 7.81 -27.96
N LEU A 1079 40.69 8.25 -28.71
CA LEU A 1079 40.21 7.55 -29.90
C LEU A 1079 39.87 6.09 -29.60
N GLY A 1080 39.26 5.87 -28.43
CA GLY A 1080 38.91 4.52 -28.00
C GLY A 1080 40.08 3.64 -27.59
N TYR A 1081 41.31 4.15 -27.57
CA TYR A 1081 42.48 3.39 -27.18
C TYR A 1081 42.71 3.44 -25.68
N GLU A 1082 43.61 2.56 -25.20
CA GLU A 1082 43.54 2.13 -23.81
C GLU A 1082 43.96 3.16 -22.75
N ASN A 1083 45.21 3.66 -22.56
CA ASN A 1083 46.61 3.40 -23.02
C ASN A 1083 47.00 3.66 -24.48
N PRO A 1084 47.05 4.96 -24.85
CA PRO A 1084 47.58 5.34 -26.17
C PRO A 1084 49.10 5.42 -26.21
N ILE A 1085 49.77 5.60 -25.08
CA ILE A 1085 51.20 5.86 -25.07
C ILE A 1085 51.96 4.61 -25.50
N ASN A 1086 52.91 4.80 -26.43
CA ASN A 1086 53.66 3.69 -27.04
C ASN A 1086 52.73 2.63 -27.62
N ASN A 1087 51.64 3.07 -28.22
CA ASN A 1087 50.66 2.19 -28.84
C ASN A 1087 50.72 2.43 -30.35
N LYS A 1088 51.31 1.48 -31.08
CA LYS A 1088 51.43 1.64 -32.52
C LYS A 1088 50.08 1.70 -33.22
N ASP A 1089 49.08 0.99 -32.68
CA ASP A 1089 47.74 1.05 -33.27
C ASP A 1089 47.13 2.43 -33.10
N TYR A 1090 47.32 3.05 -31.93
CA TYR A 1090 46.85 4.40 -31.71
C TYR A 1090 47.52 5.38 -32.68
N CYS A 1091 48.83 5.23 -32.88
CA CYS A 1091 49.55 6.06 -33.85
C CYS A 1091 48.97 5.90 -35.25
N TRP A 1092 48.76 4.65 -35.69
CA TRP A 1092 48.19 4.40 -37.01
C TRP A 1092 46.82 5.07 -37.14
N LYS A 1093 45.97 4.95 -36.12
CA LYS A 1093 44.65 5.58 -36.19
C LYS A 1093 44.75 7.08 -36.43
N TYR A 1094 45.66 7.75 -35.72
CA TYR A 1094 45.83 9.18 -35.95
C TYR A 1094 46.39 9.45 -37.34
N ILE A 1095 47.35 8.64 -37.80
CA ILE A 1095 47.92 8.84 -39.13
C ILE A 1095 46.87 8.58 -40.20
N SER A 1096 45.98 7.62 -39.96
CA SER A 1096 44.88 7.37 -40.89
C SER A 1096 43.96 8.57 -41.04
N THR A 1097 43.83 9.38 -39.99
CA THR A 1097 43.05 10.62 -40.03
C THR A 1097 43.79 11.81 -40.65
N LEU A 1098 45.03 11.64 -41.11
CA LEU A 1098 45.74 12.74 -41.77
C LEU A 1098 45.69 12.64 -43.28
N HIS A 1099 46.18 11.54 -43.84
CA HIS A 1099 46.08 11.28 -45.28
C HIS A 1099 44.77 10.57 -45.59
N ARG A 1100 43.67 11.21 -45.23
CA ARG A 1100 42.36 10.57 -45.27
C ARG A 1100 41.90 10.34 -46.70
N ASN B 54 32.81 -33.90 -10.30
CA ASN B 54 32.97 -33.91 -11.75
C ASN B 54 32.30 -32.69 -12.39
N LEU B 55 32.94 -31.53 -12.28
CA LEU B 55 32.38 -30.31 -12.81
C LEU B 55 33.36 -29.61 -13.75
N HIS B 56 32.83 -29.07 -14.84
CA HIS B 56 33.60 -28.34 -15.83
C HIS B 56 33.07 -26.92 -15.94
N ILE B 57 33.96 -26.00 -16.33
CA ILE B 57 33.61 -24.61 -16.61
C ILE B 57 34.54 -24.11 -17.71
N THR B 58 34.06 -23.14 -18.50
CA THR B 58 34.92 -22.49 -19.47
C THR B 58 36.18 -21.98 -18.80
N HIS B 59 37.32 -22.15 -19.47
CA HIS B 59 38.59 -21.74 -18.88
C HIS B 59 38.59 -20.24 -18.55
N PHE B 60 37.92 -19.44 -19.37
CA PHE B 60 37.81 -18.00 -19.11
C PHE B 60 37.33 -17.73 -17.69
N SER B 61 36.19 -18.32 -17.32
CA SER B 61 35.66 -18.11 -15.98
C SER B 61 36.55 -18.78 -14.93
N TYR B 62 37.07 -19.96 -15.26
CA TYR B 62 37.97 -20.67 -14.34
C TYR B 62 39.13 -19.80 -13.90
N ILE B 63 39.87 -19.25 -14.86
CA ILE B 63 41.02 -18.41 -14.51
C ILE B 63 40.56 -17.13 -13.82
N MET B 64 39.56 -16.44 -14.38
CA MET B 64 39.16 -15.14 -13.86
C MET B 64 38.75 -15.22 -12.39
N LEU B 65 38.01 -16.28 -12.01
CA LEU B 65 37.67 -16.46 -10.60
C LEU B 65 38.93 -16.68 -9.77
N SER B 66 39.85 -17.51 -10.27
CA SER B 66 41.14 -17.69 -9.60
C SER B 66 41.85 -16.35 -9.40
N ILE B 67 41.84 -15.51 -10.44
CA ILE B 67 42.56 -14.23 -10.36
C ILE B 67 41.93 -13.32 -9.31
N LEU B 68 40.61 -13.17 -9.32
CA LEU B 68 39.98 -12.26 -8.37
C LEU B 68 40.07 -12.75 -6.93
N GLN B 69 40.33 -14.04 -6.72
CA GLN B 69 40.42 -14.57 -5.36
C GLN B 69 41.74 -14.25 -4.68
N VAL B 70 42.71 -13.65 -5.40
CA VAL B 70 43.91 -13.16 -4.73
C VAL B 70 43.67 -11.80 -4.07
N TRP B 71 42.59 -11.10 -4.44
CA TRP B 71 42.27 -9.81 -3.82
C TRP B 71 41.72 -10.08 -2.41
N ASN B 72 42.62 -10.38 -1.50
CA ASN B 72 42.25 -10.66 -0.11
C ASN B 72 43.30 -10.07 0.81
N ASN B 73 42.98 -10.01 2.11
CA ASN B 73 43.86 -9.40 3.09
C ASN B 73 44.17 -10.33 4.26
N TYR B 74 44.17 -11.64 4.03
CA TYR B 74 44.46 -12.57 5.12
C TYR B 74 45.96 -12.68 5.37
N ASP B 75 46.79 -12.29 4.41
CA ASP B 75 48.24 -12.24 4.64
C ASP B 75 48.59 -11.08 5.56
N TYR B 76 48.03 -9.90 5.27
CA TYR B 76 48.05 -8.77 6.20
C TYR B 76 47.59 -9.20 7.59
N CYS B 77 46.45 -9.88 7.68
CA CYS B 77 45.90 -10.25 8.98
C CYS B 77 46.76 -11.28 9.72
N SER B 78 47.43 -12.17 8.98
CA SER B 78 48.16 -13.25 9.64
C SER B 78 49.45 -12.75 10.30
N ASN B 79 50.27 -12.01 9.56
CA ASN B 79 51.55 -11.57 10.13
C ASN B 79 51.41 -10.48 11.20
N LEU B 80 50.34 -9.69 11.19
CA LEU B 80 50.11 -8.75 12.28
C LEU B 80 49.50 -9.52 13.45
N VAL B 81 50.25 -9.63 14.55
CA VAL B 81 49.85 -10.45 15.68
C VAL B 81 49.76 -9.66 16.98
N SER B 82 49.79 -8.32 16.91
CA SER B 82 49.77 -7.53 18.14
C SER B 82 48.49 -7.79 18.93
N PRO B 83 47.29 -7.70 18.35
CA PRO B 83 46.70 -6.76 17.38
C PRO B 83 45.82 -5.81 18.17
N ASP B 84 45.99 -4.49 18.12
CA ASP B 84 45.22 -3.66 19.01
C ASP B 84 44.77 -2.38 18.31
N THR B 85 44.05 -1.55 19.07
CA THR B 85 43.01 -0.67 18.51
C THR B 85 43.46 0.18 17.32
N GLU B 86 44.73 0.57 17.25
CA GLU B 86 45.14 1.45 16.17
C GLU B 86 45.40 0.71 14.87
N GLN B 87 45.80 -0.55 14.94
CA GLN B 87 46.07 -1.36 13.76
C GLN B 87 44.82 -2.01 13.19
N LEU B 88 43.70 -1.90 13.90
CA LEU B 88 42.44 -2.46 13.45
C LEU B 88 41.65 -1.46 12.59
N HIS B 89 41.49 -0.21 13.05
CA HIS B 89 40.91 0.80 12.18
C HIS B 89 41.74 1.01 10.92
N ASP B 90 43.00 0.58 10.94
CA ASP B 90 43.81 0.53 9.71
C ASP B 90 43.37 -0.62 8.81
N LEU B 91 43.20 -1.81 9.38
CA LEU B 91 42.90 -3.00 8.59
C LEU B 91 41.59 -2.86 7.81
N ILE B 92 40.58 -2.21 8.39
CA ILE B 92 39.32 -2.09 7.69
C ILE B 92 39.48 -1.21 6.45
N ALA B 93 40.33 -0.19 6.52
CA ALA B 93 40.59 0.66 5.36
C ALA B 93 41.29 -0.08 4.24
N HIS B 94 42.06 -1.13 4.57
CA HIS B 94 42.69 -1.93 3.53
C HIS B 94 41.71 -2.96 2.96
N HIS B 95 40.85 -3.52 3.81
CA HIS B 95 39.85 -4.45 3.33
C HIS B 95 38.79 -3.74 2.51
N ALA B 96 38.29 -2.60 3.00
CA ALA B 96 37.35 -1.79 2.23
C ALA B 96 37.93 -1.41 0.86
N ALA B 97 39.22 -1.10 0.82
CA ALA B 97 39.85 -0.79 -0.46
C ALA B 97 39.88 -2.02 -1.38
N THR B 98 40.26 -3.17 -0.83
CA THR B 98 40.27 -4.40 -1.60
C THR B 98 38.87 -4.75 -2.13
N GLN B 99 37.83 -4.42 -1.36
CA GLN B 99 36.46 -4.78 -1.77
C GLN B 99 35.95 -3.89 -2.89
N SER B 100 36.00 -2.56 -2.69
CA SER B 100 35.53 -1.67 -3.74
C SER B 100 36.34 -1.81 -5.02
N ASP B 101 37.63 -2.15 -4.89
CA ASP B 101 38.45 -2.42 -6.06
C ASP B 101 37.91 -3.59 -6.87
N LEU B 102 37.83 -4.77 -6.26
CA LEU B 102 37.38 -5.94 -6.99
C LEU B 102 35.87 -5.89 -7.27
N GLU B 103 35.11 -5.10 -6.52
CA GLU B 103 33.76 -4.76 -6.93
C GLU B 103 33.78 -3.96 -8.23
N PHE B 104 34.65 -2.95 -8.31
CA PHE B 104 34.86 -2.23 -9.56
C PHE B 104 35.31 -3.17 -10.67
N ALA B 105 36.24 -4.08 -10.36
CA ALA B 105 36.71 -5.03 -11.36
C ALA B 105 35.60 -5.97 -11.79
N ALA B 106 34.78 -6.42 -10.84
CA ALA B 106 33.67 -7.31 -11.15
C ALA B 106 32.66 -6.66 -12.10
N ASP B 107 32.30 -5.40 -11.86
CA ASP B 107 31.42 -4.70 -12.80
C ASP B 107 32.03 -4.67 -14.20
N HIS B 108 33.28 -4.19 -14.30
CA HIS B 108 33.87 -3.92 -15.61
C HIS B 108 34.00 -5.18 -16.45
N ILE B 109 34.30 -6.32 -15.81
CA ILE B 109 34.28 -7.58 -16.55
C ILE B 109 32.84 -7.94 -16.93
N ILE B 110 31.89 -7.69 -16.04
CA ILE B 110 30.47 -7.95 -16.37
C ILE B 110 30.01 -7.04 -17.50
N ASP B 111 30.38 -5.76 -17.46
CA ASP B 111 30.02 -4.82 -18.52
C ASP B 111 30.44 -5.35 -19.89
N THR B 112 31.74 -5.60 -20.08
CA THR B 112 32.24 -5.97 -21.40
C THR B 112 31.58 -7.23 -21.92
N ILE B 113 31.42 -8.25 -21.06
CA ILE B 113 30.76 -9.48 -21.48
C ILE B 113 29.35 -9.19 -21.99
N LEU B 114 28.57 -8.45 -21.22
CA LEU B 114 27.21 -8.11 -21.63
C LEU B 114 27.21 -7.26 -22.90
N LYS B 115 27.95 -6.15 -22.88
CA LYS B 115 27.95 -5.23 -24.01
C LYS B 115 28.39 -5.93 -25.30
N LYS B 116 29.32 -6.87 -25.21
CA LYS B 116 29.70 -7.61 -26.41
C LYS B 116 28.63 -8.62 -26.78
N CYS B 117 28.04 -9.30 -25.79
CA CYS B 117 27.00 -10.29 -26.05
C CYS B 117 25.73 -9.65 -26.61
N PHE B 118 25.39 -8.45 -26.17
CA PHE B 118 24.16 -7.80 -26.60
C PHE B 118 24.32 -7.02 -27.90
N SER B 119 25.52 -6.99 -28.47
CA SER B 119 25.73 -6.55 -29.84
C SER B 119 25.41 -7.74 -30.74
N ASN B 120 24.17 -7.76 -31.25
CA ASN B 120 23.64 -8.86 -32.05
C ASN B 120 23.64 -10.14 -31.22
N ILE B 121 22.64 -10.24 -30.35
CA ILE B 121 22.35 -11.34 -29.45
C ILE B 121 22.14 -12.70 -30.10
N SER B 122 22.12 -12.80 -31.43
CA SER B 122 21.95 -14.11 -32.05
C SER B 122 23.26 -14.86 -32.26
N LYS B 123 24.41 -14.16 -32.25
CA LYS B 123 25.69 -14.84 -32.41
C LYS B 123 26.26 -15.26 -31.06
N TYR B 124 26.25 -14.37 -30.07
CA TYR B 124 26.77 -14.64 -28.74
C TYR B 124 25.70 -15.14 -27.79
N ARG B 125 24.65 -15.74 -28.36
CA ARG B 125 23.59 -16.38 -27.58
C ARG B 125 24.19 -17.35 -26.56
N PHE B 126 25.10 -18.21 -27.00
CA PHE B 126 25.55 -19.36 -26.23
C PHE B 126 26.80 -19.09 -25.39
N VAL B 127 27.39 -17.91 -25.49
CA VAL B 127 28.44 -17.53 -24.54
C VAL B 127 27.88 -16.81 -23.31
N PHE B 128 26.75 -16.11 -23.46
CA PHE B 128 26.11 -15.51 -22.29
C PHE B 128 25.53 -16.58 -21.37
N ASP B 129 24.81 -17.55 -21.94
CA ASP B 129 24.27 -18.63 -21.13
C ASP B 129 25.36 -19.58 -20.68
N GLN B 130 26.51 -19.60 -21.35
CA GLN B 130 27.66 -20.32 -20.84
C GLN B 130 28.15 -19.69 -19.54
N PHE B 131 28.23 -18.37 -19.51
CA PHE B 131 28.77 -17.66 -18.34
C PHE B 131 27.91 -17.86 -17.10
N VAL B 132 26.60 -17.62 -17.20
CA VAL B 132 25.74 -17.73 -16.02
C VAL B 132 25.66 -19.15 -15.49
N THR B 133 25.69 -20.15 -16.38
CA THR B 133 25.67 -21.54 -15.91
C THR B 133 26.98 -21.90 -15.22
N ASP B 134 28.08 -21.25 -15.61
CA ASP B 134 29.33 -21.41 -14.86
C ASP B 134 29.18 -20.83 -13.46
N MET B 135 28.72 -19.58 -13.38
CA MET B 135 28.62 -18.90 -12.09
C MET B 135 27.67 -19.62 -11.16
N THR B 136 26.46 -19.92 -11.65
CA THR B 136 25.47 -20.59 -10.81
C THR B 136 25.93 -21.97 -10.36
N THR B 137 26.70 -22.66 -11.20
CA THR B 137 27.25 -23.96 -10.83
C THR B 137 28.16 -23.84 -9.61
N VAL B 138 29.08 -22.88 -9.63
CA VAL B 138 30.14 -22.80 -8.62
C VAL B 138 29.78 -22.01 -7.36
N VAL B 139 28.67 -21.30 -7.33
CA VAL B 139 28.31 -20.51 -6.14
C VAL B 139 28.17 -21.41 -4.91
N THR B 140 27.68 -22.63 -5.09
CA THR B 140 27.43 -23.51 -3.96
C THR B 140 28.70 -24.20 -3.46
N LEU B 141 29.87 -23.81 -3.95
CA LEU B 141 31.13 -24.44 -3.60
C LEU B 141 32.00 -23.50 -2.77
N PRO B 142 32.58 -23.98 -1.67
CA PRO B 142 33.58 -23.16 -0.96
C PRO B 142 34.86 -22.99 -1.75
N ASP B 143 35.08 -23.84 -2.76
CA ASP B 143 36.21 -23.69 -3.67
C ASP B 143 36.22 -22.33 -4.38
N TRP B 144 35.06 -21.69 -4.51
CA TRP B 144 34.90 -20.50 -5.35
C TRP B 144 34.04 -19.46 -4.62
N PRO B 145 34.57 -18.83 -3.57
CA PRO B 145 33.75 -17.87 -2.80
C PRO B 145 33.55 -16.53 -3.49
N VAL B 146 34.34 -16.18 -4.51
CA VAL B 146 34.15 -14.90 -5.18
C VAL B 146 32.94 -14.94 -6.10
N SER B 147 32.49 -16.14 -6.47
CA SER B 147 31.36 -16.28 -7.39
C SER B 147 30.11 -15.59 -6.87
N ASP B 148 29.89 -15.62 -5.55
CA ASP B 148 28.75 -14.91 -4.96
C ASP B 148 28.76 -13.43 -5.32
N LEU B 149 29.95 -12.81 -5.31
CA LEU B 149 30.04 -11.39 -5.68
C LEU B 149 29.70 -11.17 -7.15
N ILE B 150 30.21 -12.03 -8.04
CA ILE B 150 30.01 -11.83 -9.47
C ILE B 150 28.52 -11.90 -9.82
N LEU B 151 27.86 -12.98 -9.42
CA LEU B 151 26.42 -13.10 -9.67
C LEU B 151 25.63 -11.94 -9.09
N ALA B 152 26.04 -11.45 -7.91
CA ALA B 152 25.35 -10.32 -7.31
C ALA B 152 25.38 -9.10 -8.23
N ARG B 153 26.53 -8.81 -8.82
CA ARG B 153 26.65 -7.65 -9.70
C ARG B 153 26.15 -7.93 -11.10
N LEU B 154 26.17 -9.21 -11.53
CA LEU B 154 25.54 -9.59 -12.78
C LEU B 154 24.03 -9.41 -12.71
N LEU B 155 23.41 -9.94 -11.65
CA LEU B 155 21.97 -9.85 -11.48
C LEU B 155 21.50 -8.40 -11.38
N LYS B 156 22.28 -7.55 -10.70
CA LYS B 156 21.91 -6.15 -10.57
C LYS B 156 21.75 -5.47 -11.93
N LYS B 157 22.66 -5.77 -12.86
CA LYS B 157 22.63 -5.10 -14.15
C LYS B 157 21.59 -5.70 -15.09
N LEU B 158 21.38 -7.02 -15.03
CA LEU B 158 20.32 -7.64 -15.82
C LEU B 158 18.94 -7.18 -15.36
N LEU B 159 18.76 -6.97 -14.06
CA LEU B 159 17.49 -6.45 -13.57
C LEU B 159 17.20 -5.05 -14.10
N SER B 160 18.25 -4.26 -14.34
CA SER B 160 18.09 -2.90 -14.87
C SER B 160 17.69 -2.89 -16.34
N ILE B 161 17.74 -4.02 -17.03
CA ILE B 161 17.24 -4.07 -18.41
C ILE B 161 15.73 -3.87 -18.47
N PHE B 162 15.01 -4.21 -17.40
CA PHE B 162 13.55 -4.17 -17.40
C PHE B 162 13.13 -2.88 -16.69
N ASN B 163 13.06 -1.80 -17.46
CA ASN B 163 12.79 -0.47 -16.92
C ASN B 163 12.37 0.47 -18.04
N LYS B 168 14.77 -1.64 -24.97
CA LYS B 168 15.65 -2.72 -25.40
C LYS B 168 14.89 -3.74 -26.21
N HIS B 169 15.58 -4.40 -27.13
CA HIS B 169 14.92 -5.27 -28.07
C HIS B 169 14.59 -6.58 -27.36
N ILE B 170 13.40 -7.11 -27.65
CA ILE B 170 12.89 -8.30 -26.96
C ILE B 170 13.86 -9.46 -27.01
N ASN B 171 14.67 -9.54 -28.08
CA ASN B 171 15.70 -10.57 -28.15
C ASN B 171 16.70 -10.45 -27.00
N ILE B 172 16.95 -9.23 -26.53
CA ILE B 172 17.79 -9.04 -25.35
C ILE B 172 17.02 -9.36 -24.09
N GLU B 173 15.84 -8.74 -23.94
CA GLU B 173 15.02 -8.90 -22.75
C GLU B 173 14.72 -10.37 -22.46
N SER B 174 14.29 -11.11 -23.49
CA SER B 174 13.96 -12.52 -23.30
C SER B 174 15.17 -13.36 -22.97
N VAL B 175 16.35 -13.01 -23.49
CA VAL B 175 17.56 -13.75 -23.15
C VAL B 175 18.03 -13.42 -21.74
N ALA B 176 18.02 -12.13 -21.39
CA ALA B 176 18.24 -11.73 -20.00
C ALA B 176 17.24 -12.41 -19.07
N LEU B 177 15.96 -12.39 -19.45
CA LEU B 177 14.90 -12.89 -18.58
C LEU B 177 15.10 -14.35 -18.18
N GLN B 178 15.61 -15.18 -19.11
CA GLN B 178 15.82 -16.58 -18.75
C GLN B 178 17.08 -16.75 -17.90
N GLY B 179 18.15 -16.00 -18.21
CA GLY B 179 19.34 -16.04 -17.37
C GLY B 179 19.05 -15.62 -15.94
N ILE B 180 18.30 -14.53 -15.75
CA ILE B 180 17.96 -14.10 -14.39
C ILE B 180 17.09 -15.14 -13.70
N GLY B 181 16.25 -15.85 -14.44
CA GLY B 181 15.45 -16.91 -13.85
C GLY B 181 16.30 -18.07 -13.35
N LEU B 182 17.40 -18.35 -14.04
CA LEU B 182 18.35 -19.34 -13.55
C LEU B 182 19.06 -18.84 -12.29
N ILE B 183 19.40 -17.56 -12.25
CA ILE B 183 20.04 -16.99 -11.07
C ILE B 183 19.08 -17.02 -9.88
N GLY B 184 17.87 -16.49 -10.07
CA GLY B 184 16.85 -16.61 -9.06
C GLY B 184 16.65 -18.03 -8.58
N SER B 185 16.63 -18.99 -9.51
CA SER B 185 16.47 -20.40 -9.16
C SER B 185 17.53 -20.86 -8.16
N THR B 186 18.79 -20.52 -8.40
CA THR B 186 19.87 -20.98 -7.54
C THR B 186 19.99 -20.16 -6.26
N ILE B 187 19.56 -18.89 -6.28
CA ILE B 187 19.40 -18.16 -5.02
C ILE B 187 18.49 -18.93 -4.08
N LEU B 188 17.41 -19.48 -4.62
CA LEU B 188 16.47 -20.25 -3.81
C LEU B 188 17.06 -21.60 -3.40
N ASP B 189 17.79 -22.26 -4.31
CA ASP B 189 18.55 -23.45 -3.95
C ASP B 189 19.36 -23.23 -2.67
N ILE B 190 20.18 -22.16 -2.67
CA ILE B 190 20.96 -21.81 -1.48
C ILE B 190 20.04 -21.62 -0.29
N ARG B 191 18.99 -20.81 -0.47
CA ARG B 191 18.08 -20.48 0.61
C ARG B 191 17.48 -21.71 1.29
N LEU B 192 17.17 -22.74 0.49
CA LEU B 192 16.55 -23.96 1.03
C LEU B 192 17.55 -24.89 1.69
N SER B 193 18.76 -24.98 1.14
CA SER B 193 19.75 -25.94 1.62
C SER B 193 20.15 -25.75 3.08
N SER B 194 20.03 -24.54 3.63
CA SER B 194 20.52 -24.30 4.98
C SER B 194 19.56 -24.82 6.06
N ASN B 195 18.26 -24.80 5.78
CA ASN B 195 17.23 -25.34 6.68
C ASN B 195 17.25 -24.67 8.06
N PRO B 198 17.33 -20.21 8.97
CA PRO B 198 17.76 -19.57 7.72
C PRO B 198 16.60 -18.98 6.93
N THR B 199 16.51 -17.66 6.80
CA THR B 199 17.41 -16.66 7.38
C THR B 199 17.41 -16.62 8.90
N ALA B 200 18.49 -16.25 9.61
CA ALA B 200 19.91 -16.05 9.18
C ALA B 200 20.22 -14.85 8.28
N ASN B 201 19.53 -13.73 8.48
CA ASN B 201 19.83 -12.52 7.74
C ASN B 201 21.05 -11.83 8.35
N LEU B 202 21.44 -10.70 7.74
CA LEU B 202 22.49 -9.85 8.30
C LEU B 202 21.95 -8.65 9.04
N ILE B 203 20.71 -8.22 8.74
CA ILE B 203 20.02 -7.30 9.65
C ILE B 203 19.47 -8.06 10.84
N HIS B 204 19.37 -9.39 10.73
CA HIS B 204 19.08 -10.23 11.87
C HIS B 204 20.25 -10.24 12.85
N LEU B 205 21.48 -10.26 12.33
CA LEU B 205 22.65 -10.21 13.20
C LEU B 205 22.76 -8.89 13.93
N PHE B 206 22.27 -7.79 13.35
CA PHE B 206 22.28 -6.51 14.04
C PHE B 206 21.49 -6.58 15.33
N ASN B 207 20.30 -7.20 15.30
CA ASN B 207 19.49 -7.33 16.50
C ASN B 207 20.08 -8.37 17.44
N TYR B 208 20.50 -9.52 16.89
CA TYR B 208 20.87 -10.69 17.69
C TYR B 208 22.31 -11.06 17.37
N PRO B 209 23.29 -10.39 17.98
CA PRO B 209 24.70 -10.70 17.71
C PRO B 209 25.17 -12.02 18.30
N GLU B 210 24.38 -12.65 19.18
CA GLU B 210 24.59 -14.03 19.57
C GLU B 210 25.06 -14.91 18.42
N ASP B 211 24.31 -14.90 17.32
CA ASP B 211 24.51 -15.85 16.22
C ASP B 211 25.68 -15.50 15.32
N ILE B 212 26.38 -14.39 15.58
CA ILE B 212 27.64 -14.13 14.87
C ILE B 212 28.65 -15.19 15.23
N ASP B 213 28.71 -15.57 16.51
CA ASP B 213 29.56 -16.68 16.94
C ASP B 213 29.26 -17.96 16.16
N GLY B 214 27.98 -18.32 16.08
CA GLY B 214 27.59 -19.49 15.30
C GLY B 214 27.90 -19.37 13.83
N LEU B 215 27.85 -18.15 13.28
CA LEU B 215 28.13 -17.97 11.86
C LEU B 215 29.59 -18.29 11.54
N PHE B 216 30.51 -17.72 12.32
CA PHE B 216 31.93 -18.03 12.14
C PHE B 216 32.22 -19.51 12.33
N LYS B 217 31.49 -20.16 13.23
CA LYS B 217 31.58 -21.60 13.38
C LYS B 217 31.25 -22.31 12.06
N ALA B 218 30.25 -21.82 11.33
CA ALA B 218 29.91 -22.39 10.03
C ALA B 218 31.02 -22.13 9.01
N TYR B 219 31.58 -20.91 8.99
CA TYR B 219 32.73 -20.63 8.14
C TYR B 219 33.87 -21.60 8.43
N ARG B 220 34.32 -21.64 9.69
CA ARG B 220 35.39 -22.51 10.16
C ARG B 220 35.30 -23.93 9.63
N THR B 221 34.08 -24.47 9.53
CA THR B 221 33.92 -25.79 8.93
C THR B 221 34.24 -25.76 7.44
N CYS B 222 33.82 -24.71 6.73
CA CYS B 222 34.10 -24.60 5.30
C CYS B 222 35.59 -24.38 5.06
N LEU B 223 36.25 -23.56 5.89
CA LEU B 223 37.70 -23.42 5.79
C LEU B 223 38.40 -24.75 6.08
N ALA B 224 37.93 -25.47 7.09
CA ALA B 224 38.43 -26.81 7.34
C ALA B 224 38.28 -27.71 6.12
N TYR B 225 37.13 -27.64 5.46
CA TYR B 225 36.91 -28.43 4.25
C TYR B 225 37.87 -28.04 3.14
N CYS B 226 38.21 -26.75 3.04
CA CYS B 226 39.10 -26.30 1.98
C CYS B 226 40.44 -27.04 2.02
N THR B 227 41.12 -27.02 3.18
CA THR B 227 42.47 -27.56 3.25
C THR B 227 42.55 -29.02 2.81
N ASN B 228 41.51 -29.81 3.10
CA ASN B 228 41.55 -31.23 2.77
C ASN B 228 41.20 -31.48 1.30
N SER B 229 40.06 -30.96 0.84
CA SER B 229 39.54 -31.27 -0.48
C SER B 229 40.12 -30.37 -1.57
N VAL B 230 40.23 -29.05 -1.33
CA VAL B 230 40.67 -28.14 -2.38
C VAL B 230 42.19 -28.04 -2.31
N GLN B 231 42.78 -27.11 -3.06
CA GLN B 231 44.23 -26.97 -3.08
C GLN B 231 44.69 -26.07 -1.93
N HIS B 232 46.01 -25.93 -1.79
CA HIS B 232 46.58 -25.22 -0.64
C HIS B 232 46.83 -23.82 -1.20
N HIS B 233 45.79 -22.99 -1.18
CA HIS B 233 45.86 -21.78 -1.97
C HIS B 233 44.91 -20.71 -1.48
N THR B 234 44.52 -19.81 -2.37
CA THR B 234 43.72 -18.62 -2.11
C THR B 234 42.22 -18.87 -1.90
N PRO B 235 41.63 -19.99 -2.36
CA PRO B 235 40.24 -20.26 -1.96
C PRO B 235 40.01 -20.22 -0.45
N TYR B 236 40.87 -20.90 0.32
CA TYR B 236 40.86 -20.73 1.77
C TYR B 236 41.02 -19.26 2.15
N LYS B 237 42.00 -18.60 1.52
CA LYS B 237 42.32 -17.21 1.83
C LYS B 237 41.10 -16.31 1.67
N PHE B 238 40.59 -16.20 0.44
CA PHE B 238 39.46 -15.32 0.16
C PHE B 238 38.26 -15.64 1.05
N LEU B 239 37.96 -16.93 1.22
CA LEU B 239 36.82 -17.33 2.04
C LEU B 239 36.99 -16.85 3.48
N TRP B 240 38.21 -16.93 4.02
CA TRP B 240 38.49 -16.41 5.34
C TRP B 240 38.12 -14.94 5.46
N CYS B 241 38.50 -14.12 4.48
CA CYS B 241 38.24 -12.70 4.52
C CYS B 241 36.76 -12.36 4.43
N LYS B 242 35.91 -13.32 4.07
CA LYS B 242 34.48 -13.07 4.10
C LYS B 242 33.96 -12.96 5.53
N GLN B 243 34.59 -13.66 6.48
CA GLN B 243 34.29 -13.40 7.89
C GLN B 243 34.60 -11.95 8.24
N LEU B 244 35.78 -11.47 7.83
CA LEU B 244 36.14 -10.07 7.99
C LEU B 244 35.12 -9.16 7.32
N ASP B 245 34.56 -9.61 6.19
CA ASP B 245 33.58 -8.80 5.45
C ASP B 245 32.31 -8.58 6.26
N VAL B 246 31.82 -9.61 6.97
CA VAL B 246 30.53 -9.48 7.66
C VAL B 246 30.60 -8.42 8.75
N LEU B 247 31.75 -8.30 9.41
CA LEU B 247 31.86 -7.37 10.54
C LEU B 247 31.89 -5.92 10.07
N THR B 248 32.56 -5.66 8.95
CA THR B 248 32.59 -4.31 8.40
C THR B 248 31.21 -3.86 7.89
N LYS B 249 30.37 -4.81 7.47
CA LYS B 249 29.01 -4.47 7.07
C LYS B 249 28.09 -4.25 8.26
N LEU B 250 28.43 -4.81 9.42
CA LEU B 250 27.67 -4.56 10.64
C LEU B 250 28.03 -3.21 11.25
N LYS B 251 29.32 -2.91 11.36
CA LYS B 251 29.74 -1.63 11.93
C LYS B 251 29.25 -0.45 11.11
N GLU B 252 29.06 -0.65 9.80
CA GLU B 252 28.45 0.38 8.96
C GLU B 252 27.10 0.84 9.51
N MET B 253 26.30 -0.09 10.03
CA MET B 253 24.96 0.25 10.52
C MET B 253 25.00 0.94 11.88
N ASP B 254 26.14 0.96 12.55
CA ASP B 254 26.23 1.55 13.88
C ASP B 254 27.67 1.95 14.19
N LYS B 255 28.21 2.92 13.45
CA LYS B 255 29.59 3.37 13.67
C LYS B 255 29.75 4.06 15.01
N GLU B 256 28.69 4.72 15.50
CA GLU B 256 28.80 5.54 16.70
C GLU B 256 29.03 4.70 17.95
N SER B 257 28.26 3.62 18.12
CA SER B 257 28.15 2.98 19.42
C SER B 257 29.48 2.37 19.87
N GLN B 258 29.64 2.27 21.19
CA GLN B 258 30.86 1.81 21.83
C GLN B 258 30.79 0.34 22.25
N GLY B 259 29.67 -0.09 22.81
CA GLY B 259 29.53 -1.47 23.24
C GLY B 259 28.98 -2.38 22.16
N TRP B 260 29.03 -1.90 20.91
CA TRP B 260 28.47 -2.60 19.77
C TRP B 260 29.47 -3.20 18.79
N GLY B 261 30.53 -2.51 18.35
CA GLY B 261 31.17 -1.37 18.99
C GLY B 261 32.50 -1.96 19.44
N SER B 262 32.54 -2.36 20.71
CA SER B 262 33.61 -3.22 21.19
C SER B 262 33.12 -4.64 21.42
N LYS B 263 31.83 -4.89 21.18
CA LYS B 263 31.29 -6.24 21.05
C LYS B 263 31.66 -6.83 19.70
N LEU B 264 31.81 -5.99 18.68
CA LEU B 264 32.38 -6.42 17.41
C LEU B 264 33.91 -6.49 17.48
N GLN B 265 34.53 -5.65 18.31
CA GLN B 265 35.99 -5.55 18.33
C GLN B 265 36.65 -6.81 18.88
N GLN B 266 36.17 -7.32 20.01
CA GLN B 266 36.78 -8.54 20.55
C GLN B 266 36.42 -9.75 19.69
N LYS B 267 35.23 -9.76 19.09
CA LYS B 267 34.93 -10.74 18.04
C LYS B 267 35.88 -10.57 16.87
N PHE B 268 36.18 -9.31 16.52
CA PHE B 268 37.18 -9.01 15.51
C PHE B 268 38.56 -9.52 15.93
N LEU B 269 38.91 -9.33 17.21
CA LEU B 269 40.22 -9.73 17.71
C LEU B 269 40.34 -11.25 17.81
N SER B 270 39.34 -11.91 18.39
CA SER B 270 39.36 -13.36 18.52
C SER B 270 39.37 -14.05 17.17
N LEU B 271 38.95 -13.35 16.12
CA LEU B 271 39.02 -13.88 14.76
C LEU B 271 40.44 -13.82 14.22
N ILE B 272 41.16 -12.72 14.50
CA ILE B 272 42.57 -12.62 14.14
C ILE B 272 43.41 -13.61 14.94
N GLU B 273 43.10 -13.77 16.23
CA GLU B 273 43.87 -14.69 17.06
C GLU B 273 43.77 -16.13 16.56
N SER B 274 42.63 -16.50 15.95
CA SER B 274 42.36 -17.89 15.61
C SER B 274 43.05 -18.35 14.33
N ILE B 275 43.97 -17.57 13.76
CA ILE B 275 44.82 -18.06 12.68
C ILE B 275 45.89 -18.99 13.24
N ALA B 287 31.72 -33.51 1.14
CA ALA B 287 31.22 -32.97 -0.12
C ALA B 287 29.80 -32.44 0.02
N VAL B 288 28.85 -33.35 0.28
CA VAL B 288 27.45 -32.96 0.41
C VAL B 288 27.04 -32.70 1.85
N GLU B 289 27.94 -32.93 2.81
CA GLU B 289 27.63 -32.62 4.20
C GLU B 289 27.85 -31.14 4.52
N ILE B 290 28.76 -30.48 3.79
CA ILE B 290 29.05 -29.08 4.06
C ILE B 290 28.14 -28.12 3.28
N LEU B 291 27.64 -28.53 2.12
CA LEU B 291 26.77 -27.68 1.31
C LEU B 291 25.66 -27.01 2.12
N PRO B 292 24.94 -27.69 3.02
CA PRO B 292 24.00 -26.96 3.89
C PRO B 292 24.68 -25.92 4.78
N THR B 293 25.85 -26.22 5.34
CA THR B 293 26.51 -25.26 6.23
C THR B 293 27.07 -24.07 5.45
N TYR B 294 27.75 -24.33 4.32
CA TYR B 294 28.28 -23.23 3.53
C TYR B 294 27.19 -22.28 3.07
N CYS B 295 26.01 -22.82 2.72
CA CYS B 295 24.90 -21.97 2.31
C CYS B 295 24.43 -21.08 3.46
N SER B 296 24.50 -21.57 4.70
CA SER B 296 24.16 -20.73 5.85
C SER B 296 25.01 -19.47 5.92
N THR B 297 26.27 -19.55 5.45
CA THR B 297 27.13 -18.38 5.43
C THR B 297 26.72 -17.41 4.33
N LEU B 298 26.28 -17.94 3.19
CA LEU B 298 25.91 -17.12 2.03
C LEU B 298 24.68 -16.27 2.26
N LEU B 299 23.93 -16.49 3.33
CA LEU B 299 22.70 -15.75 3.57
C LEU B 299 22.96 -14.33 4.05
N THR B 300 24.20 -13.99 4.41
CA THR B 300 24.57 -12.61 4.68
C THR B 300 24.94 -11.86 3.41
N SER B 301 25.37 -12.57 2.38
CA SER B 301 25.86 -11.97 1.14
C SER B 301 24.80 -11.09 0.48
N GLU B 302 25.27 -10.19 -0.40
CA GLU B 302 24.36 -9.35 -1.16
C GLU B 302 23.49 -10.18 -2.10
N LEU B 303 24.05 -11.22 -2.70
CA LEU B 303 23.32 -12.05 -3.66
C LEU B 303 21.99 -12.52 -3.10
N ILE B 304 22.02 -13.20 -1.95
CA ILE B 304 20.80 -13.73 -1.35
C ILE B 304 19.84 -12.60 -1.01
N ASN B 305 20.36 -11.42 -0.70
CA ASN B 305 19.51 -10.29 -0.33
C ASN B 305 18.89 -9.61 -1.55
N MET B 306 19.26 -10.01 -2.77
CA MET B 306 18.58 -9.56 -3.98
C MET B 306 17.38 -10.40 -4.35
N TYR B 307 17.00 -11.38 -3.52
CA TYR B 307 15.88 -12.25 -3.85
C TYR B 307 14.59 -11.45 -4.05
N GLU B 308 14.22 -10.63 -3.06
CA GLU B 308 12.95 -9.89 -3.15
C GLU B 308 12.89 -8.91 -4.31
N PRO B 309 13.92 -8.10 -4.58
CA PRO B 309 13.82 -7.23 -5.76
C PRO B 309 13.71 -8.00 -7.06
N TYR B 310 14.35 -9.17 -7.16
CA TYR B 310 14.14 -10.04 -8.31
C TYR B 310 12.72 -10.58 -8.35
N LEU B 311 12.24 -11.08 -7.21
CA LEU B 311 10.88 -11.61 -7.12
C LEU B 311 9.86 -10.54 -7.47
N LYS B 312 9.98 -9.36 -6.86
CA LYS B 312 9.11 -8.24 -7.18
C LYS B 312 9.05 -7.96 -8.68
N LEU B 313 10.17 -8.12 -9.38
CA LEU B 313 10.22 -7.81 -10.80
C LEU B 313 9.42 -8.80 -11.63
N VAL B 314 9.78 -10.09 -11.56
CA VAL B 314 9.13 -11.11 -12.38
C VAL B 314 7.62 -11.07 -12.19
N LEU B 315 7.15 -10.82 -10.97
CA LEU B 315 5.72 -10.68 -10.74
C LEU B 315 5.16 -9.48 -11.50
N SER B 316 5.88 -8.35 -11.46
CA SER B 316 5.46 -7.18 -12.22
C SER B 316 5.44 -7.45 -13.72
N LEU B 317 6.24 -8.40 -14.20
CA LEU B 317 6.28 -8.70 -15.63
C LEU B 317 5.01 -9.39 -16.12
N LEU B 318 4.19 -9.94 -15.22
CA LEU B 318 2.94 -10.58 -15.63
C LEU B 318 1.94 -9.57 -16.20
N GLU B 319 2.21 -8.27 -16.09
CA GLU B 319 1.30 -7.26 -16.61
C GLU B 319 1.77 -6.61 -17.90
N ARG B 320 3.06 -6.74 -18.24
CA ARG B 320 3.56 -6.15 -19.48
C ARG B 320 2.81 -6.69 -20.70
N HIS B 321 2.69 -5.82 -21.71
CA HIS B 321 1.94 -6.18 -22.91
C HIS B 321 2.66 -7.21 -23.76
N LYS B 322 4.01 -7.27 -23.71
CA LYS B 322 4.74 -8.19 -24.57
C LYS B 322 4.61 -9.61 -24.03
N VAL B 323 4.16 -10.53 -24.88
CA VAL B 323 3.89 -11.89 -24.43
C VAL B 323 5.17 -12.61 -24.00
N LYS B 324 6.29 -12.36 -24.70
CA LYS B 324 7.51 -13.09 -24.40
C LYS B 324 8.06 -12.72 -23.02
N LEU B 325 7.73 -11.52 -22.52
CA LEU B 325 8.07 -11.19 -21.15
C LEU B 325 7.17 -11.93 -20.17
N ARG B 326 5.85 -11.85 -20.41
CA ARG B 326 4.89 -12.57 -19.57
C ARG B 326 5.19 -14.07 -19.54
N SER B 327 5.40 -14.68 -20.70
CA SER B 327 5.67 -16.11 -20.74
C SER B 327 7.00 -16.43 -20.06
N GLY B 328 8.02 -15.61 -20.28
CA GLY B 328 9.27 -15.78 -19.56
C GLY B 328 9.08 -15.62 -18.06
N ALA B 329 8.19 -14.73 -17.65
CA ALA B 329 7.86 -14.59 -16.23
C ALA B 329 7.21 -15.87 -15.71
N ILE B 330 6.30 -16.46 -16.49
CA ILE B 330 5.66 -17.71 -16.10
C ILE B 330 6.72 -18.77 -15.81
N ARG B 331 7.63 -18.99 -16.76
CA ARG B 331 8.68 -19.99 -16.59
C ARG B 331 9.55 -19.70 -15.39
N CYS B 332 9.80 -18.42 -15.09
CA CYS B 332 10.61 -18.08 -13.93
C CYS B 332 9.94 -18.53 -12.64
N LEU B 333 8.65 -18.22 -12.48
CA LEU B 333 7.95 -18.55 -11.25
C LEU B 333 7.71 -20.05 -11.13
N ALA B 334 7.35 -20.70 -12.23
CA ALA B 334 7.21 -22.16 -12.25
C ALA B 334 8.42 -22.84 -11.63
N LEU B 335 9.62 -22.42 -12.03
CA LEU B 335 10.85 -22.96 -11.46
C LEU B 335 10.90 -22.78 -9.94
N LEU B 336 10.59 -21.56 -9.46
CA LEU B 336 10.67 -21.30 -8.02
C LEU B 336 9.61 -22.08 -7.25
N ILE B 337 8.36 -22.06 -7.74
CA ILE B 337 7.25 -22.63 -6.98
C ILE B 337 7.43 -24.13 -6.78
N SER B 338 7.98 -24.81 -7.79
CA SER B 338 8.14 -26.26 -7.70
C SER B 338 9.29 -26.67 -6.79
N LYS B 339 10.21 -25.76 -6.47
CA LYS B 339 11.24 -26.04 -5.48
C LYS B 339 10.79 -25.68 -4.07
N ASP B 340 10.07 -24.56 -3.92
CA ASP B 340 9.53 -24.13 -2.63
C ASP B 340 8.05 -23.84 -2.84
N LYS B 341 7.19 -24.72 -2.32
CA LYS B 341 5.77 -24.66 -2.61
C LYS B 341 5.00 -23.73 -1.69
N ASN B 342 5.52 -23.45 -0.49
CA ASN B 342 4.90 -22.46 0.39
C ASN B 342 5.07 -21.03 -0.11
N MET B 343 5.89 -20.81 -1.14
CA MET B 343 6.02 -19.57 -1.90
C MET B 343 4.72 -18.79 -2.04
N LEU B 344 3.71 -19.48 -2.54
CA LEU B 344 2.42 -18.90 -2.89
C LEU B 344 1.83 -18.03 -1.81
N TYR B 345 1.99 -18.43 -0.55
CA TYR B 345 1.41 -17.72 0.58
C TYR B 345 2.28 -16.57 1.09
N THR B 346 3.50 -16.42 0.59
CA THR B 346 4.31 -15.25 0.89
C THR B 346 3.58 -14.01 0.39
N PRO B 347 3.51 -12.93 1.18
CA PRO B 347 2.57 -11.84 0.87
C PRO B 347 2.74 -11.24 -0.51
N ILE B 348 3.98 -11.17 -1.01
CA ILE B 348 4.20 -10.51 -2.29
C ILE B 348 3.60 -11.32 -3.43
N VAL B 349 3.76 -12.64 -3.38
CA VAL B 349 3.21 -13.51 -4.43
C VAL B 349 1.69 -13.62 -4.30
N LYS B 350 1.20 -13.80 -3.07
CA LYS B 350 -0.24 -13.93 -2.86
C LYS B 350 -1.02 -12.75 -3.45
N GLU B 351 -0.56 -11.52 -3.15
CA GLU B 351 -1.29 -10.33 -3.61
C GLU B 351 -1.31 -10.21 -5.13
N THR B 352 -0.18 -10.46 -5.80
CA THR B 352 -0.15 -10.25 -7.25
C THR B 352 -0.99 -11.29 -7.98
N ILE B 353 -0.92 -12.57 -7.55
CA ILE B 353 -1.76 -13.62 -8.11
C ILE B 353 -3.24 -13.28 -7.95
N GLU B 354 -3.64 -12.83 -6.76
CA GLU B 354 -5.03 -12.43 -6.58
C GLU B 354 -5.39 -11.27 -7.50
N ASN B 355 -4.45 -10.35 -7.73
CA ASN B 355 -4.72 -9.23 -8.62
C ASN B 355 -4.81 -9.67 -10.08
N ARG B 356 -3.95 -10.59 -10.52
CA ARG B 356 -3.97 -11.00 -11.92
C ARG B 356 -5.18 -11.87 -12.25
N LEU B 357 -5.78 -12.52 -11.25
CA LEU B 357 -6.95 -13.36 -11.52
C LEU B 357 -8.20 -12.54 -11.82
N THR B 358 -8.28 -11.31 -11.30
CA THR B 358 -9.44 -10.47 -11.57
C THR B 358 -9.28 -9.67 -12.86
N ASP B 359 -8.14 -9.02 -13.03
CA ASP B 359 -7.92 -8.03 -14.10
C ASP B 359 -6.87 -8.59 -15.04
N SER B 360 -7.32 -9.31 -16.08
CA SER B 360 -6.39 -9.95 -16.99
C SER B 360 -7.15 -10.60 -18.15
N SER B 361 -6.38 -11.08 -19.13
CA SER B 361 -6.89 -11.84 -20.26
C SER B 361 -7.08 -13.32 -19.90
N PRO B 362 -7.84 -14.07 -20.70
CA PRO B 362 -8.01 -15.51 -20.42
C PRO B 362 -6.72 -16.29 -20.36
N LEU B 363 -5.75 -16.02 -21.25
CA LEU B 363 -4.57 -16.86 -21.33
C LEU B 363 -3.61 -16.62 -20.17
N VAL B 364 -3.58 -15.42 -19.62
CA VAL B 364 -2.78 -15.18 -18.43
C VAL B 364 -3.49 -15.71 -17.18
N LYS B 365 -4.82 -15.56 -17.10
CA LYS B 365 -5.57 -16.16 -16.00
C LYS B 365 -5.32 -17.66 -15.92
N ASP B 366 -5.43 -18.36 -17.05
CA ASP B 366 -5.11 -19.77 -17.10
C ASP B 366 -3.68 -20.02 -16.62
N ALA B 367 -2.74 -19.17 -17.03
CA ALA B 367 -1.34 -19.34 -16.63
C ALA B 367 -1.18 -19.19 -15.11
N ILE B 368 -1.86 -18.21 -14.51
CA ILE B 368 -1.80 -18.04 -13.07
C ILE B 368 -2.37 -19.26 -12.37
N LEU B 369 -3.49 -19.79 -12.88
CA LEU B 369 -4.11 -20.96 -12.27
C LEU B 369 -3.20 -22.18 -12.35
N GLU B 370 -2.50 -22.35 -13.47
CA GLU B 370 -1.54 -23.46 -13.57
C GLU B 370 -0.39 -23.29 -12.58
N LEU B 371 0.03 -22.04 -12.33
CA LEU B 371 1.08 -21.80 -11.33
C LEU B 371 0.61 -22.23 -9.94
N ILE B 372 -0.60 -21.84 -9.56
CA ILE B 372 -1.17 -22.26 -8.29
C ILE B 372 -1.17 -23.79 -8.19
N GLU B 373 -1.49 -24.46 -9.31
CA GLU B 373 -1.58 -25.92 -9.34
C GLU B 373 -0.25 -26.61 -9.02
N LEU B 374 0.88 -25.94 -9.22
CA LEU B 374 2.17 -26.59 -8.97
C LEU B 374 2.53 -26.62 -7.49
N GLY B 375 1.81 -25.88 -6.64
CA GLY B 375 2.00 -25.94 -5.21
C GLY B 375 1.18 -27.02 -4.54
N SER B 376 1.33 -27.09 -3.21
CA SER B 376 0.58 -28.02 -2.38
C SER B 376 -0.78 -27.44 -2.00
N SER B 377 -1.78 -28.31 -1.95
CA SER B 377 -3.12 -27.99 -1.43
C SER B 377 -3.80 -26.81 -2.13
N TYR B 378 -3.29 -25.61 -1.87
CA TYR B 378 -3.83 -24.32 -2.34
C TYR B 378 -5.33 -24.16 -2.08
N ILE B 379 -5.84 -24.77 -1.01
CA ILE B 379 -7.27 -24.63 -0.72
C ILE B 379 -7.60 -23.19 -0.38
N ASP B 380 -6.70 -22.50 0.32
CA ASP B 380 -6.93 -21.12 0.73
C ASP B 380 -7.18 -20.18 -0.45
N PHE B 381 -6.72 -20.54 -1.64
CA PHE B 381 -6.98 -19.75 -2.85
C PHE B 381 -8.36 -19.97 -3.44
N TYR B 382 -9.20 -20.81 -2.82
CA TYR B 382 -10.46 -21.22 -3.44
C TYR B 382 -11.33 -20.02 -3.81
N GLN B 383 -11.35 -18.98 -2.97
CA GLN B 383 -12.28 -17.87 -3.19
C GLN B 383 -11.87 -17.03 -4.39
N HIS B 384 -10.56 -16.88 -4.63
CA HIS B 384 -10.10 -16.13 -5.80
C HIS B 384 -10.11 -16.98 -7.06
N ILE B 385 -9.87 -18.29 -6.92
CA ILE B 385 -9.92 -19.18 -8.08
C ILE B 385 -11.29 -19.12 -8.75
N ASN B 386 -12.36 -19.06 -7.94
CA ASN B 386 -13.72 -19.13 -8.46
C ASN B 386 -14.27 -17.79 -8.93
N ILE B 387 -13.46 -16.73 -8.95
CA ILE B 387 -13.88 -15.51 -9.64
C ILE B 387 -14.21 -15.83 -11.09
N ASN B 388 -13.48 -16.77 -11.69
CA ASN B 388 -13.61 -17.10 -13.10
C ASN B 388 -14.31 -18.44 -13.33
N TYR B 389 -15.07 -18.93 -12.34
CA TYR B 389 -15.80 -20.18 -12.53
C TYR B 389 -16.79 -20.08 -13.67
N ASN B 390 -17.30 -18.87 -13.94
CA ASN B 390 -18.27 -18.62 -15.01
C ASN B 390 -17.69 -17.75 -16.12
N ASP B 391 -16.35 -17.65 -16.21
CA ASP B 391 -15.72 -16.79 -17.20
C ASP B 391 -16.16 -17.14 -18.62
N ASP B 392 -16.07 -16.15 -19.50
CA ASP B 392 -16.46 -16.32 -20.90
C ASP B 392 -15.66 -17.43 -21.59
N SER B 393 -14.40 -17.60 -21.21
CA SER B 393 -13.55 -18.59 -21.85
C SER B 393 -13.88 -20.00 -21.38
N MET B 394 -14.09 -20.90 -22.34
CA MET B 394 -14.22 -22.32 -22.03
C MET B 394 -12.96 -22.87 -21.35
N LEU B 395 -11.80 -22.35 -21.76
CA LEU B 395 -10.53 -22.89 -21.25
C LEU B 395 -10.38 -22.68 -19.75
N VAL B 396 -10.65 -21.46 -19.28
CA VAL B 396 -10.50 -21.20 -17.85
C VAL B 396 -11.67 -21.82 -17.08
N ARG B 397 -12.87 -21.84 -17.65
CA ARG B 397 -13.99 -22.53 -17.02
C ARG B 397 -13.68 -24.01 -16.80
N LYS B 398 -13.11 -24.67 -17.82
CA LYS B 398 -12.67 -26.04 -17.62
C LYS B 398 -11.60 -26.13 -16.53
N HIS B 399 -10.71 -25.15 -16.48
CA HIS B 399 -9.59 -25.17 -15.54
C HIS B 399 -10.08 -25.04 -14.10
N VAL B 400 -11.00 -24.10 -13.86
CA VAL B 400 -11.49 -23.87 -12.50
C VAL B 400 -12.28 -25.07 -12.00
N LEU B 401 -13.10 -25.66 -12.85
CA LEU B 401 -13.82 -26.89 -12.52
C LEU B 401 -12.84 -27.97 -12.03
N ARG B 402 -11.75 -28.17 -12.77
CA ARG B 402 -10.76 -29.18 -12.39
C ARG B 402 -10.17 -28.89 -11.01
N MET B 403 -9.97 -27.62 -10.68
CA MET B 403 -9.34 -27.27 -9.42
C MET B 403 -10.34 -27.28 -8.26
N ASN B 404 -11.60 -26.96 -8.53
CA ASN B 404 -12.65 -27.16 -7.52
C ASN B 404 -12.69 -28.60 -7.04
N GLN B 405 -12.46 -29.56 -7.95
CA GLN B 405 -12.46 -30.96 -7.57
C GLN B 405 -11.32 -31.27 -6.61
N ILE B 406 -10.11 -30.81 -6.94
CA ILE B 406 -8.95 -31.06 -6.09
C ILE B 406 -9.15 -30.44 -4.71
N ILE B 407 -9.65 -29.21 -4.67
CA ILE B 407 -9.92 -28.56 -3.39
C ILE B 407 -10.93 -29.36 -2.58
N TYR B 408 -11.99 -29.83 -3.24
CA TYR B 408 -13.04 -30.57 -2.54
C TYR B 408 -12.48 -31.83 -1.88
N ASP B 409 -11.65 -32.58 -2.61
CA ASP B 409 -11.04 -33.79 -2.06
C ASP B 409 -9.95 -33.52 -1.04
N ASP B 410 -9.44 -32.30 -0.96
CA ASP B 410 -8.29 -31.97 -0.11
C ASP B 410 -8.71 -31.41 1.24
N THR B 411 -9.53 -30.36 1.24
CA THR B 411 -10.00 -29.79 2.50
C THR B 411 -10.87 -30.77 3.27
N GLU B 412 -10.88 -30.60 4.59
CA GLU B 412 -11.84 -31.25 5.48
C GLU B 412 -12.89 -30.29 6.02
N ASP B 413 -12.90 -29.05 5.54
CA ASP B 413 -13.86 -28.04 5.97
C ASP B 413 -15.13 -28.14 5.12
N ILE B 414 -16.29 -28.18 5.79
CA ILE B 414 -17.56 -28.31 5.07
C ILE B 414 -17.90 -27.03 4.32
N ILE B 415 -17.70 -25.85 4.94
CA ILE B 415 -18.07 -24.61 4.26
C ILE B 415 -17.18 -24.34 3.06
N ILE B 416 -16.00 -24.96 3.01
CA ILE B 416 -15.18 -24.91 1.81
C ILE B 416 -15.76 -25.84 0.74
N LYS B 417 -16.02 -27.09 1.14
CA LYS B 417 -16.56 -28.09 0.21
C LYS B 417 -17.85 -27.60 -0.43
N ALA B 418 -18.78 -27.07 0.37
CA ALA B 418 -20.04 -26.59 -0.17
C ALA B 418 -19.85 -25.39 -1.09
N TYR B 419 -18.85 -24.55 -0.80
CA TYR B 419 -18.55 -23.41 -1.67
C TYR B 419 -18.15 -23.88 -3.06
N VAL B 420 -17.12 -24.72 -3.13
CA VAL B 420 -16.61 -25.17 -4.43
C VAL B 420 -17.58 -26.12 -5.12
N ALA B 421 -18.30 -26.95 -4.34
CA ALA B 421 -19.33 -27.80 -4.93
C ALA B 421 -20.48 -26.99 -5.50
N SER B 422 -20.79 -25.84 -4.89
CA SER B 422 -21.79 -24.96 -5.45
C SER B 422 -21.41 -24.47 -6.84
N ARG B 423 -20.12 -24.19 -7.06
CA ARG B 423 -19.70 -23.72 -8.38
C ARG B 423 -19.59 -24.87 -9.37
N ILE B 424 -19.30 -26.08 -8.90
CA ILE B 424 -19.35 -27.24 -9.77
C ILE B 424 -20.78 -27.48 -10.23
N LEU B 425 -21.73 -27.45 -9.28
CA LEU B 425 -23.13 -27.72 -9.60
C LEU B 425 -23.68 -26.71 -10.60
N ARG B 426 -23.29 -25.44 -10.49
CA ARG B 426 -23.74 -24.43 -11.43
C ARG B 426 -23.31 -24.71 -12.86
N ARG B 427 -22.24 -25.50 -13.06
CA ARG B 427 -21.78 -25.78 -14.41
C ARG B 427 -22.51 -26.92 -15.09
N ILE B 428 -23.57 -27.47 -14.49
CA ILE B 428 -24.42 -28.38 -15.25
C ILE B 428 -25.27 -27.61 -16.24
N GLU B 429 -25.39 -26.31 -16.05
CA GLU B 429 -26.00 -25.43 -17.04
C GLU B 429 -24.85 -24.70 -17.71
N ASP B 430 -24.43 -25.19 -18.88
CA ASP B 430 -23.24 -24.67 -19.54
C ASP B 430 -23.41 -24.81 -21.04
N GLU B 431 -22.76 -23.91 -21.78
CA GLU B 431 -22.86 -23.92 -23.25
C GLU B 431 -22.13 -25.11 -23.85
N GLU B 432 -21.12 -25.64 -23.16
CA GLU B 432 -20.36 -26.79 -23.65
C GLU B 432 -20.86 -28.05 -22.96
N ASP B 433 -21.36 -29.00 -23.76
CA ASP B 433 -21.84 -30.27 -23.22
C ASP B 433 -20.75 -31.03 -22.47
N VAL B 434 -19.49 -30.88 -22.89
CA VAL B 434 -18.40 -31.58 -22.21
C VAL B 434 -18.30 -31.13 -20.75
N ILE B 435 -18.41 -29.83 -20.49
CA ILE B 435 -18.31 -29.32 -19.13
C ILE B 435 -19.49 -29.81 -18.29
N ILE B 436 -20.67 -29.94 -18.90
CA ILE B 436 -21.84 -30.46 -18.18
C ILE B 436 -21.54 -31.84 -17.63
N GLU B 437 -21.15 -32.78 -18.51
CA GLU B 437 -20.90 -34.14 -18.07
C GLU B 437 -19.78 -34.23 -17.05
N THR B 438 -18.76 -33.36 -17.16
CA THR B 438 -17.72 -33.33 -16.14
C THR B 438 -18.29 -32.90 -14.80
N ALA B 439 -19.03 -31.79 -14.77
CA ALA B 439 -19.63 -31.32 -13.53
C ALA B 439 -20.57 -32.37 -12.93
N ARG B 440 -21.41 -32.97 -13.76
CA ARG B 440 -22.38 -33.96 -13.27
C ARG B 440 -21.68 -35.18 -12.69
N SER B 441 -20.83 -35.81 -13.49
CA SER B 441 -20.18 -37.06 -13.09
C SER B 441 -19.42 -36.92 -11.78
N GLU B 442 -18.66 -35.84 -11.63
CA GLU B 442 -17.78 -35.71 -10.47
C GLU B 442 -18.59 -35.46 -9.19
N LEU B 443 -19.75 -34.82 -9.30
CA LEU B 443 -20.65 -34.72 -8.16
C LEU B 443 -21.28 -36.07 -7.85
N LEU B 444 -21.74 -36.77 -8.88
CA LEU B 444 -22.30 -38.11 -8.69
C LEU B 444 -21.26 -39.04 -8.06
N LYS B 445 -20.05 -39.06 -8.63
CA LYS B 445 -18.98 -39.88 -8.07
C LYS B 445 -18.73 -39.58 -6.59
N ARG B 446 -18.73 -38.30 -6.22
CA ARG B 446 -18.31 -37.95 -4.86
C ARG B 446 -19.45 -38.14 -3.86
N TRP B 447 -20.67 -37.75 -4.22
CA TRP B 447 -21.78 -37.80 -3.27
C TRP B 447 -22.50 -39.14 -3.25
N ILE B 448 -22.59 -39.82 -4.39
CA ILE B 448 -23.39 -41.04 -4.50
C ILE B 448 -22.51 -42.28 -4.55
N LEU B 449 -21.84 -42.50 -5.69
CA LEU B 449 -21.13 -43.75 -5.91
C LEU B 449 -19.94 -43.95 -4.97
N SER B 450 -19.41 -42.88 -4.38
CA SER B 450 -18.33 -43.03 -3.41
C SER B 450 -18.76 -43.81 -2.18
N ILE B 451 -20.06 -43.80 -1.85
CA ILE B 451 -20.52 -44.36 -0.59
C ILE B 451 -20.35 -45.88 -0.56
N GLN B 452 -20.52 -46.56 -1.69
CA GLN B 452 -20.40 -48.00 -1.75
C GLN B 452 -19.19 -48.36 -2.61
N CYS B 453 -18.01 -48.09 -2.07
CA CYS B 453 -16.77 -48.35 -2.79
C CYS B 453 -16.37 -49.81 -2.61
N PRO B 454 -16.00 -50.51 -3.69
CA PRO B 454 -15.50 -51.88 -3.53
C PRO B 454 -14.31 -52.00 -2.57
N ASN B 455 -13.45 -50.99 -2.50
CA ASN B 455 -12.30 -51.07 -1.59
C ASN B 455 -12.70 -50.90 -0.12
N ALA B 456 -13.33 -49.76 0.21
CA ALA B 456 -13.60 -49.35 1.59
C ALA B 456 -14.36 -50.37 2.43
N LYS B 457 -14.02 -50.39 3.72
CA LYS B 457 -14.75 -51.15 4.75
C LYS B 457 -16.01 -50.37 5.16
N PRO B 458 -16.83 -50.90 6.08
CA PRO B 458 -18.15 -50.28 6.30
C PRO B 458 -18.19 -48.91 7.01
N GLU B 459 -17.44 -48.65 8.08
CA GLU B 459 -17.75 -47.42 8.81
C GLU B 459 -17.08 -46.16 8.27
N LEU B 460 -15.90 -46.25 7.65
CA LEU B 460 -15.43 -45.10 6.88
C LEU B 460 -16.40 -44.77 5.77
N GLN B 461 -17.10 -45.78 5.26
CA GLN B 461 -18.19 -45.54 4.31
C GLN B 461 -19.25 -44.64 4.94
N ILE B 462 -19.68 -44.96 6.17
CA ILE B 462 -20.67 -44.12 6.84
C ILE B 462 -20.11 -42.74 7.16
N LYS B 463 -18.80 -42.64 7.38
CA LYS B 463 -18.21 -41.33 7.67
C LYS B 463 -18.11 -40.49 6.40
N ASN B 464 -17.87 -41.13 5.24
CA ASN B 464 -17.98 -40.42 3.97
C ASN B 464 -19.42 -39.99 3.71
N CYS B 465 -20.37 -40.89 3.95
CA CYS B 465 -21.79 -40.56 3.80
C CYS B 465 -22.17 -39.32 4.58
N ARG B 466 -21.66 -39.20 5.81
CA ARG B 466 -22.06 -38.12 6.69
C ARG B 466 -21.49 -36.77 6.24
N VAL B 467 -20.24 -36.77 5.76
CA VAL B 467 -19.69 -35.52 5.22
C VAL B 467 -20.46 -35.08 3.98
N SER B 468 -20.82 -36.03 3.12
CA SER B 468 -21.65 -35.71 1.95
C SER B 468 -22.95 -35.05 2.37
N ILE B 469 -23.59 -35.57 3.42
CA ILE B 469 -24.84 -34.99 3.91
C ILE B 469 -24.60 -33.58 4.44
N ARG B 470 -23.54 -33.41 5.24
CA ARG B 470 -23.18 -32.08 5.74
C ARG B 470 -22.92 -31.10 4.61
N VAL B 471 -22.20 -31.54 3.56
CA VAL B 471 -21.91 -30.65 2.44
C VAL B 471 -23.18 -30.26 1.71
N ILE B 472 -24.02 -31.24 1.38
CA ILE B 472 -25.24 -30.96 0.64
C ILE B 472 -26.18 -30.06 1.44
N ALA B 473 -26.32 -30.35 2.74
CA ALA B 473 -27.19 -29.53 3.59
C ALA B 473 -26.70 -28.08 3.64
N GLN B 474 -25.39 -27.89 3.74
CA GLN B 474 -24.84 -26.54 3.68
C GLN B 474 -25.05 -25.93 2.30
N LEU B 475 -24.87 -26.71 1.24
CA LEU B 475 -25.09 -26.22 -0.12
C LEU B 475 -26.51 -25.68 -0.29
N LEU B 476 -27.49 -26.37 0.26
CA LEU B 476 -28.89 -25.97 0.07
C LEU B 476 -29.25 -24.71 0.85
N VAL B 477 -28.42 -24.30 1.81
CA VAL B 477 -28.62 -23.04 2.51
C VAL B 477 -28.24 -21.90 1.57
N GLY B 478 -29.22 -21.07 1.23
CA GLY B 478 -28.95 -19.89 0.45
C GLY B 478 -28.90 -20.18 -1.04
N GLY B 479 -29.45 -19.27 -1.84
CA GLY B 479 -29.76 -19.60 -3.22
C GLY B 479 -31.08 -20.31 -3.40
N ASP B 480 -32.02 -19.66 -4.08
CA ASP B 480 -33.13 -20.39 -4.68
C ASP B 480 -32.68 -21.11 -5.95
N LYS B 481 -31.84 -20.46 -6.75
CA LYS B 481 -31.29 -21.09 -7.95
C LYS B 481 -30.56 -22.39 -7.61
N ILE B 482 -29.67 -22.35 -6.62
CA ILE B 482 -28.82 -23.52 -6.36
C ILE B 482 -29.65 -24.69 -5.85
N CYS B 483 -30.76 -24.43 -5.13
CA CYS B 483 -31.65 -25.50 -4.73
C CYS B 483 -32.36 -26.12 -5.93
N ASP B 484 -32.82 -25.27 -6.85
CA ASP B 484 -33.44 -25.79 -8.07
C ASP B 484 -32.44 -26.59 -8.90
N LEU B 485 -31.17 -26.15 -8.93
CA LEU B 485 -30.14 -26.91 -9.63
C LEU B 485 -29.92 -28.26 -8.97
N PHE B 486 -29.88 -28.30 -7.64
CA PHE B 486 -29.68 -29.58 -6.95
C PHE B 486 -30.85 -30.52 -7.20
N GLU B 487 -32.08 -30.01 -7.10
CA GLU B 487 -33.24 -30.85 -7.33
C GLU B 487 -33.27 -31.36 -8.76
N HIS B 488 -32.85 -30.53 -9.71
CA HIS B 488 -32.76 -30.96 -11.10
C HIS B 488 -31.71 -32.06 -11.25
N PHE B 489 -30.53 -31.85 -10.65
CA PHE B 489 -29.48 -32.87 -10.68
C PHE B 489 -29.96 -34.18 -10.06
N LEU B 490 -30.67 -34.10 -8.94
CA LEU B 490 -31.17 -35.31 -8.28
C LEU B 490 -32.23 -36.03 -9.12
N ILE B 491 -33.24 -35.30 -9.58
CA ILE B 491 -34.40 -35.94 -10.21
C ILE B 491 -34.08 -36.35 -11.65
N PHE B 492 -33.56 -35.43 -12.45
CA PHE B 492 -33.44 -35.66 -13.89
C PHE B 492 -32.08 -36.23 -14.30
N TYR B 493 -31.11 -36.33 -13.39
CA TYR B 493 -29.85 -36.99 -13.70
C TYR B 493 -29.60 -38.21 -12.81
N VAL B 494 -29.48 -38.01 -11.50
CA VAL B 494 -29.15 -39.11 -10.59
C VAL B 494 -30.18 -40.23 -10.71
N LEU B 495 -31.45 -39.90 -10.50
CA LEU B 495 -32.52 -40.89 -10.52
C LEU B 495 -33.09 -41.12 -11.91
N ASN B 496 -32.48 -40.56 -12.95
CA ASN B 496 -32.85 -40.88 -14.31
C ASN B 496 -32.09 -42.14 -14.71
N LYS B 497 -32.82 -43.25 -14.85
CA LYS B 497 -32.20 -44.54 -15.11
C LYS B 497 -31.68 -44.67 -16.55
N ASN B 498 -32.10 -43.79 -17.45
CA ASN B 498 -31.53 -43.79 -18.80
C ASN B 498 -30.20 -43.07 -18.88
N ALA B 499 -29.84 -42.30 -17.86
CA ALA B 499 -28.56 -41.58 -17.83
C ALA B 499 -27.38 -42.47 -17.45
N HIS B 500 -27.62 -43.67 -16.94
CA HIS B 500 -26.56 -44.48 -16.36
C HIS B 500 -26.64 -45.91 -16.87
N THR B 501 -25.58 -46.67 -16.61
CA THR B 501 -25.56 -48.09 -16.87
C THR B 501 -26.33 -48.84 -15.80
N GLU B 502 -26.52 -50.14 -16.01
CA GLU B 502 -27.30 -50.94 -15.08
C GLU B 502 -26.59 -51.13 -13.75
N ASP B 503 -25.27 -51.33 -13.78
CA ASP B 503 -24.51 -51.45 -12.55
C ASP B 503 -24.54 -50.14 -11.77
N GLN B 504 -24.54 -49.01 -12.47
CA GLN B 504 -24.53 -47.70 -11.80
C GLN B 504 -25.88 -47.42 -11.15
N ASN B 505 -26.98 -47.66 -11.87
CA ASN B 505 -28.31 -47.50 -11.30
C ASN B 505 -28.48 -48.33 -10.04
N LYS B 506 -27.92 -49.55 -10.02
CA LYS B 506 -27.96 -50.37 -8.81
C LYS B 506 -27.19 -49.69 -7.67
N LEU B 507 -25.97 -49.25 -7.94
CA LEU B 507 -25.18 -48.57 -6.91
C LEU B 507 -25.89 -47.29 -6.44
N ILE B 508 -26.46 -46.53 -7.38
CA ILE B 508 -27.18 -45.30 -7.02
C ILE B 508 -28.31 -45.61 -6.06
N SER B 509 -29.13 -46.62 -6.36
CA SER B 509 -30.25 -46.98 -5.50
C SER B 509 -29.77 -47.46 -4.14
N SER B 510 -28.77 -48.35 -4.14
CA SER B 510 -28.17 -48.79 -2.88
C SER B 510 -27.61 -47.61 -2.10
N SER B 511 -26.89 -46.72 -2.80
CA SER B 511 -26.23 -45.60 -2.15
C SER B 511 -27.23 -44.63 -1.52
N LEU B 512 -28.27 -44.27 -2.27
CA LEU B 512 -29.26 -43.34 -1.75
C LEU B 512 -30.02 -43.94 -0.57
N CYS B 513 -30.26 -45.25 -0.60
CA CYS B 513 -30.90 -45.92 0.53
C CYS B 513 -30.07 -45.77 1.80
N LEU B 514 -28.79 -46.12 1.73
CA LEU B 514 -27.89 -45.94 2.88
C LEU B 514 -27.79 -44.48 3.27
N LEU B 515 -27.80 -43.58 2.29
CA LEU B 515 -27.67 -42.15 2.58
C LEU B 515 -28.92 -41.62 3.26
N THR B 516 -30.11 -41.99 2.77
CA THR B 516 -31.36 -41.53 3.38
C THR B 516 -31.49 -42.01 4.81
N ASP B 517 -31.03 -43.24 5.08
CA ASP B 517 -31.03 -43.76 6.45
C ASP B 517 -30.15 -42.90 7.36
N GLN B 518 -28.95 -42.56 6.89
CA GLN B 518 -28.04 -41.75 7.70
C GLN B 518 -28.55 -40.33 7.89
N VAL B 519 -29.28 -39.78 6.91
CA VAL B 519 -29.93 -38.49 7.10
C VAL B 519 -30.85 -38.56 8.31
N ILE B 520 -31.61 -39.64 8.43
CA ILE B 520 -32.55 -39.79 9.55
C ILE B 520 -31.79 -39.87 10.87
N GLU B 521 -30.78 -40.75 10.96
CA GLU B 521 -30.02 -40.84 12.20
C GLU B 521 -29.35 -39.51 12.56
N MET B 522 -28.91 -38.74 11.56
CA MET B 522 -28.27 -37.46 11.87
C MET B 522 -29.24 -36.43 12.42
N VAL B 523 -30.51 -36.47 12.01
CA VAL B 523 -31.45 -35.46 12.54
C VAL B 523 -31.86 -35.80 13.96
N ILE B 524 -32.14 -37.07 14.26
CA ILE B 524 -32.56 -37.44 15.62
C ILE B 524 -31.40 -37.25 16.59
N GLU B 525 -30.19 -37.62 16.19
CA GLU B 525 -29.01 -37.43 17.03
C GLU B 525 -28.76 -35.94 17.29
N ASN B 526 -29.02 -35.09 16.30
CA ASN B 526 -28.77 -33.66 16.49
C ASN B 526 -29.61 -33.11 17.64
N GLU B 527 -30.86 -33.54 17.74
CA GLU B 527 -31.72 -33.18 18.85
C GLU B 527 -31.45 -34.13 20.02
N ALA B 528 -30.22 -34.04 20.52
CA ALA B 528 -29.77 -34.83 21.67
C ALA B 528 -30.11 -36.31 21.55
N GLU B 537 -28.27 -26.51 14.42
CA GLU B 537 -28.25 -25.55 13.33
C GLU B 537 -27.94 -26.26 12.03
N GLU B 538 -27.02 -27.22 12.14
CA GLU B 538 -26.85 -28.25 11.13
C GLU B 538 -28.18 -28.94 10.88
N GLY B 539 -28.86 -29.31 11.96
CA GLY B 539 -30.05 -30.14 11.87
C GLY B 539 -31.16 -29.60 10.98
N ARG B 540 -31.52 -28.32 11.14
CA ARG B 540 -32.62 -27.79 10.34
C ARG B 540 -32.27 -27.78 8.86
N ASN B 541 -30.97 -27.69 8.54
CA ASN B 541 -30.55 -27.77 7.14
C ASN B 541 -30.58 -29.20 6.63
N ILE B 542 -30.21 -30.17 7.47
CA ILE B 542 -30.32 -31.58 7.09
C ILE B 542 -31.78 -31.94 6.85
N MET B 543 -32.68 -31.39 7.67
CA MET B 543 -34.10 -31.65 7.48
C MET B 543 -34.62 -31.10 6.16
N LYS B 544 -34.04 -29.98 5.69
CA LYS B 544 -34.41 -29.47 4.37
C LYS B 544 -33.97 -30.43 3.27
N PHE B 545 -32.77 -31.00 3.41
CA PHE B 545 -32.30 -32.01 2.48
C PHE B 545 -33.24 -33.21 2.47
N LEU B 546 -33.65 -33.67 3.66
CA LEU B 546 -34.56 -34.80 3.75
C LEU B 546 -35.85 -34.56 2.97
N SER B 547 -36.39 -33.34 3.04
CA SER B 547 -37.62 -33.04 2.32
C SER B 547 -37.45 -33.10 0.81
N VAL B 548 -36.28 -32.73 0.29
CA VAL B 548 -36.06 -32.87 -1.15
C VAL B 548 -35.91 -34.33 -1.52
N LEU B 549 -35.20 -35.12 -0.70
CA LEU B 549 -35.16 -36.56 -0.90
C LEU B 549 -36.55 -37.17 -0.84
N SER B 550 -37.39 -36.68 0.08
CA SER B 550 -38.73 -37.23 0.24
C SER B 550 -39.61 -36.93 -0.97
N SER B 551 -39.36 -35.81 -1.65
CA SER B 551 -40.18 -35.43 -2.80
C SER B 551 -39.83 -36.19 -4.06
N CYS B 552 -38.89 -37.12 -3.99
CA CYS B 552 -38.56 -37.92 -5.16
C CYS B 552 -39.65 -38.96 -5.38
N GLN B 553 -39.73 -39.44 -6.62
CA GLN B 553 -40.78 -40.37 -7.01
C GLN B 553 -40.81 -41.62 -6.13
N ASP B 554 -39.75 -42.42 -6.14
CA ASP B 554 -39.59 -43.52 -5.18
C ASP B 554 -38.49 -43.13 -4.19
N SER B 555 -38.88 -42.54 -3.08
CA SER B 555 -37.94 -42.24 -2.00
C SER B 555 -37.47 -43.52 -1.32
N PHE B 556 -36.50 -43.37 -0.42
CA PHE B 556 -35.99 -44.47 0.38
C PHE B 556 -36.27 -44.28 1.86
N ILE B 557 -37.27 -43.48 2.19
CA ILE B 557 -37.73 -43.32 3.56
C ILE B 557 -38.74 -44.41 3.86
N THR B 558 -38.64 -45.02 5.03
CA THR B 558 -39.47 -46.16 5.39
C THR B 558 -40.34 -45.81 6.58
N LYS B 559 -41.21 -46.76 6.96
CA LYS B 559 -42.14 -46.52 8.04
C LYS B 559 -41.43 -46.46 9.39
N ASP B 560 -40.33 -47.19 9.54
CA ASP B 560 -39.54 -47.08 10.77
C ASP B 560 -38.82 -45.75 10.84
N HIS B 561 -38.50 -45.15 9.69
CA HIS B 561 -37.90 -43.81 9.69
C HIS B 561 -38.91 -42.76 10.13
N ILE B 562 -40.11 -42.77 9.54
CA ILE B 562 -41.10 -41.76 9.87
C ILE B 562 -41.68 -41.97 11.26
N THR B 563 -41.61 -43.20 11.78
CA THR B 563 -41.97 -43.44 13.17
C THR B 563 -40.95 -42.78 14.09
N ALA B 564 -39.67 -42.96 13.81
CA ALA B 564 -38.61 -42.38 14.64
C ALA B 564 -38.66 -40.85 14.65
N LEU B 565 -39.16 -40.24 13.57
CA LEU B 565 -39.24 -38.78 13.50
C LEU B 565 -40.43 -38.22 14.26
N TYR B 566 -41.46 -39.03 14.50
CA TYR B 566 -42.70 -38.54 15.11
C TYR B 566 -42.54 -37.73 16.40
N PRO B 567 -41.64 -38.07 17.34
CA PRO B 567 -41.50 -37.22 18.53
C PRO B 567 -41.20 -35.77 18.20
N TYR B 568 -40.67 -35.52 17.00
CA TYR B 568 -40.14 -34.21 16.63
C TYR B 568 -41.10 -33.41 15.75
N LEU B 569 -42.37 -33.78 15.71
CA LEU B 569 -43.39 -32.94 15.08
C LEU B 569 -43.78 -31.81 16.02
N LYS B 574 -37.42 -24.06 15.47
CA LYS B 574 -38.20 -25.18 14.94
C LYS B 574 -39.42 -24.70 14.15
N SER B 575 -39.48 -23.39 13.87
CA SER B 575 -40.65 -22.83 13.20
C SER B 575 -40.68 -23.18 11.71
N ASP B 576 -39.51 -23.24 11.08
CA ASP B 576 -39.38 -23.62 9.68
C ASP B 576 -38.94 -25.07 9.53
N PHE B 577 -38.42 -25.66 10.61
CA PHE B 577 -38.19 -27.09 10.68
C PHE B 577 -39.48 -27.89 10.48
N GLN B 578 -40.60 -27.38 11.00
CA GLN B 578 -41.85 -28.14 10.96
C GLN B 578 -42.42 -28.24 9.55
N LEU B 579 -42.28 -27.19 8.75
CA LEU B 579 -42.77 -27.27 7.37
C LEU B 579 -42.07 -28.40 6.61
N HIS B 580 -40.79 -28.61 6.88
CA HIS B 580 -40.04 -29.64 6.16
C HIS B 580 -40.43 -31.04 6.62
N ILE B 581 -40.55 -31.25 7.93
CA ILE B 581 -40.96 -32.57 8.42
C ILE B 581 -42.37 -32.91 7.95
N LEU B 582 -43.25 -31.90 7.88
CA LEU B 582 -44.56 -32.12 7.27
C LEU B 582 -44.43 -32.54 5.81
N LYS B 583 -43.47 -31.94 5.09
CA LYS B 583 -43.23 -32.34 3.71
C LYS B 583 -42.91 -33.83 3.60
N VAL B 584 -41.94 -34.31 4.40
CA VAL B 584 -41.56 -35.71 4.35
C VAL B 584 -42.73 -36.62 4.68
N TYR B 585 -43.51 -36.26 5.70
CA TYR B 585 -44.70 -37.04 6.05
C TYR B 585 -45.71 -37.06 4.92
N ARG B 586 -46.12 -35.87 4.47
CA ARG B 586 -47.04 -35.75 3.34
C ARG B 586 -46.62 -36.64 2.17
N ASN B 587 -45.35 -36.58 1.79
CA ASN B 587 -44.89 -37.31 0.61
C ASN B 587 -44.81 -38.81 0.88
N THR B 588 -44.21 -39.20 2.01
CA THR B 588 -44.03 -40.62 2.30
C THR B 588 -45.36 -41.34 2.46
N PHE B 589 -46.35 -40.69 3.10
CA PHE B 589 -47.65 -41.33 3.27
C PHE B 589 -48.40 -41.47 1.96
N GLU B 590 -48.00 -40.76 0.91
CA GLU B 590 -48.52 -41.02 -0.42
C GLU B 590 -47.80 -42.17 -1.12
N GLN B 591 -46.78 -42.75 -0.49
CA GLN B 591 -45.97 -43.80 -1.10
C GLN B 591 -46.01 -45.10 -0.32
N LEU B 592 -45.74 -45.07 0.99
CA LEU B 592 -45.86 -46.27 1.81
C LEU B 592 -47.32 -46.56 2.15
N SER B 593 -47.58 -47.82 2.47
CA SER B 593 -48.87 -48.27 2.99
C SER B 593 -48.63 -49.33 4.04
N HIS B 594 -49.71 -49.72 4.73
CA HIS B 594 -49.69 -50.74 5.79
C HIS B 594 -49.03 -50.20 7.07
N PHE B 595 -49.51 -49.06 7.53
CA PHE B 595 -49.00 -48.54 8.79
C PHE B 595 -49.68 -49.20 9.97
N LYS B 596 -49.00 -49.17 11.10
CA LYS B 596 -49.57 -49.64 12.34
C LYS B 596 -50.74 -48.74 12.76
N PRO B 597 -51.89 -49.30 13.13
CA PRO B 597 -53.07 -48.45 13.35
C PRO B 597 -52.97 -47.51 14.54
N LYS B 598 -52.27 -47.91 15.61
CA LYS B 598 -52.15 -47.04 16.78
C LYS B 598 -51.27 -45.83 16.50
N PHE B 599 -50.20 -46.02 15.71
CA PHE B 599 -49.37 -44.90 15.33
C PHE B 599 -50.11 -43.94 14.40
N LEU B 600 -50.82 -44.51 13.43
CA LEU B 600 -51.71 -43.70 12.59
C LEU B 600 -52.67 -42.87 13.44
N TYR B 601 -53.18 -43.44 14.54
CA TYR B 601 -54.17 -42.74 15.34
C TYR B 601 -53.55 -41.53 16.03
N ASP B 602 -52.44 -41.76 16.75
CA ASP B 602 -51.83 -40.67 17.51
C ASP B 602 -51.29 -39.60 16.58
N LEU B 603 -50.84 -39.97 15.39
CA LEU B 603 -50.46 -38.98 14.38
C LEU B 603 -51.68 -38.17 13.95
N GLU B 604 -52.80 -38.83 13.70
CA GLU B 604 -54.01 -38.13 13.29
C GLU B 604 -54.48 -37.16 14.38
N THR B 605 -54.31 -37.49 15.65
CA THR B 605 -54.66 -36.54 16.71
C THR B 605 -53.79 -35.29 16.62
N THR B 606 -52.47 -35.48 16.64
CA THR B 606 -51.55 -34.35 16.74
C THR B 606 -51.65 -33.42 15.54
N ILE B 607 -51.88 -33.97 14.33
CA ILE B 607 -52.00 -33.12 13.15
C ILE B 607 -53.26 -32.28 13.23
N LEU B 608 -54.42 -32.92 13.32
CA LEU B 608 -55.69 -32.19 13.30
C LEU B 608 -55.87 -31.33 14.54
N SER B 609 -55.22 -31.67 15.65
CA SER B 609 -55.27 -30.79 16.83
C SER B 609 -54.64 -29.43 16.51
N ARG B 610 -53.46 -29.44 15.91
CA ARG B 610 -52.70 -28.20 15.69
C ARG B 610 -52.97 -27.55 14.33
N LEU B 611 -53.86 -28.10 13.50
CA LEU B 611 -54.22 -27.41 12.25
C LEU B 611 -54.67 -25.97 12.44
N PRO B 612 -55.51 -25.63 13.42
CA PRO B 612 -55.89 -24.21 13.59
C PRO B 612 -54.70 -23.27 13.75
N ARG B 613 -53.66 -23.68 14.47
CA ARG B 613 -52.58 -22.81 14.92
C ARG B 613 -51.44 -22.65 13.90
N MET B 614 -51.63 -22.97 12.62
CA MET B 614 -50.52 -22.83 11.69
C MET B 614 -50.85 -22.00 10.45
N ASN B 615 -49.76 -21.52 9.83
CA ASN B 615 -49.77 -20.66 8.64
C ASN B 615 -50.13 -21.45 7.37
N VAL B 616 -50.26 -20.69 6.28
CA VAL B 616 -50.78 -21.20 5.01
C VAL B 616 -49.87 -22.28 4.44
N ARG B 617 -48.56 -22.02 4.40
CA ARG B 617 -47.65 -22.90 3.68
C ARG B 617 -47.57 -24.29 4.30
N GLU B 618 -47.81 -24.39 5.61
CA GLU B 618 -47.87 -25.69 6.25
C GLU B 618 -49.23 -26.36 6.08
N LEU B 619 -50.31 -25.56 5.98
CA LEU B 619 -51.62 -26.12 5.67
C LEU B 619 -51.62 -26.81 4.31
N ASP B 620 -50.88 -26.27 3.36
CA ASP B 620 -50.81 -26.87 2.03
C ASP B 620 -50.07 -28.20 2.03
N GLU B 621 -49.46 -28.58 3.15
CA GLU B 621 -48.92 -29.93 3.34
C GLU B 621 -49.75 -30.78 4.28
N ALA B 622 -50.16 -30.24 5.43
CA ALA B 622 -50.81 -31.07 6.45
C ALA B 622 -52.22 -31.49 6.03
N ILE B 623 -52.96 -30.60 5.37
CA ILE B 623 -54.34 -30.93 5.02
C ILE B 623 -54.34 -32.10 4.04
N PRO B 624 -53.51 -32.09 2.98
CA PRO B 624 -53.39 -33.33 2.18
C PRO B 624 -52.90 -34.51 3.01
N LEU B 625 -52.00 -34.27 3.96
CA LEU B 625 -51.54 -35.35 4.83
C LEU B 625 -52.69 -35.88 5.70
N SER B 626 -53.53 -34.99 6.22
CA SER B 626 -54.68 -35.42 7.00
C SER B 626 -55.61 -36.29 6.17
N TRP B 627 -55.79 -35.94 4.89
CA TRP B 627 -56.60 -36.76 4.00
C TRP B 627 -55.94 -38.11 3.74
N SER B 628 -54.62 -38.12 3.56
CA SER B 628 -53.90 -39.39 3.42
C SER B 628 -54.13 -40.29 4.63
N LEU B 629 -53.95 -39.73 5.84
CA LEU B 629 -54.19 -40.51 7.05
C LEU B 629 -55.63 -41.00 7.11
N SER B 630 -56.58 -40.16 6.66
CA SER B 630 -57.98 -40.58 6.56
C SER B 630 -58.13 -41.92 5.84
N ARG B 631 -57.50 -42.09 4.68
CA ARG B 631 -57.73 -43.31 3.91
C ARG B 631 -56.86 -44.46 4.39
N HIS B 632 -55.68 -44.17 4.96
CA HIS B 632 -54.93 -45.22 5.64
C HIS B 632 -55.73 -45.80 6.80
N ARG B 633 -56.44 -44.94 7.54
CA ARG B 633 -57.34 -45.42 8.58
C ARG B 633 -58.54 -46.16 8.02
N LYS B 634 -58.93 -45.84 6.79
CA LYS B 634 -60.25 -46.19 6.26
C LYS B 634 -61.35 -45.64 7.18
N ASP B 635 -61.11 -44.45 7.73
CA ASP B 635 -62.07 -43.79 8.62
C ASP B 635 -61.96 -42.28 8.42
N ASP B 636 -63.06 -41.65 8.02
CA ASP B 636 -63.08 -40.22 7.74
C ASP B 636 -63.85 -39.41 8.79
N THR B 637 -64.18 -40.00 9.93
CA THR B 637 -65.01 -39.27 10.90
C THR B 637 -64.23 -38.14 11.57
N ARG B 638 -62.95 -38.36 11.86
CA ARG B 638 -62.20 -37.35 12.61
C ARG B 638 -61.79 -36.18 11.73
N ILE B 639 -61.41 -36.44 10.47
CA ILE B 639 -61.19 -35.34 9.53
C ILE B 639 -62.46 -34.53 9.37
N CYS B 640 -63.62 -35.20 9.29
CA CYS B 640 -64.89 -34.47 9.23
C CYS B 640 -65.14 -33.70 10.53
N LYS B 641 -64.69 -34.24 11.66
CA LYS B 641 -64.83 -33.53 12.93
C LYS B 641 -64.08 -32.21 12.91
N ALA B 642 -62.82 -32.23 12.48
CA ALA B 642 -62.03 -31.01 12.40
C ALA B 642 -62.56 -30.07 11.33
N CYS B 643 -63.04 -30.62 10.20
CA CYS B 643 -63.52 -29.75 9.14
C CYS B 643 -64.79 -29.02 9.54
N ALA B 644 -65.72 -29.72 10.20
CA ALA B 644 -66.95 -29.06 10.64
C ALA B 644 -66.66 -28.05 11.73
N SER B 645 -65.78 -28.39 12.67
CA SER B 645 -65.29 -27.41 13.64
C SER B 645 -64.77 -26.14 12.96
N CYS B 646 -64.04 -26.30 11.85
CA CYS B 646 -63.54 -25.15 11.10
C CYS B 646 -64.68 -24.32 10.53
N LEU B 647 -65.67 -24.98 9.91
CA LEU B 647 -66.78 -24.23 9.32
C LEU B 647 -67.66 -23.60 10.39
N GLY B 648 -67.74 -24.20 11.58
CA GLY B 648 -68.49 -23.60 12.66
C GLY B 648 -67.90 -22.29 13.12
N GLN B 649 -66.57 -22.24 13.26
CA GLN B 649 -65.89 -21.03 13.71
C GLN B 649 -66.05 -19.88 12.73
N LEU B 650 -66.50 -20.14 11.50
CA LEU B 650 -66.82 -19.07 10.56
C LEU B 650 -68.22 -18.51 10.75
N SER B 651 -69.13 -19.27 11.36
CA SER B 651 -70.51 -18.80 11.47
C SER B 651 -70.68 -17.45 12.15
N PRO B 652 -69.86 -17.05 13.14
CA PRO B 652 -69.94 -15.65 13.60
C PRO B 652 -69.57 -14.64 12.51
N TYR B 653 -68.59 -14.96 11.67
CA TYR B 653 -68.15 -13.98 10.67
C TYR B 653 -69.11 -13.87 9.49
N ILE B 654 -69.65 -14.98 9.01
CA ILE B 654 -70.66 -14.90 7.95
C ILE B 654 -71.90 -14.20 8.45
N ALA B 655 -72.17 -14.25 9.76
CA ALA B 655 -73.25 -13.46 10.34
C ALA B 655 -72.94 -11.97 10.24
N ASN B 656 -71.76 -11.56 10.71
CA ASN B 656 -71.30 -10.18 10.53
C ASN B 656 -71.01 -9.85 9.07
N ALA B 657 -71.01 -10.83 8.17
CA ALA B 657 -70.86 -10.53 6.75
C ALA B 657 -72.16 -10.07 6.12
N THR B 658 -73.30 -10.47 6.68
CA THR B 658 -74.58 -9.96 6.22
C THR B 658 -74.90 -8.58 6.80
N THR B 659 -74.18 -8.15 7.83
CA THR B 659 -74.07 -6.73 8.19
C THR B 659 -72.67 -6.22 7.82
N ASP B 660 -72.24 -5.15 8.50
CA ASP B 660 -70.98 -4.46 8.24
C ASP B 660 -69.85 -5.08 9.08
N PRO B 661 -68.58 -4.64 8.93
CA PRO B 661 -67.55 -5.31 9.76
C PRO B 661 -67.64 -4.97 11.24
N ARG B 665 -63.93 -7.72 9.71
CA ARG B 665 -62.71 -7.03 10.08
C ARG B 665 -61.60 -8.05 10.39
N PRO B 666 -60.33 -7.68 10.20
CA PRO B 666 -59.25 -8.61 10.53
C PRO B 666 -59.04 -8.80 12.02
N ASP B 667 -58.49 -9.98 12.33
CA ASP B 667 -58.12 -10.42 13.67
C ASP B 667 -57.41 -11.75 13.49
N GLY B 668 -56.10 -11.80 13.64
CA GLY B 668 -55.33 -13.04 13.67
C GLY B 668 -55.93 -14.35 13.16
N LYS B 669 -57.21 -14.58 13.45
CA LYS B 669 -57.88 -15.87 13.28
C LYS B 669 -58.72 -16.00 12.00
N LEU B 670 -59.37 -14.94 11.52
CA LEU B 670 -60.24 -15.11 10.34
C LEU B 670 -59.45 -15.42 9.08
N GLN B 671 -58.29 -14.77 8.90
CA GLN B 671 -57.50 -14.97 7.70
C GLN B 671 -57.07 -16.42 7.55
N ARG B 672 -56.45 -16.99 8.60
CA ARG B 672 -55.93 -18.34 8.50
C ARG B 672 -57.02 -19.41 8.44
N LEU B 673 -58.22 -19.11 8.92
CA LEU B 673 -59.30 -20.09 8.87
C LEU B 673 -60.15 -19.97 7.60
N LEU B 674 -59.99 -18.90 6.82
CA LEU B 674 -60.45 -18.93 5.43
C LEU B 674 -59.50 -19.76 4.56
N TYR B 675 -58.20 -19.71 4.85
CA TYR B 675 -57.26 -20.62 4.22
C TYR B 675 -57.53 -22.06 4.63
N LEU B 676 -57.92 -22.27 5.89
CA LEU B 676 -58.20 -23.62 6.36
C LEU B 676 -59.47 -24.18 5.72
N ALA B 677 -60.52 -23.34 5.61
CA ALA B 677 -61.76 -23.80 5.01
C ALA B 677 -61.57 -24.16 3.54
N THR B 678 -60.90 -23.29 2.77
CA THR B 678 -60.61 -23.63 1.38
C THR B 678 -59.72 -24.85 1.28
N GLY B 679 -58.72 -24.95 2.15
CA GLY B 679 -57.88 -26.13 2.25
C GLY B 679 -58.64 -27.44 2.27
N PHE B 680 -59.58 -27.58 3.21
CA PHE B 680 -60.44 -28.76 3.22
C PHE B 680 -61.20 -28.91 1.91
N ALA B 681 -61.71 -27.78 1.37
CA ALA B 681 -62.52 -27.83 0.16
C ALA B 681 -61.72 -28.31 -1.06
N ARG B 682 -60.41 -28.08 -1.07
CA ARG B 682 -59.61 -28.44 -2.24
C ARG B 682 -58.96 -29.81 -2.13
N PHE B 683 -58.54 -30.20 -0.93
CA PHE B 683 -57.78 -31.42 -0.71
C PHE B 683 -58.61 -32.61 -0.24
N CYS B 684 -59.90 -32.43 0.05
CA CYS B 684 -60.68 -33.50 0.64
C CYS B 684 -62.07 -33.58 0.03
N SER B 685 -62.71 -34.73 0.24
CA SER B 685 -64.08 -34.96 -0.17
C SER B 685 -64.83 -35.78 0.89
N ASN B 701 -72.80 -30.35 -1.20
CA ASN B 701 -71.38 -30.58 -1.40
C ASN B 701 -70.59 -29.55 -0.57
N ILE B 702 -69.54 -30.01 0.12
CA ILE B 702 -68.82 -29.12 1.03
C ILE B 702 -68.11 -28.02 0.25
N PHE B 703 -67.53 -28.34 -0.90
CA PHE B 703 -66.83 -27.33 -1.68
C PHE B 703 -67.80 -26.26 -2.18
N GLU B 704 -69.04 -26.65 -2.50
CA GLU B 704 -70.05 -25.66 -2.87
C GLU B 704 -70.44 -24.80 -1.67
N TYR B 705 -70.48 -25.40 -0.48
CA TYR B 705 -70.72 -24.63 0.73
C TYR B 705 -69.60 -23.64 0.98
N VAL B 706 -68.34 -24.09 0.84
CA VAL B 706 -67.20 -23.24 1.13
C VAL B 706 -67.13 -22.05 0.18
N THR B 707 -67.52 -22.23 -1.09
CA THR B 707 -67.54 -21.10 -2.02
C THR B 707 -68.61 -20.09 -1.62
N LYS B 708 -69.80 -20.57 -1.26
CA LYS B 708 -70.86 -19.67 -0.81
C LYS B 708 -70.44 -18.84 0.39
N CYS B 709 -69.66 -19.42 1.30
CA CYS B 709 -69.09 -18.63 2.39
C CYS B 709 -68.02 -17.65 1.88
N LEU B 710 -67.21 -18.08 0.92
CA LEU B 710 -66.17 -17.19 0.40
C LEU B 710 -66.76 -16.04 -0.40
N LEU B 711 -67.85 -16.30 -1.14
CA LEU B 711 -68.52 -15.22 -1.85
C LEU B 711 -69.04 -14.15 -0.91
N MET B 712 -69.38 -14.50 0.33
CA MET B 712 -69.81 -13.51 1.30
C MET B 712 -68.69 -12.54 1.67
N PHE B 713 -67.43 -12.96 1.53
CA PHE B 713 -66.28 -12.11 1.81
C PHE B 713 -65.67 -11.53 0.54
N THR B 714 -66.42 -11.46 -0.57
CA THR B 714 -65.90 -10.88 -1.80
C THR B 714 -66.78 -9.76 -2.34
N LYS B 715 -67.66 -9.20 -1.52
CA LYS B 715 -68.37 -7.97 -1.87
C LYS B 715 -67.57 -6.78 -1.36
N GLU B 716 -67.63 -5.66 -2.10
CA GLU B 716 -66.73 -4.55 -1.81
C GLU B 716 -67.02 -3.87 -0.46
N ASN B 717 -67.99 -4.35 0.31
CA ASN B 717 -68.24 -3.78 1.64
C ASN B 717 -67.15 -4.20 2.62
N ILE B 718 -66.91 -5.51 2.72
CA ILE B 718 -66.03 -6.06 3.74
C ILE B 718 -64.60 -5.55 3.57
N HIS B 719 -63.86 -5.52 4.68
CA HIS B 719 -62.51 -4.97 4.74
C HIS B 719 -61.64 -5.47 3.60
N HIS B 720 -60.77 -4.57 3.11
CA HIS B 720 -60.00 -4.82 1.88
C HIS B 720 -59.06 -6.01 2.02
N VAL B 721 -58.36 -6.12 3.17
CA VAL B 721 -57.40 -7.20 3.33
C VAL B 721 -58.07 -8.57 3.33
N ILE B 722 -59.32 -8.66 3.81
CA ILE B 722 -60.00 -9.94 3.84
C ILE B 722 -60.54 -10.30 2.46
N ARG B 723 -61.03 -9.31 1.73
CA ARG B 723 -61.46 -9.55 0.35
C ARG B 723 -60.35 -10.18 -0.48
N ARG B 724 -59.14 -9.65 -0.39
CA ARG B 724 -58.01 -10.15 -1.17
C ARG B 724 -57.82 -11.64 -0.95
N ILE B 725 -57.74 -12.07 0.30
CA ILE B 725 -57.58 -13.49 0.63
C ILE B 725 -58.79 -14.27 0.15
N ALA B 726 -59.99 -13.71 0.29
CA ALA B 726 -61.20 -14.40 -0.14
C ALA B 726 -61.21 -14.65 -1.65
N THR B 727 -60.97 -13.62 -2.46
CA THR B 727 -61.00 -13.81 -3.91
C THR B 727 -59.85 -14.71 -4.36
N LYS B 728 -58.68 -14.54 -3.76
CA LYS B 728 -57.56 -15.44 -4.02
C LYS B 728 -57.96 -16.90 -3.80
N ASN B 729 -58.56 -17.19 -2.65
CA ASN B 729 -58.97 -18.56 -2.36
C ASN B 729 -60.14 -19.01 -3.23
N LEU B 730 -61.00 -18.07 -3.65
CA LEU B 730 -62.13 -18.44 -4.50
C LEU B 730 -61.67 -18.93 -5.86
N VAL B 731 -60.66 -18.27 -6.45
CA VAL B 731 -60.13 -18.73 -7.72
C VAL B 731 -59.41 -20.05 -7.55
N LYS B 732 -58.71 -20.23 -6.42
CA LYS B 732 -58.04 -21.50 -6.17
C LYS B 732 -59.02 -22.66 -6.06
N ILE B 733 -60.19 -22.44 -5.47
CA ILE B 733 -61.21 -23.49 -5.43
C ILE B 733 -61.77 -23.73 -6.82
N ALA B 734 -62.06 -22.66 -7.56
CA ALA B 734 -62.57 -22.82 -8.92
C ALA B 734 -61.56 -23.54 -9.81
N SER B 735 -60.28 -23.49 -9.46
CA SER B 735 -59.28 -24.25 -10.19
C SER B 735 -59.44 -25.75 -10.00
N ARG B 736 -59.87 -26.19 -8.81
CA ARG B 736 -60.17 -27.60 -8.62
C ARG B 736 -61.55 -27.97 -9.13
N TYR B 737 -62.46 -27.00 -9.26
CA TYR B 737 -63.81 -27.23 -9.75
C TYR B 737 -64.09 -26.22 -10.87
N PRO B 738 -63.63 -26.51 -12.08
CA PRO B 738 -63.78 -25.53 -13.18
C PRO B 738 -65.22 -25.20 -13.51
N LYS B 739 -66.19 -26.04 -13.11
CA LYS B 739 -67.59 -25.71 -13.32
C LYS B 739 -68.01 -24.45 -12.56
N LEU B 740 -67.27 -24.07 -11.52
CA LEU B 740 -67.56 -22.83 -10.81
C LEU B 740 -67.34 -21.60 -11.69
N PHE B 741 -66.41 -21.68 -12.64
CA PHE B 741 -66.21 -20.56 -13.56
C PHE B 741 -67.41 -20.28 -14.46
N ASN B 742 -68.45 -21.10 -14.40
CA ASN B 742 -69.70 -20.82 -15.10
C ASN B 742 -70.70 -20.06 -14.23
N SER B 743 -70.50 -20.05 -12.92
CA SER B 743 -71.45 -19.41 -12.02
C SER B 743 -71.48 -17.91 -12.23
N ARG B 744 -72.68 -17.36 -12.45
CA ARG B 744 -72.83 -15.90 -12.56
C ARG B 744 -72.30 -15.19 -11.32
N HIS B 745 -72.31 -15.86 -10.15
CA HIS B 745 -71.79 -15.25 -8.93
C HIS B 745 -70.28 -15.09 -9.01
N VAL B 746 -69.57 -16.15 -9.39
CA VAL B 746 -68.11 -16.12 -9.39
C VAL B 746 -67.59 -15.21 -10.49
N LEU B 747 -68.19 -15.26 -11.68
CA LEU B 747 -67.80 -14.35 -12.75
C LEU B 747 -68.00 -12.89 -12.37
N THR B 748 -69.12 -12.55 -11.73
CA THR B 748 -69.33 -11.16 -11.32
C THR B 748 -68.36 -10.72 -10.23
N VAL B 749 -67.71 -11.65 -9.54
CA VAL B 749 -66.60 -11.27 -8.67
C VAL B 749 -65.38 -10.88 -9.51
N LEU B 750 -65.02 -11.73 -10.47
CA LEU B 750 -63.88 -11.44 -11.32
C LEU B 750 -64.11 -10.19 -12.16
N ASP B 751 -65.35 -10.01 -12.65
CA ASP B 751 -65.70 -8.79 -13.38
C ASP B 751 -65.39 -7.54 -12.56
N THR B 752 -65.87 -7.51 -11.31
CA THR B 752 -65.74 -6.30 -10.50
C THR B 752 -64.29 -5.97 -10.18
N GLN B 753 -63.42 -6.96 -10.05
CA GLN B 753 -62.04 -6.68 -9.67
C GLN B 753 -61.21 -6.17 -10.85
N PHE B 754 -61.52 -6.61 -12.07
CA PHE B 754 -60.77 -6.15 -13.23
C PHE B 754 -61.07 -4.70 -13.57
N GLU B 755 -62.33 -4.28 -13.37
CA GLU B 755 -62.73 -2.91 -13.69
C GLU B 755 -62.31 -1.95 -12.58
N LYS B 756 -62.55 -2.32 -11.33
CA LYS B 756 -62.26 -1.43 -10.21
C LYS B 756 -60.76 -1.20 -10.02
N GLY B 757 -59.91 -2.07 -10.58
CA GLY B 757 -58.52 -1.73 -10.87
C GLY B 757 -57.53 -1.73 -9.71
N ILE B 758 -57.96 -2.06 -8.49
CA ILE B 758 -57.00 -2.09 -7.38
C ILE B 758 -55.94 -3.15 -7.64
N LEU B 759 -54.68 -2.77 -7.44
CA LEU B 759 -53.57 -3.53 -8.00
C LEU B 759 -53.27 -4.81 -7.23
N ASP B 760 -53.43 -4.81 -5.91
CA ASP B 760 -53.06 -5.99 -5.14
C ASP B 760 -54.08 -7.11 -5.30
N ILE B 761 -55.37 -6.78 -5.41
CA ILE B 761 -56.38 -7.81 -5.65
C ILE B 761 -56.30 -8.31 -7.09
N GLN B 762 -56.33 -7.38 -8.05
CA GLN B 762 -56.15 -7.72 -9.46
C GLN B 762 -54.97 -8.66 -9.65
N LEU B 763 -53.87 -8.42 -8.93
CA LEU B 763 -52.67 -9.26 -9.04
C LEU B 763 -52.97 -10.71 -8.67
N VAL B 764 -53.60 -10.93 -7.51
CA VAL B 764 -53.83 -12.30 -7.06
C VAL B 764 -54.82 -13.01 -7.97
N VAL B 765 -55.82 -12.29 -8.49
CA VAL B 765 -56.74 -12.88 -9.46
C VAL B 765 -56.00 -13.38 -10.69
N LEU B 766 -55.17 -12.53 -11.29
CA LEU B 766 -54.52 -12.93 -12.53
C LEU B 766 -53.42 -13.97 -12.28
N GLU B 767 -52.69 -13.86 -11.16
CA GLU B 767 -51.73 -14.91 -10.82
C GLU B 767 -52.44 -16.25 -10.62
N SER B 768 -53.58 -16.25 -9.93
CA SER B 768 -54.32 -17.49 -9.72
C SER B 768 -54.90 -18.03 -11.02
N LEU B 769 -55.47 -17.17 -11.85
CA LEU B 769 -55.96 -17.60 -13.16
C LEU B 769 -54.82 -18.10 -14.03
N TYR B 770 -53.65 -17.48 -13.92
CA TYR B 770 -52.49 -17.92 -14.69
C TYR B 770 -52.08 -19.33 -14.33
N ASP B 771 -52.07 -19.66 -13.03
CA ASP B 771 -51.78 -21.03 -12.60
C ASP B 771 -52.79 -22.02 -13.16
N PHE B 772 -54.05 -21.61 -13.24
CA PHE B 772 -55.08 -22.48 -13.81
C PHE B 772 -54.78 -22.82 -15.26
N PHE B 773 -54.44 -21.80 -16.06
CA PHE B 773 -54.19 -22.04 -17.48
C PHE B 773 -52.92 -22.86 -17.72
N LEU B 774 -51.94 -22.76 -16.82
CA LEU B 774 -50.75 -23.60 -16.95
C LEU B 774 -51.05 -25.06 -16.63
N ALA B 775 -51.79 -25.31 -15.54
CA ALA B 775 -52.24 -26.66 -15.23
C ALA B 775 -52.98 -27.28 -16.40
N GLU B 776 -53.77 -26.47 -17.11
CA GLU B 776 -54.47 -26.91 -18.31
C GLU B 776 -53.52 -27.53 -19.34
N GLU B 777 -52.37 -26.89 -19.56
CA GLU B 777 -51.45 -27.35 -20.60
C GLU B 777 -50.86 -28.72 -20.28
N ARG B 778 -50.34 -28.88 -19.06
CA ARG B 778 -49.84 -30.19 -18.62
C ARG B 778 -50.90 -31.28 -18.73
N ARG B 779 -52.18 -30.92 -18.73
CA ARG B 779 -53.29 -31.85 -18.97
C ARG B 779 -53.53 -32.76 -17.76
N SER B 808 -58.95 -34.69 -17.61
CA SER B 808 -60.01 -33.84 -18.15
C SER B 808 -59.47 -32.44 -18.44
N ILE B 809 -59.78 -31.94 -19.64
CA ILE B 809 -59.07 -30.80 -20.22
C ILE B 809 -59.78 -29.48 -19.92
N ASN B 810 -61.09 -29.40 -20.13
CA ASN B 810 -61.89 -28.18 -19.99
C ASN B 810 -61.46 -27.06 -20.94
N ASP B 811 -61.61 -27.26 -22.25
CA ASP B 811 -61.26 -26.20 -23.20
C ASP B 811 -62.34 -25.13 -23.28
N GLY B 812 -63.61 -25.55 -23.22
CA GLY B 812 -64.71 -24.60 -23.35
C GLY B 812 -64.73 -23.55 -22.25
N ILE B 813 -64.40 -23.95 -21.03
CA ILE B 813 -64.42 -23.01 -19.91
C ILE B 813 -63.29 -22.01 -20.06
N CYS B 814 -62.10 -22.48 -20.39
CA CYS B 814 -60.96 -21.57 -20.57
C CYS B 814 -61.19 -20.61 -21.72
N SER B 815 -61.82 -21.08 -22.80
CA SER B 815 -62.16 -20.20 -23.90
C SER B 815 -63.21 -19.17 -23.48
N ALA B 816 -64.18 -19.59 -22.66
CA ALA B 816 -65.11 -18.63 -22.07
C ALA B 816 -64.38 -17.55 -21.27
N LEU B 817 -63.39 -17.95 -20.47
CA LEU B 817 -62.69 -16.99 -19.62
C LEU B 817 -61.80 -16.05 -20.46
N VAL B 818 -61.19 -16.58 -21.52
CA VAL B 818 -60.36 -15.76 -22.39
C VAL B 818 -61.22 -14.71 -23.09
N SER B 819 -62.41 -15.11 -23.56
CA SER B 819 -63.26 -14.17 -24.28
C SER B 819 -63.70 -13.01 -23.40
N ARG B 820 -63.90 -13.25 -22.10
CA ARG B 820 -64.34 -12.20 -21.21
C ARG B 820 -63.21 -11.24 -20.86
N TYR B 821 -62.09 -11.76 -20.38
CA TYR B 821 -61.07 -10.96 -19.71
C TYR B 821 -59.85 -10.64 -20.56
N LEU B 822 -59.80 -11.07 -21.82
CA LEU B 822 -58.61 -10.81 -22.64
C LEU B 822 -58.38 -9.31 -22.82
N ASP B 823 -59.43 -8.58 -23.20
CA ASP B 823 -59.36 -7.12 -23.30
C ASP B 823 -58.69 -6.49 -22.08
N LYS B 824 -59.12 -6.89 -20.89
CA LYS B 824 -58.61 -6.30 -19.67
C LYS B 824 -57.20 -6.77 -19.37
N ILE B 825 -56.87 -8.01 -19.73
CA ILE B 825 -55.51 -8.51 -19.55
C ILE B 825 -54.53 -7.76 -20.46
N LEU B 826 -54.92 -7.52 -21.72
CA LEU B 826 -54.08 -6.75 -22.62
C LEU B 826 -53.78 -5.36 -22.08
N LYS B 827 -54.75 -4.76 -21.39
CA LYS B 827 -54.54 -3.45 -20.77
C LYS B 827 -53.45 -3.51 -19.71
N ILE B 828 -53.49 -4.53 -18.85
CA ILE B 828 -52.56 -4.61 -17.73
C ILE B 828 -51.12 -4.79 -18.19
N CYS B 829 -50.92 -5.40 -19.35
CA CYS B 829 -49.57 -5.52 -19.89
C CYS B 829 -48.91 -4.16 -20.09
N LEU B 830 -49.69 -3.12 -20.39
CA LEU B 830 -49.16 -1.80 -20.69
C LEU B 830 -49.37 -0.79 -19.55
N ILE B 831 -49.58 -1.23 -18.32
CA ILE B 831 -49.67 -0.30 -17.20
C ILE B 831 -48.30 -0.07 -16.59
N ALA B 832 -48.18 0.95 -15.74
CA ALA B 832 -46.88 1.35 -15.22
C ALA B 832 -46.33 0.34 -14.21
N ASP B 833 -47.17 -0.14 -13.31
CA ASP B 833 -46.71 -1.10 -12.30
C ASP B 833 -46.38 -2.44 -12.94
N LEU B 834 -45.12 -2.86 -12.81
CA LEU B 834 -44.66 -4.04 -13.53
C LEU B 834 -44.98 -5.35 -12.81
N ASN B 835 -45.33 -5.31 -11.52
CA ASN B 835 -45.80 -6.52 -10.85
C ASN B 835 -46.97 -7.15 -11.62
N ASN B 836 -48.04 -6.38 -11.81
CA ASN B 836 -49.18 -6.88 -12.55
C ASN B 836 -48.85 -7.05 -14.02
N ALA B 837 -48.00 -6.16 -14.57
CA ALA B 837 -47.67 -6.23 -15.99
C ALA B 837 -46.85 -7.48 -16.31
N MET B 838 -46.01 -7.94 -15.38
CA MET B 838 -45.24 -9.16 -15.60
C MET B 838 -46.14 -10.37 -15.62
N VAL B 839 -47.02 -10.48 -14.63
CA VAL B 839 -47.93 -11.63 -14.57
C VAL B 839 -48.87 -11.62 -15.77
N ALA B 840 -49.29 -10.43 -16.21
CA ALA B 840 -50.19 -10.31 -17.35
C ALA B 840 -49.52 -10.78 -18.64
N ILE B 841 -48.29 -10.31 -18.91
CA ILE B 841 -47.64 -10.65 -20.17
C ILE B 841 -47.31 -12.14 -20.21
N ARG B 842 -46.91 -12.72 -19.08
CA ARG B 842 -46.70 -14.16 -19.03
C ARG B 842 -48.01 -14.92 -19.21
N PHE B 843 -49.10 -14.38 -18.65
CA PHE B 843 -50.43 -14.92 -18.95
C PHE B 843 -50.70 -14.87 -20.45
N LEU B 844 -50.50 -13.70 -21.05
CA LEU B 844 -50.74 -13.56 -22.49
C LEU B 844 -49.89 -14.54 -23.29
N LYS B 845 -48.64 -14.75 -22.86
CA LYS B 845 -47.76 -15.72 -23.53
C LYS B 845 -48.40 -17.11 -23.55
N GLN B 846 -48.96 -17.54 -22.42
CA GLN B 846 -49.58 -18.86 -22.35
C GLN B 846 -50.82 -18.94 -23.24
N ILE B 847 -51.63 -17.88 -23.26
CA ILE B 847 -52.82 -17.85 -24.09
C ILE B 847 -52.45 -18.04 -25.56
N LEU B 848 -51.38 -17.38 -26.01
CA LEU B 848 -50.97 -17.48 -27.41
C LEU B 848 -50.48 -18.88 -27.74
N THR B 849 -49.53 -19.40 -26.97
CA THR B 849 -48.93 -20.70 -27.30
C THR B 849 -49.96 -21.82 -27.28
N TYR B 850 -50.90 -21.79 -26.32
CA TYR B 850 -51.95 -22.80 -26.32
C TYR B 850 -52.89 -22.61 -27.51
N GLY B 851 -53.15 -21.37 -27.89
CA GLY B 851 -53.92 -21.07 -29.08
C GLY B 851 -55.39 -20.82 -28.87
N TYR B 852 -55.80 -20.27 -27.73
CA TYR B 852 -57.21 -19.99 -27.51
C TYR B 852 -57.72 -18.92 -28.47
N THR B 853 -56.90 -17.92 -28.76
CA THR B 853 -57.30 -16.75 -29.53
C THR B 853 -56.74 -16.78 -30.94
N ASN B 854 -57.35 -15.96 -31.79
CA ASN B 854 -56.67 -15.50 -32.99
C ASN B 854 -55.48 -14.65 -32.57
N PRO B 855 -54.28 -14.91 -33.09
CA PRO B 855 -53.09 -14.18 -32.61
C PRO B 855 -53.21 -12.67 -32.74
N SER B 856 -53.88 -12.18 -33.78
CA SER B 856 -53.89 -10.74 -34.04
C SER B 856 -54.54 -9.92 -32.92
N LEU B 857 -55.31 -10.54 -32.03
CA LEU B 857 -55.81 -9.81 -30.87
C LEU B 857 -54.70 -9.41 -29.91
N CYS B 858 -53.56 -10.09 -29.94
CA CYS B 858 -52.50 -9.90 -28.96
C CYS B 858 -51.24 -9.24 -29.51
N VAL B 859 -50.94 -9.39 -30.79
CA VAL B 859 -49.66 -8.91 -31.32
C VAL B 859 -49.54 -7.40 -31.26
N PRO B 860 -50.61 -6.58 -31.42
CA PRO B 860 -50.40 -5.14 -31.19
C PRO B 860 -49.84 -4.83 -29.81
N THR B 861 -50.26 -5.59 -28.79
CA THR B 861 -49.73 -5.40 -27.45
C THR B 861 -48.29 -5.88 -27.34
N VAL B 862 -47.94 -6.98 -28.01
CA VAL B 862 -46.58 -7.48 -27.91
C VAL B 862 -45.62 -6.58 -28.68
N ILE B 863 -46.03 -6.06 -29.84
CA ILE B 863 -45.26 -5.03 -30.53
C ILE B 863 -45.06 -3.83 -29.61
N ALA B 864 -46.16 -3.31 -29.06
CA ALA B 864 -46.09 -2.18 -28.14
C ALA B 864 -45.06 -2.39 -27.04
N LEU B 865 -45.04 -3.59 -26.46
CA LEU B 865 -44.10 -3.88 -25.38
C LEU B 865 -42.65 -3.88 -25.85
N THR B 866 -42.37 -4.08 -27.14
CA THR B 866 -41.00 -3.96 -27.63
C THR B 866 -40.48 -2.52 -27.53
N ALA B 867 -41.35 -1.57 -27.21
CA ALA B 867 -40.96 -0.19 -26.96
C ALA B 867 -40.60 0.09 -25.50
N SER B 868 -40.65 -0.93 -24.64
CA SER B 868 -40.50 -0.70 -23.21
C SER B 868 -39.08 -0.24 -22.88
N PRO B 869 -38.92 0.68 -21.93
CA PRO B 869 -37.58 0.94 -21.40
C PRO B 869 -37.07 -0.15 -20.48
N ASN B 870 -37.94 -1.01 -19.98
CA ASN B 870 -37.54 -2.10 -19.10
C ASN B 870 -36.90 -3.22 -19.92
N SER B 871 -35.83 -3.81 -19.39
CA SER B 871 -35.00 -4.74 -20.16
C SER B 871 -35.73 -6.04 -20.48
N TYR B 872 -36.21 -6.76 -19.45
CA TYR B 872 -36.83 -8.05 -19.72
C TYR B 872 -38.06 -7.92 -20.63
N MET B 873 -38.93 -6.93 -20.36
CA MET B 873 -40.15 -6.78 -21.18
C MET B 873 -39.80 -6.61 -22.66
N ARG B 874 -38.87 -5.70 -22.97
CA ARG B 874 -38.52 -5.48 -24.37
C ARG B 874 -37.91 -6.74 -24.98
N ASP B 875 -37.13 -7.48 -24.20
CA ASP B 875 -36.57 -8.73 -24.68
C ASP B 875 -37.66 -9.80 -24.81
N LEU B 876 -38.43 -10.00 -23.73
CA LEU B 876 -39.53 -10.97 -23.75
C LEU B 876 -40.50 -10.70 -24.89
N SER B 877 -40.73 -9.42 -25.19
CA SER B 877 -41.62 -9.05 -26.29
C SER B 877 -41.05 -9.48 -27.65
N SER B 878 -39.75 -9.27 -27.86
CA SER B 878 -39.19 -9.39 -29.20
C SER B 878 -39.06 -10.84 -29.66
N GLU B 879 -38.84 -11.80 -28.76
CA GLU B 879 -38.83 -13.19 -29.20
C GLU B 879 -40.25 -13.71 -29.39
N MET B 880 -41.20 -13.28 -28.54
CA MET B 880 -42.60 -13.56 -28.83
C MET B 880 -43.00 -13.03 -30.20
N PHE B 881 -42.57 -11.81 -30.53
CA PHE B 881 -42.90 -11.25 -31.83
C PHE B 881 -42.14 -11.97 -32.94
N SER B 882 -40.87 -12.32 -32.70
CA SER B 882 -40.17 -13.20 -33.62
C SER B 882 -40.91 -14.53 -33.78
N GLU B 883 -41.45 -15.05 -32.68
CA GLU B 883 -42.19 -16.32 -32.71
C GLU B 883 -43.47 -16.21 -33.53
N LEU B 884 -44.15 -15.07 -33.45
CA LEU B 884 -45.37 -14.90 -34.23
C LEU B 884 -45.10 -14.59 -35.69
N LEU B 885 -43.92 -14.03 -36.00
CA LEU B 885 -43.60 -13.66 -37.37
C LEU B 885 -43.45 -14.87 -38.28
N GLN B 886 -42.61 -15.84 -37.90
CA GLN B 886 -42.47 -17.03 -38.74
C GLN B 886 -43.77 -17.83 -38.78
N GLY B 887 -44.48 -17.91 -37.66
CA GLY B 887 -45.71 -18.68 -37.63
C GLY B 887 -46.85 -18.01 -38.37
N TYR B 888 -47.04 -16.71 -38.16
CA TYR B 888 -48.12 -15.93 -38.77
C TYR B 888 -47.52 -14.63 -39.30
N GLU B 889 -46.90 -14.70 -40.49
CA GLU B 889 -46.23 -13.52 -41.04
C GLU B 889 -47.23 -12.46 -41.47
N SER B 890 -48.16 -12.82 -42.37
CA SER B 890 -49.04 -11.83 -42.97
C SER B 890 -50.02 -11.23 -41.97
N MET B 891 -50.33 -11.93 -40.88
CA MET B 891 -51.19 -11.37 -39.85
C MET B 891 -50.47 -10.29 -39.06
N ALA B 892 -49.21 -10.54 -38.70
CA ALA B 892 -48.42 -9.54 -37.98
C ALA B 892 -48.35 -8.21 -38.74
N PHE B 893 -48.27 -8.28 -40.06
CA PHE B 893 -48.22 -7.04 -40.85
C PHE B 893 -49.54 -6.26 -40.79
N ASN B 894 -50.67 -6.96 -40.70
CA ASN B 894 -51.95 -6.27 -40.56
C ASN B 894 -52.11 -5.59 -39.21
N CYS B 895 -51.34 -5.99 -38.20
CA CYS B 895 -51.40 -5.39 -36.88
C CYS B 895 -50.27 -4.41 -36.61
N LEU B 896 -49.39 -4.19 -37.58
CA LEU B 896 -48.24 -3.32 -37.36
C LEU B 896 -48.71 -1.90 -37.05
N ASN B 897 -49.79 -1.45 -37.71
CA ASN B 897 -50.37 -0.15 -37.43
C ASN B 897 -50.70 0.02 -35.95
N GLN B 898 -51.61 -0.81 -35.43
CA GLN B 898 -52.03 -0.66 -34.04
C GLN B 898 -50.87 -0.88 -33.08
N GLY B 899 -49.96 -1.78 -33.42
CA GLY B 899 -48.78 -1.98 -32.58
C GLY B 899 -47.99 -0.70 -32.38
N ILE B 900 -47.69 -0.02 -33.49
CA ILE B 900 -46.98 1.26 -33.43
C ILE B 900 -47.75 2.25 -32.56
N ARG B 901 -49.05 2.37 -32.79
CA ARG B 901 -49.85 3.35 -32.06
C ARG B 901 -49.89 3.05 -30.56
N LEU B 902 -50.16 1.80 -30.18
CA LEU B 902 -50.07 1.45 -28.77
C LEU B 902 -48.63 1.57 -28.27
N GLY B 903 -47.65 1.28 -29.14
CA GLY B 903 -46.25 1.46 -28.82
C GLY B 903 -45.87 2.87 -28.39
N THR B 904 -46.16 3.86 -29.25
CA THR B 904 -45.77 5.24 -28.94
C THR B 904 -46.53 5.75 -27.72
N GLU B 905 -47.81 5.39 -27.59
CA GLU B 905 -48.58 5.82 -26.42
C GLU B 905 -48.01 5.22 -25.14
N TYR B 906 -47.60 3.94 -25.19
CA TYR B 906 -47.02 3.28 -24.05
C TYR B 906 -45.67 3.92 -23.67
N ALA B 907 -44.78 4.04 -24.66
CA ALA B 907 -43.49 4.68 -24.44
C ALA B 907 -43.63 6.05 -23.78
N VAL B 908 -44.54 6.88 -24.31
CA VAL B 908 -44.70 8.23 -23.77
C VAL B 908 -45.33 8.20 -22.38
N LYS B 909 -46.16 7.20 -22.09
CA LYS B 909 -46.84 7.17 -20.80
C LYS B 909 -45.88 6.90 -19.65
N ILE B 910 -44.91 6.00 -19.85
CA ILE B 910 -44.08 5.57 -18.73
C ILE B 910 -43.04 6.62 -18.39
N ARG B 911 -42.42 7.22 -19.41
CA ARG B 911 -41.36 8.20 -19.24
C ARG B 911 -41.83 9.49 -19.89
N PRO B 912 -42.72 10.24 -19.22
CA PRO B 912 -43.27 11.45 -19.84
C PRO B 912 -42.20 12.47 -20.20
N LYS B 913 -41.13 12.55 -19.42
CA LYS B 913 -40.05 13.50 -19.66
C LYS B 913 -38.89 12.90 -20.46
N GLN B 914 -38.75 11.58 -20.50
CA GLN B 914 -37.57 10.93 -21.04
C GLN B 914 -37.86 9.91 -22.14
N PHE B 915 -39.10 9.85 -22.66
CA PHE B 915 -39.43 8.89 -23.71
C PHE B 915 -38.53 9.01 -24.93
N HIS B 916 -38.07 10.22 -25.26
CA HIS B 916 -37.30 10.45 -26.49
C HIS B 916 -35.94 9.76 -26.51
N GLU B 917 -35.45 9.23 -25.39
CA GLU B 917 -34.13 8.59 -25.39
C GLU B 917 -34.05 7.32 -26.21
N ASP B 918 -35.18 6.73 -26.61
CA ASP B 918 -35.19 5.51 -27.41
C ASP B 918 -35.80 5.83 -28.77
N SER B 919 -34.93 5.94 -29.78
CA SER B 919 -35.37 6.19 -31.16
C SER B 919 -35.31 4.95 -32.02
N MET B 920 -35.09 3.77 -31.43
CA MET B 920 -34.89 2.55 -32.19
C MET B 920 -36.06 1.57 -32.13
N PHE B 921 -37.14 1.94 -31.45
CA PHE B 921 -38.36 1.13 -31.46
C PHE B 921 -38.73 0.63 -32.86
N LEU B 922 -38.93 1.55 -33.80
CA LEU B 922 -39.31 1.14 -35.15
C LEU B 922 -38.21 0.33 -35.85
N ARG B 923 -36.94 0.56 -35.52
CA ARG B 923 -35.87 -0.16 -36.21
C ARG B 923 -35.83 -1.63 -35.83
N ARG B 924 -35.95 -1.90 -34.54
CA ARG B 924 -36.03 -3.27 -34.07
C ARG B 924 -37.14 -4.00 -34.79
N LEU B 925 -38.26 -3.32 -35.03
CA LEU B 925 -39.35 -3.91 -35.81
C LEU B 925 -38.97 -4.08 -37.28
N GLN B 926 -38.31 -3.08 -37.87
CA GLN B 926 -37.98 -3.15 -39.30
C GLN B 926 -36.98 -4.26 -39.59
N GLN B 927 -35.99 -4.44 -38.70
CA GLN B 927 -35.03 -5.52 -38.89
C GLN B 927 -35.68 -6.88 -38.69
N LEU B 928 -36.59 -6.99 -37.72
CA LEU B 928 -37.36 -8.23 -37.54
C LEU B 928 -38.21 -8.57 -38.76
N MET B 929 -38.83 -7.56 -39.38
CA MET B 929 -39.93 -7.80 -40.32
C MET B 929 -39.56 -7.71 -41.80
N SER B 930 -38.40 -7.19 -42.16
CA SER B 930 -38.08 -6.90 -43.57
C SER B 930 -37.12 -7.96 -44.12
N THR B 931 -37.69 -9.11 -44.52
CA THR B 931 -37.00 -10.29 -45.06
C THR B 931 -37.89 -10.95 -46.12
N ASN B 932 -38.13 -10.26 -47.25
CA ASN B 932 -37.19 -9.27 -47.77
C ASN B 932 -37.73 -8.47 -48.97
N LYS B 933 -38.05 -9.15 -50.08
CA LYS B 933 -38.54 -8.48 -51.29
C LYS B 933 -39.73 -7.56 -51.05
N ARG B 934 -40.92 -8.12 -50.79
CA ARG B 934 -42.09 -7.27 -50.62
C ARG B 934 -42.19 -6.74 -49.19
N ASN B 935 -41.61 -7.47 -48.23
CA ASN B 935 -41.74 -7.07 -46.83
C ASN B 935 -41.03 -5.75 -46.55
N ARG B 936 -39.94 -5.45 -47.27
CA ARG B 936 -39.22 -4.20 -47.00
C ARG B 936 -40.07 -2.99 -47.32
N SER B 937 -40.85 -3.04 -48.41
CA SER B 937 -41.70 -1.93 -48.79
C SER B 937 -43.04 -1.93 -48.09
N LYS B 938 -43.52 -3.10 -47.65
CA LYS B 938 -44.77 -3.15 -46.90
C LYS B 938 -44.63 -2.51 -45.53
N PHE B 939 -43.52 -2.79 -44.84
CA PHE B 939 -43.24 -2.11 -43.58
C PHE B 939 -43.17 -0.61 -43.77
N LEU B 940 -42.53 -0.18 -44.86
CA LEU B 940 -42.39 1.25 -45.14
C LEU B 940 -43.73 1.89 -45.46
N LYS B 941 -44.58 1.20 -46.23
CA LYS B 941 -45.89 1.73 -46.54
C LYS B 941 -46.75 1.86 -45.28
N VAL B 942 -46.64 0.90 -44.35
CA VAL B 942 -47.46 0.93 -43.16
C VAL B 942 -47.04 2.06 -42.23
N VAL B 943 -45.74 2.16 -41.93
CA VAL B 943 -45.25 3.20 -41.04
C VAL B 943 -45.58 4.58 -41.60
N LYS B 944 -45.53 4.72 -42.93
CA LYS B 944 -45.85 5.99 -43.56
C LYS B 944 -47.35 6.29 -43.47
N LYS B 945 -48.21 5.30 -43.74
CA LYS B 945 -49.64 5.52 -43.52
C LYS B 945 -49.95 5.88 -42.08
N THR B 946 -49.30 5.23 -41.12
CA THR B 946 -49.62 5.48 -39.71
C THR B 946 -49.32 6.91 -39.32
N VAL B 947 -48.13 7.41 -39.64
CA VAL B 947 -47.74 8.75 -39.20
C VAL B 947 -48.65 9.81 -39.80
N PHE B 948 -49.01 9.67 -41.07
CA PHE B 948 -49.82 10.69 -41.73
C PHE B 948 -51.32 10.52 -41.54
N SER B 949 -51.83 9.30 -41.56
CA SER B 949 -53.25 9.09 -41.32
C SER B 949 -53.62 9.27 -39.85
N ASN B 950 -52.74 8.82 -38.95
CA ASN B 950 -53.09 8.79 -37.52
C ASN B 950 -52.51 9.94 -36.71
N TYR B 951 -51.42 10.57 -37.15
CA TYR B 951 -50.75 11.55 -36.31
C TYR B 951 -50.62 12.93 -36.93
N LEU B 952 -50.63 13.06 -38.26
CA LEU B 952 -50.53 14.36 -38.92
C LEU B 952 -51.72 14.62 -39.84
N SER B 953 -52.89 14.07 -39.51
CA SER B 953 -54.11 14.36 -40.23
C SER B 953 -54.90 15.47 -39.54
N THR B 954 -55.96 15.93 -40.22
CA THR B 954 -56.81 16.98 -39.66
C THR B 954 -57.73 16.47 -38.57
N SER B 955 -57.95 15.17 -38.47
CA SER B 955 -58.75 14.58 -37.41
C SER B 955 -58.01 14.49 -36.08
N VAL B 956 -56.74 14.88 -36.04
CA VAL B 956 -55.89 14.72 -34.86
C VAL B 956 -56.05 15.92 -33.94
N ASN B 957 -56.15 15.65 -32.64
CA ASN B 957 -56.06 16.68 -31.61
C ASN B 957 -54.60 16.74 -31.17
N TYR B 958 -53.89 17.79 -31.59
CA TYR B 958 -52.46 17.87 -31.33
C TYR B 958 -52.14 18.19 -29.88
N GLU B 959 -53.11 18.63 -29.10
CA GLU B 959 -52.91 18.78 -27.67
C GLU B 959 -52.70 17.43 -27.02
N GLU B 960 -53.45 16.42 -27.47
CA GLU B 960 -53.31 15.04 -27.02
C GLU B 960 -52.12 14.32 -27.64
N SER B 961 -51.70 14.72 -28.84
CA SER B 961 -50.82 13.89 -29.67
C SER B 961 -49.43 14.45 -29.89
N CYS B 962 -49.13 15.67 -29.42
CA CYS B 962 -47.86 16.31 -29.78
C CYS B 962 -46.66 15.51 -29.28
N TYR B 963 -46.74 15.03 -28.04
CA TYR B 963 -45.65 14.20 -27.50
C TYR B 963 -45.52 12.88 -28.25
N HIS B 964 -46.65 12.32 -28.69
CA HIS B 964 -46.60 11.12 -29.54
C HIS B 964 -45.86 11.41 -30.83
N ILE B 965 -46.16 12.55 -31.47
CA ILE B 965 -45.52 12.90 -32.73
C ILE B 965 -44.02 13.10 -32.54
N ILE B 966 -43.60 13.61 -31.39
CA ILE B 966 -42.18 13.76 -31.09
C ILE B 966 -41.50 12.39 -31.06
N TYR B 967 -42.02 11.50 -30.22
CA TYR B 967 -41.49 10.13 -30.13
C TYR B 967 -41.34 9.49 -31.49
N LEU B 968 -42.38 9.59 -32.32
CA LEU B 968 -42.32 9.01 -33.66
C LEU B 968 -41.20 9.61 -34.48
N LEU B 969 -41.15 10.95 -34.58
CA LEU B 969 -40.21 11.62 -35.47
C LEU B 969 -38.76 11.21 -35.17
N HIS B 970 -38.44 11.04 -33.90
CA HIS B 970 -37.17 10.40 -33.53
C HIS B 970 -37.00 9.06 -34.23
N ASN B 971 -37.93 8.14 -34.00
CA ASN B 971 -37.83 6.80 -34.57
C ASN B 971 -37.78 6.84 -36.08
N LEU B 972 -38.48 7.80 -36.70
CA LEU B 972 -38.44 7.95 -38.15
C LEU B 972 -37.11 8.50 -38.66
N SER B 973 -36.31 9.11 -37.79
CA SER B 973 -34.97 9.55 -38.19
C SER B 973 -34.05 8.36 -38.39
N LYS B 974 -34.20 7.32 -37.56
CA LYS B 974 -33.32 6.17 -37.59
C LYS B 974 -33.82 5.04 -38.50
N ILE B 975 -34.92 5.21 -39.22
CA ILE B 975 -35.35 4.12 -40.11
C ILE B 975 -34.43 4.06 -41.30
N SER B 976 -34.55 2.99 -42.06
CA SER B 976 -33.93 2.87 -43.36
C SER B 976 -35.03 3.04 -44.39
N TYR B 977 -34.90 4.05 -45.24
CA TYR B 977 -35.88 4.29 -46.30
C TYR B 977 -35.59 3.46 -47.54
N ASP B 978 -34.57 2.61 -47.50
CA ASP B 978 -34.19 1.69 -48.56
C ASP B 978 -33.54 2.43 -49.71
N ASN B 979 -34.22 3.43 -50.25
CA ASN B 979 -33.70 4.19 -51.38
C ASN B 979 -33.95 5.68 -51.15
N MET B 980 -33.28 6.50 -51.97
CA MET B 980 -33.38 7.94 -51.81
C MET B 980 -34.78 8.47 -52.10
N LEU B 981 -35.54 7.81 -52.98
CA LEU B 981 -36.88 8.32 -53.30
C LEU B 981 -37.79 8.25 -52.09
N GLU B 982 -37.82 7.10 -51.39
CA GLU B 982 -38.70 6.97 -50.24
C GLU B 982 -38.31 7.95 -49.13
N LEU B 983 -37.01 8.20 -48.96
CA LEU B 983 -36.56 9.23 -48.02
C LEU B 983 -36.91 10.62 -48.52
N TYR B 984 -36.59 10.91 -49.78
CA TYR B 984 -36.81 12.23 -50.34
C TYR B 984 -38.30 12.54 -50.46
N GLU B 985 -39.08 11.58 -50.93
CA GLU B 985 -40.54 11.71 -50.96
C GLU B 985 -41.13 11.88 -49.57
N MET B 986 -40.45 11.38 -48.53
CA MET B 986 -40.90 11.58 -47.17
C MET B 986 -40.73 13.04 -46.76
N LEU B 987 -39.55 13.60 -47.00
CA LEU B 987 -39.29 14.98 -46.59
C LEU B 987 -40.24 15.94 -47.31
N ARG B 988 -40.57 15.66 -48.58
CA ARG B 988 -41.66 16.36 -49.24
C ARG B 988 -42.91 16.43 -48.36
N SER B 989 -43.30 15.30 -47.78
CA SER B 989 -44.58 15.24 -47.07
C SER B 989 -44.53 16.00 -45.75
N VAL B 990 -43.44 15.86 -44.99
CA VAL B 990 -43.37 16.53 -43.69
C VAL B 990 -43.27 18.05 -43.85
N ILE B 991 -42.54 18.54 -44.87
CA ILE B 991 -42.48 19.99 -45.07
C ILE B 991 -43.84 20.53 -45.46
N SER B 992 -44.59 19.80 -46.29
CA SER B 992 -45.94 20.22 -46.65
C SER B 992 -46.83 20.30 -45.41
N VAL B 993 -46.76 19.28 -44.56
CA VAL B 993 -47.49 19.31 -43.29
C VAL B 993 -47.01 20.51 -42.46
N SER B 994 -45.70 20.77 -42.48
CA SER B 994 -45.15 21.91 -41.76
C SER B 994 -45.72 23.22 -42.29
N GLU B 995 -45.70 23.39 -43.62
CA GLU B 995 -46.26 24.59 -44.22
C GLU B 995 -47.76 24.70 -43.94
N TYR B 996 -48.47 23.57 -43.93
CA TYR B 996 -49.86 23.59 -43.50
C TYR B 996 -49.99 24.16 -42.09
N PHE B 997 -49.22 23.63 -41.14
CA PHE B 997 -49.26 24.12 -39.77
C PHE B 997 -48.93 25.59 -39.69
N SER B 998 -47.93 26.03 -40.47
CA SER B 998 -47.55 27.44 -40.50
C SER B 998 -48.74 28.33 -40.85
N ASP B 999 -49.50 27.94 -41.88
CA ASP B 999 -50.67 28.72 -42.27
C ASP B 999 -51.73 28.81 -41.18
N ARG B 1000 -51.84 27.77 -40.34
CA ARG B 1000 -52.86 27.81 -39.29
C ARG B 1000 -52.39 28.60 -38.07
N ILE B 1001 -51.10 28.56 -37.77
CA ILE B 1001 -50.57 29.33 -36.64
C ILE B 1001 -50.31 30.78 -37.04
N SER B 1002 -49.72 31.00 -38.23
CA SER B 1002 -49.42 32.36 -38.67
C SER B 1002 -50.67 33.21 -38.82
N GLU B 1003 -51.80 32.58 -39.14
CA GLU B 1003 -53.07 33.31 -39.12
C GLU B 1003 -53.54 33.33 -37.66
N ARG B 1004 -54.84 33.50 -37.44
CA ARG B 1004 -55.41 33.55 -36.09
C ARG B 1004 -54.77 34.64 -35.21
N LEU B 1005 -53.46 34.57 -35.00
CA LEU B 1005 -52.75 35.60 -34.24
C LEU B 1005 -51.35 35.82 -34.81
N ASP B 1006 -51.12 36.95 -35.50
CA ASP B 1006 -52.09 37.93 -36.01
C ASP B 1006 -53.00 38.64 -34.97
N GLY B 1007 -52.61 38.57 -33.69
CA GLY B 1007 -53.33 39.27 -32.64
C GLY B 1007 -53.67 38.38 -31.46
N PHE B 1008 -52.79 38.39 -30.45
CA PHE B 1008 -53.01 37.57 -29.25
C PHE B 1008 -54.36 37.83 -28.60
N GLN B 1009 -54.63 39.09 -28.25
CA GLN B 1009 -55.84 39.62 -27.61
C GLN B 1009 -56.80 38.59 -27.02
N SER B 1010 -58.08 38.67 -27.43
CA SER B 1010 -59.06 37.70 -26.97
C SER B 1010 -58.74 36.30 -27.47
N ASN B 1011 -57.88 36.17 -28.49
CA ASN B 1011 -57.45 34.87 -28.99
C ASN B 1011 -56.46 34.24 -28.02
N GLN B 1012 -56.17 34.95 -26.92
CA GLN B 1012 -55.27 34.40 -25.90
C GLN B 1012 -55.85 33.14 -25.26
N ASN B 1013 -57.19 33.01 -25.24
CA ASN B 1013 -57.80 31.79 -24.71
C ASN B 1013 -57.29 30.57 -25.46
N THR B 1014 -57.05 30.70 -26.77
CA THR B 1014 -56.61 29.69 -27.71
C THR B 1014 -55.15 29.23 -27.49
N ALA B 1015 -54.48 29.61 -26.40
CA ALA B 1015 -53.06 29.29 -26.23
C ALA B 1015 -52.80 27.79 -26.22
N ALA B 1016 -53.73 26.99 -25.69
CA ALA B 1016 -53.54 25.55 -25.62
C ALA B 1016 -53.29 24.94 -26.99
N GLU B 1017 -54.13 25.28 -27.97
CA GLU B 1017 -54.03 24.63 -29.28
C GLU B 1017 -52.83 25.14 -30.07
N VAL B 1018 -52.63 26.46 -30.12
CA VAL B 1018 -51.50 27.02 -30.87
C VAL B 1018 -50.18 26.47 -30.35
N SER B 1019 -50.03 26.38 -29.02
CA SER B 1019 -48.81 25.80 -28.45
C SER B 1019 -48.62 24.37 -28.95
N ALA B 1020 -49.68 23.57 -28.93
CA ALA B 1020 -49.58 22.20 -29.42
C ALA B 1020 -49.17 22.15 -30.89
N ILE B 1021 -49.70 23.05 -31.72
CA ILE B 1021 -49.36 23.05 -33.13
C ILE B 1021 -47.93 23.56 -33.32
N ILE B 1022 -47.54 24.60 -32.56
CA ILE B 1022 -46.16 25.09 -32.60
C ILE B 1022 -45.19 23.96 -32.27
N VAL B 1023 -45.41 23.29 -31.13
CA VAL B 1023 -44.55 22.17 -30.73
C VAL B 1023 -44.40 21.17 -31.88
N THR B 1024 -45.53 20.75 -32.46
CA THR B 1024 -45.45 19.76 -33.54
C THR B 1024 -44.80 20.32 -34.79
N ARG B 1025 -44.98 21.62 -35.07
CA ARG B 1025 -44.34 22.19 -36.24
C ARG B 1025 -42.83 22.21 -36.06
N LEU B 1026 -42.35 22.70 -34.90
CA LEU B 1026 -40.93 22.71 -34.64
C LEU B 1026 -40.36 21.29 -34.63
N SER B 1027 -41.11 20.34 -34.09
CA SER B 1027 -40.72 18.93 -34.16
C SER B 1027 -40.45 18.49 -35.59
N ILE B 1028 -41.36 18.82 -36.51
CA ILE B 1028 -41.16 18.48 -37.92
C ILE B 1028 -39.93 19.20 -38.46
N GLU B 1029 -39.72 20.45 -38.03
CA GLU B 1029 -38.56 21.21 -38.50
C GLU B 1029 -37.26 20.61 -37.99
N GLU B 1030 -37.18 20.33 -36.68
CA GLU B 1030 -35.99 19.65 -36.15
C GLU B 1030 -35.73 18.34 -36.88
N PHE B 1031 -36.79 17.59 -37.18
CA PHE B 1031 -36.63 16.36 -37.95
C PHE B 1031 -36.01 16.63 -39.32
N LYS B 1032 -36.57 17.58 -40.06
CA LYS B 1032 -36.08 17.86 -41.41
C LYS B 1032 -34.63 18.32 -41.40
N ARG B 1033 -34.24 19.10 -40.38
CA ARG B 1033 -32.86 19.58 -40.33
C ARG B 1033 -31.90 18.48 -39.90
N PHE B 1034 -32.27 17.68 -38.90
CA PHE B 1034 -31.45 16.54 -38.52
C PHE B 1034 -31.24 15.60 -39.70
N MET B 1035 -32.32 15.30 -40.41
CA MET B 1035 -32.20 14.47 -41.61
C MET B 1035 -31.28 15.12 -42.62
N PHE B 1036 -31.37 16.45 -42.74
CA PHE B 1036 -30.47 17.19 -43.61
C PHE B 1036 -29.03 17.02 -43.15
N GLU B 1037 -28.74 17.39 -41.90
CA GLU B 1037 -27.37 17.32 -41.38
C GLU B 1037 -26.75 15.96 -41.65
N GLN B 1038 -27.40 14.89 -41.19
CA GLN B 1038 -26.80 13.57 -41.23
C GLN B 1038 -26.73 13.03 -42.65
N HIS B 1039 -27.86 12.98 -43.35
CA HIS B 1039 -27.95 12.36 -44.66
C HIS B 1039 -27.51 13.28 -45.80
N HIS B 1040 -27.80 14.58 -45.72
CA HIS B 1040 -27.51 15.51 -46.84
C HIS B 1040 -26.06 15.44 -47.28
N GLU B 1043 -32.27 20.90 -49.74
CA GLU B 1043 -32.91 22.20 -49.79
C GLU B 1043 -33.16 22.60 -51.23
N ALA B 1044 -32.10 23.11 -51.87
CA ALA B 1044 -32.20 23.56 -53.25
C ALA B 1044 -32.31 22.38 -54.21
N LYS B 1045 -31.50 21.35 -54.00
CA LYS B 1045 -31.62 20.13 -54.79
C LYS B 1045 -33.01 19.50 -54.66
N LEU B 1046 -33.64 19.67 -53.48
CA LEU B 1046 -35.01 19.19 -53.30
C LEU B 1046 -35.98 19.95 -54.20
N THR B 1047 -35.87 21.28 -54.24
CA THR B 1047 -36.82 22.12 -54.98
C THR B 1047 -36.77 21.93 -56.49
N LEU B 1048 -35.74 21.27 -57.03
CA LEU B 1048 -35.57 21.20 -58.49
C LEU B 1048 -35.95 19.85 -59.06
N LEU B 1049 -35.86 18.78 -58.27
CA LEU B 1049 -36.27 17.48 -58.77
C LEU B 1049 -37.77 17.29 -58.64
N ASP B 1050 -38.44 18.21 -57.95
CA ASP B 1050 -39.90 18.23 -57.88
C ASP B 1050 -40.45 18.55 -59.26
N ARG B 1058 -35.94 5.91 -61.45
CA ARG B 1058 -35.20 7.15 -61.64
C ARG B 1058 -34.27 7.44 -60.46
N ASN B 1059 -34.85 7.96 -59.37
CA ASN B 1059 -34.13 8.24 -58.14
C ASN B 1059 -34.13 7.06 -57.17
N LYS B 1060 -35.01 6.08 -57.39
CA LYS B 1060 -35.16 4.89 -56.56
C LYS B 1060 -33.92 3.99 -56.51
N SER B 1061 -32.92 4.22 -57.36
CA SER B 1061 -31.80 3.29 -57.48
C SER B 1061 -30.60 3.64 -56.60
N VAL B 1062 -30.62 4.76 -55.90
CA VAL B 1062 -29.63 5.05 -54.87
C VAL B 1062 -30.15 4.53 -53.55
N ALA B 1063 -29.25 4.02 -52.70
CA ALA B 1063 -29.62 3.30 -51.49
C ALA B 1063 -29.27 4.11 -50.24
N ALA B 1064 -29.87 3.72 -49.11
CA ALA B 1064 -29.55 4.34 -47.83
C ALA B 1064 -30.04 3.49 -46.65
N LEU B 1065 -29.26 3.49 -45.57
CA LEU B 1065 -29.68 3.11 -44.22
C LEU B 1065 -29.02 4.09 -43.26
N ASP B 1066 -29.32 3.96 -41.96
CA ASP B 1066 -28.81 4.92 -40.97
C ASP B 1066 -28.26 4.19 -39.74
N ASP B 1067 -27.78 4.99 -38.79
CA ASP B 1067 -27.07 4.60 -37.58
C ASP B 1067 -27.41 5.62 -36.51
N GLN B 1068 -26.66 5.65 -35.42
CA GLN B 1068 -26.84 6.66 -34.38
C GLN B 1068 -25.59 7.53 -34.33
N VAL B 1069 -25.73 8.72 -34.91
CA VAL B 1069 -24.73 9.78 -34.96
C VAL B 1069 -25.28 10.91 -34.11
N GLY B 1070 -26.12 10.55 -33.13
CA GLY B 1070 -26.83 11.51 -32.33
C GLY B 1070 -28.31 11.56 -32.71
N SER B 1071 -29.12 12.07 -31.79
CA SER B 1071 -30.55 12.17 -31.99
C SER B 1071 -30.96 13.62 -32.27
N LEU B 1072 -32.26 13.85 -32.34
CA LEU B 1072 -32.79 15.18 -32.58
C LEU B 1072 -32.44 16.12 -31.44
N HIS B 1073 -32.13 17.37 -31.77
CA HIS B 1073 -31.96 18.40 -30.75
C HIS B 1073 -33.33 18.87 -30.27
N MET B 1074 -33.61 18.67 -28.98
CA MET B 1074 -34.89 19.07 -28.41
C MET B 1074 -34.83 20.48 -27.85
N GLU B 1075 -33.64 21.09 -27.85
CA GLU B 1075 -33.52 22.52 -27.56
C GLU B 1075 -34.25 23.34 -28.61
N ASN B 1076 -34.30 22.83 -29.85
CA ASN B 1076 -34.96 23.51 -30.97
C ASN B 1076 -36.48 23.35 -30.98
N ILE B 1077 -37.04 22.49 -30.15
CA ILE B 1077 -38.49 22.30 -30.08
C ILE B 1077 -39.09 23.00 -28.87
N PHE B 1078 -38.57 22.71 -27.68
CA PHE B 1078 -39.12 23.25 -26.46
C PHE B 1078 -38.62 24.67 -26.16
N LEU B 1079 -37.55 25.09 -26.85
CA LEU B 1079 -37.02 26.46 -26.72
C LEU B 1079 -36.71 26.81 -25.27
N GLY B 1080 -36.14 25.85 -24.55
CA GLY B 1080 -35.80 26.02 -23.15
C GLY B 1080 -36.98 26.10 -22.20
N TYR B 1081 -38.21 25.91 -22.68
CA TYR B 1081 -39.36 25.96 -21.79
C TYR B 1081 -39.69 24.59 -21.22
N GLU B 1082 -40.29 24.58 -20.04
CA GLU B 1082 -40.53 23.36 -19.29
C GLU B 1082 -41.74 22.62 -19.85
N ASN B 1083 -42.90 23.29 -19.80
CA ASN B 1083 -44.22 22.79 -20.17
C ASN B 1083 -44.75 23.73 -21.25
N PRO B 1084 -44.39 23.52 -22.52
CA PRO B 1084 -44.80 24.47 -23.57
C PRO B 1084 -46.29 24.47 -23.85
N ILE B 1085 -47.02 23.41 -23.51
CA ILE B 1085 -48.44 23.36 -23.84
C ILE B 1085 -49.19 24.36 -22.97
N ASN B 1086 -50.05 25.16 -23.61
CA ASN B 1086 -50.79 26.24 -22.95
C ASN B 1086 -49.86 27.20 -22.20
N ASN B 1087 -48.71 27.48 -22.79
CA ASN B 1087 -47.73 28.39 -22.21
C ASN B 1087 -47.66 29.63 -23.11
N LYS B 1088 -48.23 30.74 -22.63
CA LYS B 1088 -48.28 31.96 -23.42
C LYS B 1088 -46.87 32.51 -23.69
N ASP B 1089 -45.95 32.31 -22.75
CA ASP B 1089 -44.56 32.75 -22.98
C ASP B 1089 -43.91 31.94 -24.09
N TYR B 1090 -44.16 30.63 -24.12
CA TYR B 1090 -43.65 29.78 -25.20
C TYR B 1090 -44.21 30.21 -26.54
N CYS B 1091 -45.51 30.51 -26.60
CA CYS B 1091 -46.12 30.99 -27.84
C CYS B 1091 -45.46 32.27 -28.34
N TRP B 1092 -45.31 33.26 -27.46
CA TRP B 1092 -44.72 34.53 -27.88
C TRP B 1092 -43.29 34.35 -28.39
N LYS B 1093 -42.48 33.57 -27.68
CA LYS B 1093 -41.10 33.33 -28.10
C LYS B 1093 -41.05 32.79 -29.52
N TYR B 1094 -41.96 31.88 -29.86
CA TYR B 1094 -42.02 31.40 -31.23
C TYR B 1094 -42.45 32.51 -32.19
N ILE B 1095 -43.44 33.32 -31.79
CA ILE B 1095 -43.91 34.42 -32.65
C ILE B 1095 -42.82 35.46 -32.82
N SER B 1096 -42.03 35.71 -31.76
CA SER B 1096 -40.94 36.68 -31.86
C SER B 1096 -39.89 36.26 -32.88
N THR B 1097 -39.71 34.96 -33.09
CA THR B 1097 -38.80 34.48 -34.14
C THR B 1097 -39.48 34.52 -35.50
N UNK C 1 -47.77 14.73 -5.61
CA UNK C 1 -47.30 16.11 -5.64
C UNK C 1 -46.35 16.41 -4.49
N UNK C 2 -45.52 15.42 -4.14
CA UNK C 2 -44.54 15.57 -3.08
C UNK C 2 -43.24 16.21 -3.55
N UNK C 3 -42.71 15.75 -4.70
CA UNK C 3 -41.50 16.33 -5.26
C UNK C 3 -41.71 17.76 -5.73
N UNK C 4 -42.94 18.12 -6.11
CA UNK C 4 -43.21 19.50 -6.48
C UNK C 4 -43.23 20.43 -5.27
N UNK C 5 -43.69 19.93 -4.12
CA UNK C 5 -43.65 20.72 -2.91
C UNK C 5 -42.23 20.87 -2.38
N UNK C 6 -41.37 19.89 -2.67
CA UNK C 6 -39.95 20.05 -2.35
C UNK C 6 -39.30 21.06 -3.28
N UNK C 7 -39.75 21.14 -4.54
CA UNK C 7 -39.17 22.10 -5.47
C UNK C 7 -39.60 23.53 -5.13
N UNK C 8 -40.85 23.71 -4.70
CA UNK C 8 -41.30 25.03 -4.30
C UNK C 8 -40.55 25.53 -3.06
N UNK C 9 -40.19 24.61 -2.16
CA UNK C 9 -39.39 24.99 -1.00
C UNK C 9 -37.97 25.35 -1.41
N UNK C 10 -37.37 24.55 -2.31
CA UNK C 10 -36.01 24.82 -2.76
C UNK C 10 -35.94 26.08 -3.59
N UNK C 11 -36.97 26.34 -4.42
CA UNK C 11 -37.00 27.56 -5.21
C UNK C 11 -37.18 28.80 -4.34
N UNK C 12 -37.86 28.66 -3.21
CA UNK C 12 -38.04 29.77 -2.28
C UNK C 12 -36.73 30.16 -1.59
N UNK C 13 -35.76 29.25 -1.52
CA UNK C 13 -34.47 29.57 -0.91
C UNK C 13 -33.66 30.56 -1.74
N UNK C 14 -33.94 30.66 -3.04
CA UNK C 14 -33.23 31.62 -3.89
C UNK C 14 -33.71 33.04 -3.66
N UNK C 15 -35.02 33.23 -3.57
CA UNK C 15 -35.57 34.57 -3.36
C UNK C 15 -35.20 35.12 -1.98
N UNK C 16 -35.15 34.25 -0.97
CA UNK C 16 -34.71 34.69 0.36
C UNK C 16 -33.24 35.10 0.32
N UNK C 17 -32.39 34.25 -0.25
CA UNK C 17 -30.98 34.58 -0.42
C UNK C 17 -30.82 35.62 -1.52
N UNK D 1 47.31 -0.02 -10.66
CA UNK D 1 46.41 -0.34 -11.77
C UNK D 1 47.02 -1.45 -12.62
N UNK D 2 47.66 -2.43 -11.99
CA UNK D 2 48.33 -3.45 -12.78
C UNK D 2 47.52 -4.74 -12.87
N UNK D 3 46.79 -5.09 -11.81
CA UNK D 3 45.84 -6.18 -11.92
C UNK D 3 44.66 -5.84 -12.83
N UNK D 4 44.33 -4.56 -12.97
CA UNK D 4 43.29 -4.16 -13.91
C UNK D 4 43.75 -4.30 -15.36
N UNK D 5 45.04 -4.05 -15.61
CA UNK D 5 45.58 -4.25 -16.96
C UNK D 5 45.70 -5.74 -17.29
N UNK D 6 45.85 -6.59 -16.28
CA UNK D 6 45.78 -8.02 -16.51
C UNK D 6 44.35 -8.47 -16.79
N UNK D 7 43.37 -7.81 -16.17
CA UNK D 7 41.98 -8.16 -16.41
C UNK D 7 41.52 -7.70 -17.78
N UNK D 8 41.98 -6.53 -18.24
CA UNK D 8 41.66 -6.07 -19.58
C UNK D 8 42.23 -7.00 -20.64
N UNK D 9 43.41 -7.58 -20.37
CA UNK D 9 43.98 -8.54 -21.31
C UNK D 9 43.20 -9.84 -21.31
N UNK D 10 42.79 -10.32 -20.13
CA UNK D 10 42.03 -11.56 -20.05
C UNK D 10 40.63 -11.38 -20.62
N UNK D 11 40.03 -10.21 -20.40
CA UNK D 11 38.70 -9.95 -20.95
C UNK D 11 38.74 -9.83 -22.47
N UNK D 12 39.87 -9.37 -23.02
CA UNK D 12 40.03 -9.28 -24.47
C UNK D 12 40.09 -10.64 -25.13
N UNK D 13 40.46 -11.69 -24.39
CA UNK D 13 40.51 -13.03 -24.96
C UNK D 13 39.12 -13.58 -25.29
N UNK D 14 38.07 -13.07 -24.65
CA UNK D 14 36.72 -13.52 -24.93
C UNK D 14 36.21 -12.97 -26.25
N UNK D 15 36.44 -11.67 -26.50
CA UNK D 15 35.98 -11.05 -27.74
C UNK D 15 36.70 -11.61 -28.96
N UNK D 16 37.98 -11.95 -28.82
CA UNK D 16 38.70 -12.59 -29.91
C UNK D 16 38.15 -13.98 -30.18
N UNK D 17 37.99 -14.78 -29.14
CA UNK D 17 37.37 -16.10 -29.26
C UNK D 17 35.87 -15.96 -29.51
N UNK E 1 -47.37 29.31 8.48
CA UNK E 1 -48.01 28.15 7.88
C UNK E 1 -47.09 26.93 7.97
N UNK E 2 -46.56 26.62 9.15
CA UNK E 2 -45.75 25.43 9.29
C UNK E 2 -46.61 24.18 9.21
N UNK E 3 -47.71 24.15 9.97
CA UNK E 3 -48.47 22.92 10.13
C UNK E 3 -49.28 22.56 8.89
N UNK E 4 -49.90 23.55 8.25
CA UNK E 4 -50.77 23.26 7.10
C UNK E 4 -49.99 22.66 5.94
N UNK E 5 -48.78 23.18 5.68
CA UNK E 5 -47.97 22.64 4.60
C UNK E 5 -47.56 21.20 4.89
N UNK E 6 -47.28 20.89 6.16
CA UNK E 6 -46.93 19.51 6.51
C UNK E 6 -48.11 18.58 6.30
N UNK E 7 -49.32 19.04 6.60
CA UNK E 7 -50.52 18.21 6.42
C UNK E 7 -50.78 17.90 4.95
N UNK E 8 -50.46 18.84 4.05
CA UNK E 8 -50.68 18.58 2.63
C UNK E 8 -49.71 17.53 2.09
N UNK E 9 -48.45 17.58 2.53
CA UNK E 9 -47.46 16.64 2.06
C UNK E 9 -47.81 15.20 2.42
N UNK E 10 -48.49 15.02 3.55
CA UNK E 10 -48.92 13.68 3.95
C UNK E 10 -49.92 13.11 2.95
N UNK E 11 -50.99 13.84 2.67
CA UNK E 11 -52.01 13.39 1.73
C UNK E 11 -51.70 13.85 0.32
N UNK F 1 -70.08 -37.26 10.04
CA UNK F 1 -70.52 -36.80 8.72
C UNK F 1 -71.98 -36.36 8.76
N UNK F 2 -72.84 -37.21 9.31
CA UNK F 2 -74.25 -36.86 9.43
C UNK F 2 -74.46 -35.64 10.31
N UNK F 3 -73.73 -35.57 11.44
CA UNK F 3 -73.81 -34.39 12.29
C UNK F 3 -73.32 -33.14 11.55
N UNK F 4 -72.26 -33.28 10.76
CA UNK F 4 -71.76 -32.16 9.96
C UNK F 4 -72.82 -31.70 8.96
N UNK F 5 -73.47 -32.67 8.31
CA UNK F 5 -74.53 -32.34 7.35
C UNK F 5 -75.67 -31.59 8.03
N UNK F 6 -76.05 -32.03 9.23
CA UNK F 6 -77.10 -31.35 9.98
C UNK F 6 -76.70 -29.91 10.30
N UNK F 7 -75.46 -29.72 10.73
CA UNK F 7 -74.96 -28.38 11.02
C UNK F 7 -74.95 -27.51 9.76
N UNK F 8 -74.56 -28.09 8.62
CA UNK F 8 -74.56 -27.35 7.36
C UNK F 8 -75.97 -26.93 6.98
N UNK F 9 -76.95 -27.83 7.18
CA UNK F 9 -78.35 -27.48 6.91
C UNK F 9 -78.80 -26.34 7.81
N UNK F 10 -78.39 -26.37 9.08
CA UNK F 10 -78.75 -25.33 10.04
C UNK F 10 -78.16 -23.99 9.63
#